data_2IZ0
#
_entry.id   2IZ0
#
_cell.length_a   70.957
_cell.length_b   104.459
_cell.length_c   241.478
_cell.angle_alpha   90.00
_cell.angle_beta   98.52
_cell.angle_gamma   90.00
#
_symmetry.space_group_name_H-M   'C 1 2 1'
#
loop_
_entity.id
_entity.type
_entity.pdbx_description
1 polymer '6-PHOSPHOGLUCONATE DEHYDROGENASE, DECARBOXYLATING'
2 non-polymer 'NADP NICOTINAMIDE-ADENINE-DINUCLEOTIDE PHOSPHATE'
3 non-polymer '4-PHOSPHO-D-ERYTHRONOHYDROXAMIC ACID'
4 non-polymer GLYCEROL
5 non-polymer 3,6,9,12,15,18-HEXAOXAICOSANE-1,20-DIOL
6 non-polymer DI(HYDROXYETHYL)ETHER
7 non-polymer "2'-MONOPHOSPHOADENOSINE-5'-DIPHOSPHATE"
8 non-polymer 'CHLORIDE ION'
9 non-polymer 1,2-ETHANEDIOL
10 water water
#
_entity_poly.entity_id   1
_entity_poly.type   'polypeptide(L)'
_entity_poly.pdbx_seq_one_letter_code
;HHMAQANFGVVGMAVMGKNLALNVESRGYTVAIYNRTTSKTEEVFKEHQDKNLVFTKTLEEFVGSLEKPRRIMLMVQAGA
ATDATIKSLLPLLDIGDILIDGGNTHFPDTMRRNAELADSGINFIGTGVSGGEKGALLGPSMMPGGQKEAYDLVAPIFEQ
IAAKAPQDGKPCVAYMGANGAGHYVKMVHNGIEYGDMQLIAESYDLLKRILGLSNAEIQAIFEEWNEGELDSYLIEITKE
VLKRKDDEGEGYIVDKILDKAGNKGTGKWTSESALDLGVPLPLITESVFARYISTYKDERVKASKVLSGPALDFSGDKKE
VIEKIRKALYFSKIMSYAQGFAQLRKASEEFDWDLPYGTIAQIWRAGCIIRAEFLQNITDAFDKDSELENLLLDDYFVDI
TKRYQEAVRDVVSLAVQAGTPIPTFTSAISYYDSYRSENLPANLIQAQRDYFGAHTYERTDKAGIFHYDWYTED
;
_entity_poly.pdbx_strand_id   A,B,C
#
# COMPACT_ATOMS: atom_id res chain seq x y z
N MET A 3 5.09 25.53 14.95
CA MET A 3 4.07 25.67 13.86
CA MET A 3 4.06 25.68 13.87
C MET A 3 2.99 24.58 13.99
N ALA A 4 2.56 24.29 15.22
CA ALA A 4 1.63 23.16 15.53
C ALA A 4 0.24 23.21 14.86
N GLN A 5 0.19 23.78 13.66
CA GLN A 5 -1.02 23.81 12.86
CA GLN A 5 -1.01 23.83 12.83
C GLN A 5 -1.39 22.44 12.31
N ALA A 6 -0.42 21.54 12.20
CA ALA A 6 -0.56 20.41 11.25
C ALA A 6 -1.27 19.18 11.85
N ASN A 7 -2.27 18.66 11.12
CA ASN A 7 -3.03 17.48 11.59
C ASN A 7 -2.42 16.16 11.17
N PHE A 8 -1.58 16.21 10.15
CA PHE A 8 -0.98 15.01 9.61
C PHE A 8 0.38 15.37 9.02
N GLY A 9 1.28 14.38 8.99
CA GLY A 9 2.64 14.60 8.53
C GLY A 9 3.12 13.44 7.68
N VAL A 10 3.70 13.76 6.51
CA VAL A 10 4.21 12.77 5.60
C VAL A 10 5.71 12.99 5.42
N VAL A 11 6.50 11.94 5.69
CA VAL A 11 7.95 11.96 5.42
C VAL A 11 8.21 11.15 4.14
N GLY A 12 8.92 11.75 3.19
CA GLY A 12 9.15 11.16 1.86
C GLY A 12 8.36 11.86 0.78
N MET A 13 9.03 12.62 -0.10
CA MET A 13 8.36 13.41 -1.13
C MET A 13 8.67 12.93 -2.55
N ALA A 14 9.01 11.66 -2.68
CA ALA A 14 8.99 11.00 -3.97
C ALA A 14 7.53 10.73 -4.33
N VAL A 15 7.31 10.01 -5.43
CA VAL A 15 5.98 9.88 -5.99
C VAL A 15 4.89 9.55 -4.96
N MET A 16 5.11 8.55 -4.10
CA MET A 16 4.05 8.05 -3.22
C MET A 16 3.73 9.02 -2.08
N GLY A 17 4.77 9.56 -1.45
CA GLY A 17 4.57 10.45 -0.32
C GLY A 17 3.94 11.77 -0.73
N LYS A 18 4.43 12.33 -1.84
CA LYS A 18 3.88 13.55 -2.41
C LYS A 18 2.40 13.39 -2.62
N ASN A 19 2.01 12.32 -3.31
CA ASN A 19 0.61 12.10 -3.64
C ASN A 19 -0.28 11.80 -2.43
N LEU A 20 0.25 11.05 -1.46
CA LEU A 20 -0.44 10.78 -0.19
CA LEU A 20 -0.49 10.79 -0.20
C LEU A 20 -0.71 12.08 0.57
N ALA A 21 0.29 12.96 0.59
CA ALA A 21 0.18 14.27 1.22
C ALA A 21 -0.98 15.05 0.61
N LEU A 22 -1.00 15.09 -0.71
CA LEU A 22 -2.08 15.74 -1.46
C LEU A 22 -3.45 15.07 -1.25
N ASN A 23 -3.48 13.75 -1.11
CA ASN A 23 -4.72 13.04 -0.81
C ASN A 23 -5.27 13.53 0.53
N VAL A 24 -4.41 13.51 1.55
CA VAL A 24 -4.79 13.88 2.91
C VAL A 24 -5.20 15.34 2.98
N GLU A 25 -4.47 16.21 2.31
CA GLU A 25 -4.78 17.64 2.31
C GLU A 25 -6.16 17.89 1.72
N SER A 26 -6.50 17.12 0.68
CA SER A 26 -7.79 17.28 0.00
C SER A 26 -8.98 16.87 0.86
N ARG A 27 -8.73 16.11 1.93
CA ARG A 27 -9.78 15.70 2.85
C ARG A 27 -10.08 16.77 3.90
N GLY A 28 -9.42 17.91 3.80
CA GLY A 28 -9.70 19.06 4.65
C GLY A 28 -8.77 19.21 5.85
N TYR A 29 -7.52 18.80 5.67
CA TYR A 29 -6.51 18.83 6.73
C TYR A 29 -5.32 19.69 6.30
N THR A 30 -4.55 20.18 7.27
CA THR A 30 -3.25 20.80 6.95
CA THR A 30 -3.26 20.81 6.97
C THR A 30 -2.19 19.73 7.15
N VAL A 31 -1.30 19.61 6.17
CA VAL A 31 -0.35 18.52 6.13
C VAL A 31 1.07 19.01 6.15
N ALA A 32 1.85 18.53 7.12
CA ALA A 32 3.27 18.80 7.15
C ALA A 32 3.99 17.88 6.17
N ILE A 33 4.97 18.42 5.46
CA ILE A 33 5.75 17.64 4.52
C ILE A 33 7.26 17.78 4.75
N TYR A 34 7.97 16.67 4.55
CA TYR A 34 9.41 16.62 4.73
C TYR A 34 10.02 15.57 3.80
N ASN A 35 11.23 15.86 3.34
CA ASN A 35 12.02 14.95 2.55
C ASN A 35 13.48 15.19 2.90
N ARG A 36 14.31 14.17 2.78
CA ARG A 36 15.71 14.29 3.17
C ARG A 36 16.45 15.26 2.22
N THR A 37 16.31 15.08 0.91
CA THR A 37 16.70 16.14 -0.03
C THR A 37 15.64 17.23 0.00
N THR A 38 16.03 18.41 0.48
CA THR A 38 15.09 19.53 0.66
C THR A 38 14.50 20.09 -0.65
N SER A 39 15.23 19.96 -1.76
CA SER A 39 14.78 20.52 -3.02
C SER A 39 13.48 19.89 -3.52
N LYS A 40 13.27 18.62 -3.17
CA LYS A 40 12.04 17.91 -3.55
C LYS A 40 10.83 18.51 -2.82
N THR A 41 11.00 18.78 -1.53
CA THR A 41 9.96 19.36 -0.69
C THR A 41 9.63 20.77 -1.16
N GLU A 42 10.65 21.49 -1.63
CA GLU A 42 10.48 22.81 -2.22
C GLU A 42 9.60 22.77 -3.47
N GLU A 43 9.88 21.82 -4.37
CA GLU A 43 9.14 21.68 -5.63
C GLU A 43 7.65 21.50 -5.39
N VAL A 44 7.28 20.58 -4.50
CA VAL A 44 5.86 20.30 -4.25
C VAL A 44 5.16 21.43 -3.48
N PHE A 45 5.88 22.12 -2.59
CA PHE A 45 5.34 23.31 -1.92
C PHE A 45 5.01 24.41 -2.94
N LYS A 46 5.95 24.69 -3.83
CA LYS A 46 5.80 25.79 -4.79
C LYS A 46 4.73 25.50 -5.85
N GLU A 47 4.58 24.23 -6.21
CA GLU A 47 3.56 23.84 -7.19
C GLU A 47 2.15 23.73 -6.60
N HIS A 48 2.04 23.78 -5.28
CA HIS A 48 0.77 23.66 -4.58
C HIS A 48 0.66 24.71 -3.48
N GLN A 49 0.76 25.98 -3.87
CA GLN A 49 0.58 27.07 -2.91
CA GLN A 49 0.58 27.09 -2.93
C GLN A 49 -0.89 27.22 -2.56
N ASP A 50 -1.77 26.78 -3.47
CA ASP A 50 -3.20 26.80 -3.19
CA ASP A 50 -3.22 26.75 -3.23
C ASP A 50 -3.59 25.83 -2.06
N LYS A 51 -2.75 24.83 -1.80
CA LYS A 51 -3.06 23.80 -0.80
C LYS A 51 -2.51 24.13 0.60
N ASN A 52 -3.12 23.54 1.62
CA ASN A 52 -2.70 23.77 3.01
C ASN A 52 -1.57 22.85 3.46
N LEU A 53 -0.38 23.13 2.96
CA LEU A 53 0.81 22.31 3.26
C LEU A 53 1.77 23.15 4.07
N VAL A 54 2.49 22.48 4.97
CA VAL A 54 3.52 23.12 5.78
C VAL A 54 4.88 22.61 5.32
N PHE A 55 5.66 23.52 4.73
CA PHE A 55 7.01 23.21 4.29
C PHE A 55 7.97 23.17 5.47
N THR A 56 8.60 22.02 5.70
CA THR A 56 9.63 21.89 6.73
C THR A 56 10.91 21.38 6.09
N LYS A 57 12.04 21.78 6.67
CA LYS A 57 13.37 21.42 6.13
C LYS A 57 14.21 20.57 7.07
N THR A 58 13.80 20.44 8.34
CA THR A 58 14.42 19.49 9.28
C THR A 58 13.35 18.63 9.97
N LEU A 59 13.79 17.54 10.57
CA LEU A 59 12.89 16.66 11.32
C LEU A 59 12.41 17.33 12.58
N GLU A 60 13.26 18.15 13.18
CA GLU A 60 12.89 18.88 14.38
C GLU A 60 11.75 19.82 14.02
N GLU A 61 11.89 20.48 12.89
CA GLU A 61 10.88 21.39 12.39
C GLU A 61 9.60 20.62 12.03
N PHE A 62 9.77 19.53 11.30
CA PHE A 62 8.65 18.69 10.88
C PHE A 62 7.85 18.22 12.09
N VAL A 63 8.54 17.68 13.09
CA VAL A 63 7.89 17.17 14.30
C VAL A 63 7.25 18.30 15.07
N GLY A 64 7.97 19.41 15.18
CA GLY A 64 7.46 20.59 15.85
C GLY A 64 6.20 21.17 15.25
N SER A 65 5.95 20.92 13.97
CA SER A 65 4.84 21.55 13.25
C SER A 65 3.52 20.80 13.38
N LEU A 66 3.52 19.62 14.00
CA LEU A 66 2.34 18.76 14.06
C LEU A 66 1.60 18.92 15.38
N GLU A 67 0.26 18.88 15.33
CA GLU A 67 -0.56 18.89 16.55
CA GLU A 67 -0.52 18.91 16.56
C GLU A 67 -0.42 17.55 17.25
N LYS A 68 -0.36 17.57 18.57
CA LYS A 68 -0.24 16.36 19.36
C LYS A 68 -1.64 15.87 19.65
N PRO A 69 -1.87 14.54 19.66
CA PRO A 69 -0.91 13.49 19.32
C PRO A 69 -0.61 13.46 17.82
N ARG A 70 0.68 13.38 17.50
CA ARG A 70 1.15 13.51 16.14
C ARG A 70 0.82 12.27 15.31
N ARG A 71 0.47 12.50 14.05
CA ARG A 71 0.28 11.43 13.09
C ARG A 71 1.27 11.62 11.96
N ILE A 72 2.24 10.70 11.90
CA ILE A 72 3.35 10.78 10.98
C ILE A 72 3.37 9.52 10.12
N MET A 73 3.36 9.68 8.81
CA MET A 73 3.47 8.56 7.88
C MET A 73 4.73 8.66 6.99
N LEU A 74 5.51 7.58 6.99
CA LEU A 74 6.72 7.46 6.17
C LEU A 74 6.42 6.72 4.87
N MET A 75 6.80 7.32 3.75
CA MET A 75 6.89 6.60 2.46
C MET A 75 8.32 6.77 1.96
N VAL A 76 9.22 6.04 2.60
CA VAL A 76 10.65 6.07 2.34
CA VAL A 76 10.62 6.09 2.23
C VAL A 76 11.08 4.74 1.72
N GLN A 77 12.17 4.76 0.96
CA GLN A 77 12.77 3.54 0.42
C GLN A 77 12.92 2.48 1.53
N ALA A 78 12.55 1.26 1.18
CA ALA A 78 12.48 0.19 2.16
C ALA A 78 13.89 -0.15 2.62
N GLY A 79 13.99 -0.71 3.81
CA GLY A 79 15.25 -1.19 4.34
C GLY A 79 16.00 -0.15 5.16
N ALA A 80 17.29 0.00 4.83
CA ALA A 80 18.19 0.81 5.66
C ALA A 80 17.72 2.25 5.78
N ALA A 81 17.23 2.81 4.68
CA ALA A 81 16.74 4.20 4.68
C ALA A 81 15.59 4.41 5.67
N THR A 82 14.62 3.49 5.62
CA THR A 82 13.49 3.50 6.55
C THR A 82 13.95 3.34 8.00
N ASP A 83 14.89 2.41 8.23
CA ASP A 83 15.39 2.16 9.59
C ASP A 83 16.00 3.43 10.16
N ALA A 84 16.87 4.05 9.38
CA ALA A 84 17.54 5.30 9.78
C ALA A 84 16.58 6.47 9.98
N THR A 85 15.58 6.57 9.10
CA THR A 85 14.61 7.65 9.21
C THR A 85 13.88 7.53 10.54
N ILE A 86 13.41 6.33 10.86
CA ILE A 86 12.72 6.07 12.12
C ILE A 86 13.66 6.27 13.31
N LYS A 87 14.91 5.85 13.19
CA LYS A 87 15.88 6.03 14.27
C LYS A 87 16.08 7.52 14.59
N SER A 88 16.14 8.37 13.56
CA SER A 88 16.26 9.81 13.72
C SER A 88 15.01 10.45 14.35
N LEU A 89 13.85 9.87 14.05
CA LEU A 89 12.54 10.44 14.38
C LEU A 89 12.07 10.10 15.80
N LEU A 90 12.29 8.87 16.22
CA LEU A 90 11.84 8.39 17.52
C LEU A 90 12.17 9.33 18.72
N PRO A 91 13.43 9.80 18.84
CA PRO A 91 13.78 10.67 19.98
C PRO A 91 12.97 11.97 20.06
N LEU A 92 12.52 12.47 18.91
CA LEU A 92 11.74 13.71 18.85
C LEU A 92 10.28 13.53 19.30
N LEU A 93 9.80 12.29 19.28
CA LEU A 93 8.38 11.99 19.48
C LEU A 93 7.98 11.96 20.95
N ASP A 94 6.69 12.14 21.19
CA ASP A 94 6.12 12.16 22.53
C ASP A 94 5.18 11.01 22.74
N ILE A 95 4.98 10.65 24.00
CA ILE A 95 4.06 9.58 24.36
C ILE A 95 2.69 9.89 23.77
N GLY A 96 2.15 8.92 23.05
CA GLY A 96 0.83 9.05 22.41
C GLY A 96 0.89 9.33 20.91
N ASP A 97 2.05 9.74 20.42
CA ASP A 97 2.24 10.01 19.00
C ASP A 97 2.14 8.72 18.19
N ILE A 98 1.78 8.85 16.92
CA ILE A 98 1.49 7.70 16.08
C ILE A 98 2.39 7.69 14.85
N LEU A 99 3.22 6.66 14.74
CA LEU A 99 4.18 6.52 13.64
C LEU A 99 3.74 5.38 12.74
N ILE A 100 3.55 5.73 11.46
CA ILE A 100 3.07 4.80 10.46
C ILE A 100 4.15 4.60 9.41
N ASP A 101 4.54 3.35 9.17
CA ASP A 101 5.44 3.01 8.06
C ASP A 101 4.58 2.41 6.96
N GLY A 102 4.42 3.17 5.87
CA GLY A 102 3.60 2.78 4.73
C GLY A 102 4.38 2.31 3.51
N GLY A 103 5.70 2.16 3.64
CA GLY A 103 6.53 1.65 2.54
C GLY A 103 6.37 0.14 2.43
N ASN A 104 7.01 -0.46 1.42
CA ASN A 104 7.01 -1.90 1.24
C ASN A 104 8.13 -2.53 2.06
N THR A 105 7.93 -2.50 3.37
CA THR A 105 8.90 -3.00 4.32
C THR A 105 8.75 -4.50 4.44
N HIS A 106 9.89 -5.21 4.47
CA HIS A 106 9.90 -6.65 4.69
C HIS A 106 9.33 -6.91 6.08
N PHE A 107 8.33 -7.78 6.17
CA PHE A 107 7.52 -7.90 7.39
C PHE A 107 8.31 -8.26 8.66
N PRO A 108 9.39 -9.06 8.54
CA PRO A 108 10.19 -9.29 9.75
C PRO A 108 10.75 -8.02 10.44
N ASP A 109 11.04 -6.99 9.66
CA ASP A 109 11.54 -5.73 10.20
C ASP A 109 10.45 -5.05 10.98
N THR A 110 9.24 -5.11 10.46
CA THR A 110 8.07 -4.50 11.10
C THR A 110 7.74 -5.25 12.38
N MET A 111 7.85 -6.57 12.34
CA MET A 111 7.58 -7.42 13.51
C MET A 111 8.55 -7.08 14.65
N ARG A 112 9.81 -6.89 14.30
CA ARG A 112 10.86 -6.53 15.24
C ARG A 112 10.62 -5.14 15.81
N ARG A 113 10.26 -4.22 14.93
CA ARG A 113 9.99 -2.83 15.28
C ARG A 113 8.86 -2.74 16.29
N ASN A 114 7.81 -3.50 16.01
CA ASN A 114 6.64 -3.49 16.85
C ASN A 114 7.01 -3.85 18.28
N ALA A 115 7.83 -4.90 18.42
CA ALA A 115 8.21 -5.40 19.74
C ALA A 115 9.09 -4.41 20.46
N GLU A 116 10.05 -3.86 19.74
CA GLU A 116 10.95 -2.84 20.27
C GLU A 116 10.19 -1.62 20.79
N LEU A 117 9.16 -1.19 20.06
CA LEU A 117 8.38 0.01 20.41
C LEU A 117 7.22 -0.24 21.39
N ALA A 118 7.00 -1.50 21.74
CA ALA A 118 5.83 -1.95 22.50
C ALA A 118 5.49 -1.09 23.74
N ASP A 119 6.48 -0.80 24.56
CA ASP A 119 6.26 -0.08 25.81
C ASP A 119 6.87 1.33 25.80
N SER A 120 6.96 1.93 24.62
CA SER A 120 7.60 3.24 24.44
C SER A 120 6.59 4.39 24.61
N GLY A 121 5.31 4.07 24.51
CA GLY A 121 4.26 5.08 24.50
C GLY A 121 4.01 5.65 23.11
N ILE A 122 4.79 5.21 22.13
CA ILE A 122 4.64 5.63 20.74
C ILE A 122 3.94 4.53 19.97
N ASN A 123 2.74 4.86 19.46
CA ASN A 123 1.90 3.90 18.75
C ASN A 123 2.47 3.63 17.39
N PHE A 124 2.52 2.36 16.99
CA PHE A 124 3.14 2.01 15.72
C PHE A 124 2.23 1.21 14.78
N ILE A 125 2.22 1.60 13.52
CA ILE A 125 1.47 0.88 12.48
CA ILE A 125 1.48 0.89 12.48
C ILE A 125 2.36 0.68 11.26
N GLY A 126 2.50 -0.57 10.86
CA GLY A 126 3.10 -0.87 9.58
C GLY A 126 2.02 -1.22 8.58
N THR A 127 1.89 -0.38 7.56
CA THR A 127 0.80 -0.57 6.57
C THR A 127 1.29 -0.72 5.15
N GLY A 128 0.62 -1.60 4.41
CA GLY A 128 0.81 -1.68 2.97
C GLY A 128 -0.05 -0.67 2.25
N VAL A 129 0.44 -0.16 1.12
CA VAL A 129 -0.31 0.82 0.33
C VAL A 129 -0.29 0.39 -1.13
N SER A 130 -1.47 0.28 -1.75
CA SER A 130 -1.62 -0.17 -3.13
C SER A 130 -2.13 0.96 -4.01
N GLY A 131 -2.08 0.73 -5.34
CA GLY A 131 -2.69 1.62 -6.33
C GLY A 131 -1.73 2.55 -7.04
N GLY A 132 -0.46 2.48 -6.69
CA GLY A 132 0.56 3.30 -7.36
C GLY A 132 0.38 4.78 -7.11
N GLU A 133 0.91 5.60 -8.01
CA GLU A 133 0.88 7.05 -7.78
C GLU A 133 -0.54 7.63 -7.74
N LYS A 134 -1.39 7.24 -8.68
CA LYS A 134 -2.78 7.69 -8.67
C LYS A 134 -3.57 7.11 -7.49
N GLY A 135 -3.23 5.89 -7.08
CA GLY A 135 -3.83 5.34 -5.88
C GLY A 135 -3.55 6.21 -4.67
N ALA A 136 -2.29 6.60 -4.50
CA ALA A 136 -1.89 7.47 -3.41
C ALA A 136 -2.59 8.82 -3.46
N LEU A 137 -2.77 9.36 -4.67
CA LEU A 137 -3.39 10.66 -4.85
C LEU A 137 -4.90 10.66 -4.56
N LEU A 138 -5.60 9.66 -5.11
CA LEU A 138 -7.08 9.64 -5.14
C LEU A 138 -7.75 8.61 -4.21
N GLY A 139 -7.05 7.52 -3.90
CA GLY A 139 -7.63 6.48 -3.05
C GLY A 139 -6.86 5.18 -3.15
N PRO A 140 -5.98 4.90 -2.18
CA PRO A 140 -5.23 3.65 -2.16
C PRO A 140 -5.99 2.57 -1.40
N SER A 141 -5.72 1.31 -1.70
CA SER A 141 -6.09 0.22 -0.80
C SER A 141 -5.01 0.18 0.25
N MET A 142 -5.40 0.10 1.51
CA MET A 142 -4.42 0.08 2.59
C MET A 142 -4.57 -1.16 3.46
N MET A 143 -3.44 -1.72 3.86
CA MET A 143 -3.40 -2.96 4.64
C MET A 143 -2.54 -2.76 5.89
N PRO A 144 -3.12 -2.16 6.95
CA PRO A 144 -2.40 -1.86 8.18
C PRO A 144 -2.41 -2.96 9.23
N GLY A 145 -1.30 -3.07 9.96
CA GLY A 145 -1.18 -3.98 11.09
C GLY A 145 -0.44 -3.33 12.26
N GLY A 146 -0.67 -3.88 13.45
CA GLY A 146 -0.13 -3.30 14.70
C GLY A 146 -1.05 -3.63 15.87
N GLN A 147 -0.94 -2.92 16.97
CA GLN A 147 -1.89 -3.15 18.06
C GLN A 147 -3.21 -2.58 17.59
N LYS A 148 -4.30 -3.27 17.91
CA LYS A 148 -5.62 -2.79 17.58
C LYS A 148 -5.84 -1.32 18.04
N GLU A 149 -5.27 -0.95 19.18
CA GLU A 149 -5.44 0.40 19.74
C GLU A 149 -4.83 1.45 18.81
N ALA A 150 -3.64 1.15 18.30
CA ALA A 150 -2.97 2.03 17.34
C ALA A 150 -3.80 2.14 16.06
N TYR A 151 -4.33 1.02 15.57
CA TYR A 151 -5.16 1.04 14.39
C TYR A 151 -6.34 2.00 14.54
N ASP A 152 -7.05 1.89 15.66
CA ASP A 152 -8.27 2.67 15.90
C ASP A 152 -8.03 4.18 15.93
N LEU A 153 -6.79 4.59 16.20
CA LEU A 153 -6.44 6.00 16.21
C LEU A 153 -6.24 6.58 14.81
N VAL A 154 -5.88 5.72 13.84
CA VAL A 154 -5.69 6.16 12.45
C VAL A 154 -6.74 5.65 11.46
N ALA A 155 -7.66 4.81 11.94
CA ALA A 155 -8.71 4.24 11.09
C ALA A 155 -9.57 5.33 10.44
N PRO A 156 -9.98 6.35 11.21
CA PRO A 156 -10.83 7.40 10.65
C PRO A 156 -10.20 8.13 9.47
N ILE A 157 -8.96 8.57 9.62
CA ILE A 157 -8.30 9.26 8.53
C ILE A 157 -7.91 8.29 7.40
N PHE A 158 -7.60 7.05 7.72
CA PHE A 158 -7.30 6.04 6.69
C PHE A 158 -8.51 5.81 5.79
N GLU A 159 -9.68 5.66 6.41
CA GLU A 159 -10.91 5.45 5.65
C GLU A 159 -11.21 6.63 4.72
N GLN A 160 -10.98 7.85 5.20
CA GLN A 160 -11.24 9.06 4.41
C GLN A 160 -10.35 9.11 3.16
N ILE A 161 -9.06 8.80 3.32
CA ILE A 161 -8.15 8.81 2.16
C ILE A 161 -8.26 7.57 1.29
N ALA A 162 -8.73 6.47 1.86
CA ALA A 162 -8.77 5.19 1.15
C ALA A 162 -9.66 5.26 -0.07
N ALA A 163 -9.41 4.38 -1.03
CA ALA A 163 -10.33 4.18 -2.14
C ALA A 163 -11.62 3.63 -1.57
N LYS A 164 -12.73 3.93 -2.23
CA LYS A 164 -14.00 3.34 -1.87
C LYS A 164 -14.40 2.33 -2.96
N ALA A 165 -14.81 1.14 -2.52
CA ALA A 165 -15.27 0.12 -3.45
C ALA A 165 -16.47 0.67 -4.20
N PRO A 166 -16.46 0.55 -5.54
CA PRO A 166 -17.60 1.06 -6.33
C PRO A 166 -18.90 0.34 -6.00
N GLN A 167 -18.79 -0.91 -5.56
CA GLN A 167 -19.95 -1.75 -5.34
C GLN A 167 -20.84 -1.27 -4.21
N ASP A 168 -20.24 -0.76 -3.14
CA ASP A 168 -20.97 -0.40 -1.92
C ASP A 168 -20.44 0.82 -1.18
N GLY A 169 -19.38 1.45 -1.69
CA GLY A 169 -18.82 2.65 -1.08
C GLY A 169 -17.91 2.40 0.12
N LYS A 170 -17.69 1.13 0.46
CA LYS A 170 -16.93 0.74 1.64
C LYS A 170 -15.42 0.97 1.48
N PRO A 171 -14.79 1.64 2.46
CA PRO A 171 -13.37 1.97 2.31
C PRO A 171 -12.48 0.73 2.16
N CYS A 172 -11.44 0.86 1.36
CA CYS A 172 -10.52 -0.25 1.09
C CYS A 172 -9.35 -0.21 2.06
N VAL A 173 -9.70 -0.29 3.34
CA VAL A 173 -8.77 -0.36 4.45
C VAL A 173 -9.45 -1.13 5.58
N ALA A 174 -8.67 -1.91 6.30
CA ALA A 174 -9.19 -2.67 7.44
C ALA A 174 -8.01 -3.15 8.24
N TYR A 175 -8.27 -3.52 9.49
CA TYR A 175 -7.25 -4.08 10.35
C TYR A 175 -6.89 -5.49 9.86
N MET A 176 -5.63 -5.69 9.51
CA MET A 176 -5.15 -6.98 9.03
C MET A 176 -4.77 -7.87 10.21
N GLY A 177 -4.20 -7.27 11.24
CA GLY A 177 -3.83 -8.01 12.43
C GLY A 177 -2.61 -7.42 13.12
N ALA A 178 -2.01 -8.24 13.99
CA ALA A 178 -0.96 -7.79 14.89
C ALA A 178 0.34 -7.54 14.16
N ASN A 179 1.18 -6.70 14.76
CA ASN A 179 2.56 -6.45 14.31
C ASN A 179 2.76 -6.36 12.79
N GLY A 180 3.39 -7.35 12.16
CA GLY A 180 3.75 -7.29 10.74
C GLY A 180 2.71 -7.82 9.77
N ALA A 181 1.51 -8.08 10.26
CA ALA A 181 0.43 -8.65 9.45
C ALA A 181 0.13 -7.83 8.20
N GLY A 182 0.11 -6.52 8.34
CA GLY A 182 -0.23 -5.63 7.26
C GLY A 182 0.80 -5.67 6.14
N HIS A 183 2.07 -5.54 6.48
CA HIS A 183 3.13 -5.59 5.49
C HIS A 183 3.21 -6.98 4.84
N TYR A 184 2.84 -8.01 5.58
CA TYR A 184 2.82 -9.37 5.03
C TYR A 184 1.74 -9.49 3.94
N VAL A 185 0.55 -8.99 4.25
CA VAL A 185 -0.57 -9.01 3.29
C VAL A 185 -0.20 -8.20 2.04
N LYS A 186 0.45 -7.07 2.23
CA LYS A 186 0.90 -6.29 1.09
C LYS A 186 1.93 -7.05 0.24
N MET A 187 2.79 -7.81 0.92
CA MET A 187 3.81 -8.61 0.22
C MET A 187 3.14 -9.64 -0.67
N VAL A 188 2.13 -10.33 -0.15
CA VAL A 188 1.41 -11.34 -0.93
C VAL A 188 0.67 -10.70 -2.13
N HIS A 189 0.02 -9.57 -1.86
CA HIS A 189 -0.58 -8.72 -2.89
C HIS A 189 0.41 -8.55 -4.04
N ASN A 190 1.63 -8.12 -3.73
CA ASN A 190 2.62 -7.94 -4.79
C ASN A 190 3.03 -9.25 -5.48
N GLY A 191 3.07 -10.34 -4.71
CA GLY A 191 3.30 -11.67 -5.28
C GLY A 191 2.26 -12.02 -6.33
N ILE A 192 1.00 -11.92 -5.93
CA ILE A 192 -0.13 -12.16 -6.83
C ILE A 192 -0.03 -11.30 -8.10
N GLU A 193 0.43 -10.07 -7.89
CA GLU A 193 0.61 -9.10 -8.96
C GLU A 193 1.71 -9.49 -9.95
N TYR A 194 2.85 -9.98 -9.45
CA TYR A 194 3.94 -10.43 -10.34
C TYR A 194 3.40 -11.55 -11.23
N GLY A 195 2.55 -12.40 -10.65
CA GLY A 195 2.03 -13.57 -11.35
C GLY A 195 1.11 -13.19 -12.49
N ASP A 196 0.23 -12.23 -12.22
CA ASP A 196 -0.69 -11.80 -13.24
CA ASP A 196 -0.71 -11.74 -13.22
C ASP A 196 0.04 -11.02 -14.32
N MET A 197 0.98 -10.16 -13.93
CA MET A 197 1.78 -9.41 -14.90
C MET A 197 2.51 -10.35 -15.88
N GLN A 198 3.07 -11.45 -15.37
CA GLN A 198 3.76 -12.44 -16.23
C GLN A 198 2.78 -13.20 -17.13
N LEU A 199 1.59 -13.51 -16.61
CA LEU A 199 0.55 -14.17 -17.40
C LEU A 199 0.09 -13.27 -18.52
N ILE A 200 -0.11 -12.00 -18.21
CA ILE A 200 -0.46 -11.00 -19.22
C ILE A 200 0.64 -10.87 -20.28
N ALA A 201 1.90 -10.86 -19.82
CA ALA A 201 3.04 -10.79 -20.71
C ALA A 201 3.10 -11.98 -21.64
N GLU A 202 2.90 -13.18 -21.09
CA GLU A 202 2.89 -14.39 -21.91
C GLU A 202 1.78 -14.33 -22.95
N SER A 203 0.61 -13.85 -22.57
CA SER A 203 -0.54 -13.72 -23.49
C SER A 203 -0.19 -12.78 -24.65
N TYR A 204 0.33 -11.62 -24.29
CA TYR A 204 0.89 -10.66 -25.24
C TYR A 204 1.90 -11.33 -26.19
N ASP A 205 2.83 -12.11 -25.62
CA ASP A 205 3.83 -12.81 -26.42
C ASP A 205 3.18 -13.75 -27.42
N LEU A 206 2.18 -14.50 -26.95
CA LEU A 206 1.45 -15.42 -27.82
C LEU A 206 0.71 -14.71 -28.96
N LEU A 207 0.02 -13.62 -28.64
CA LEU A 207 -0.75 -12.86 -29.63
C LEU A 207 0.17 -12.22 -30.66
N LYS A 208 1.37 -11.84 -30.21
CA LYS A 208 2.33 -11.16 -31.07
C LYS A 208 3.14 -12.17 -31.89
N ARG A 209 3.61 -13.23 -31.27
CA ARG A 209 4.59 -14.10 -31.97
CA ARG A 209 4.55 -14.16 -31.88
C ARG A 209 3.90 -15.23 -32.74
N ILE A 210 2.80 -15.75 -32.24
CA ILE A 210 2.09 -16.83 -32.93
C ILE A 210 0.99 -16.32 -33.86
N LEU A 211 0.08 -15.49 -33.36
CA LEU A 211 -1.00 -14.96 -34.19
C LEU A 211 -0.54 -13.79 -35.05
N GLY A 212 0.64 -13.26 -34.78
CA GLY A 212 1.25 -12.21 -35.61
C GLY A 212 0.57 -10.86 -35.56
N LEU A 213 -0.09 -10.56 -34.45
CA LEU A 213 -0.95 -9.37 -34.36
C LEU A 213 -0.21 -8.09 -34.03
N SER A 214 -0.72 -6.97 -34.57
CA SER A 214 -0.15 -5.65 -34.32
C SER A 214 -0.50 -5.20 -32.91
N ASN A 215 0.14 -4.12 -32.45
CA ASN A 215 -0.18 -3.55 -31.15
C ASN A 215 -1.58 -2.96 -31.13
N ALA A 216 -2.04 -2.48 -32.29
CA ALA A 216 -3.40 -2.00 -32.40
C ALA A 216 -4.37 -3.17 -32.20
N GLU A 217 -4.09 -4.28 -32.88
CA GLU A 217 -4.95 -5.46 -32.79
C GLU A 217 -4.96 -6.02 -31.36
N ILE A 218 -3.79 -6.08 -30.74
CA ILE A 218 -3.65 -6.60 -29.36
C ILE A 218 -4.30 -5.66 -28.35
N GLN A 219 -4.20 -4.36 -28.61
CA GLN A 219 -4.83 -3.37 -27.76
C GLN A 219 -6.33 -3.59 -27.77
N ALA A 220 -6.92 -3.65 -28.95
CA ALA A 220 -8.37 -3.92 -29.09
C ALA A 220 -8.80 -5.19 -28.36
N ILE A 221 -8.00 -6.26 -28.48
CA ILE A 221 -8.30 -7.52 -27.81
C ILE A 221 -8.40 -7.36 -26.28
N PHE A 222 -7.34 -6.81 -25.66
CA PHE A 222 -7.34 -6.54 -24.22
C PHE A 222 -8.47 -5.59 -23.79
N GLU A 223 -8.86 -4.70 -24.69
CA GLU A 223 -9.99 -3.79 -24.45
C GLU A 223 -11.30 -4.56 -24.32
N GLU A 224 -11.48 -5.59 -25.16
CA GLU A 224 -12.69 -6.41 -25.13
CA GLU A 224 -12.69 -6.41 -25.12
C GLU A 224 -12.67 -7.33 -23.90
N TRP A 225 -11.51 -7.91 -23.60
CA TRP A 225 -11.36 -8.78 -22.45
C TRP A 225 -11.72 -8.07 -21.14
N ASN A 226 -11.32 -6.80 -21.05
CA ASN A 226 -11.57 -5.97 -19.86
C ASN A 226 -13.05 -5.67 -19.63
N GLU A 227 -13.88 -5.87 -20.66
CA GLU A 227 -15.33 -5.72 -20.51
CA GLU A 227 -15.35 -5.74 -20.57
C GLU A 227 -15.97 -6.98 -19.94
N GLY A 228 -15.28 -8.10 -20.01
CA GLY A 228 -15.82 -9.38 -19.53
C GLY A 228 -15.32 -9.70 -18.14
N GLU A 229 -15.26 -10.99 -17.81
CA GLU A 229 -14.87 -11.42 -16.46
C GLU A 229 -13.40 -11.09 -16.09
N LEU A 230 -12.58 -10.75 -17.08
CA LEU A 230 -11.18 -10.37 -16.84
C LEU A 230 -11.02 -8.92 -16.36
N ASP A 231 -12.07 -8.12 -16.49
CA ASP A 231 -12.13 -6.78 -15.90
C ASP A 231 -11.23 -6.66 -14.68
N SER A 232 -10.09 -6.00 -14.86
CA SER A 232 -9.09 -5.85 -13.81
C SER A 232 -8.19 -4.66 -14.08
N TYR A 233 -7.50 -4.21 -13.04
CA TYR A 233 -6.60 -3.07 -13.15
C TYR A 233 -5.47 -3.36 -14.15
N LEU A 234 -4.82 -4.52 -14.03
CA LEU A 234 -3.67 -4.82 -14.87
C LEU A 234 -4.01 -4.94 -16.38
N ILE A 235 -5.17 -5.50 -16.70
CA ILE A 235 -5.63 -5.56 -18.08
C ILE A 235 -6.06 -4.18 -18.57
N GLU A 236 -6.66 -3.40 -17.67
CA GLU A 236 -7.04 -2.04 -17.98
C GLU A 236 -5.82 -1.23 -18.40
N ILE A 237 -4.78 -1.22 -17.58
CA ILE A 237 -3.59 -0.43 -17.92
C ILE A 237 -2.78 -1.03 -19.07
N THR A 238 -2.92 -2.34 -19.29
CA THR A 238 -2.27 -2.98 -20.44
C THR A 238 -2.81 -2.43 -21.74
N LYS A 239 -4.13 -2.30 -21.85
CA LYS A 239 -4.73 -1.74 -23.07
CA LYS A 239 -4.78 -1.72 -23.04
C LYS A 239 -4.39 -0.25 -23.23
N GLU A 240 -4.10 0.43 -22.12
CA GLU A 240 -3.68 1.84 -22.15
C GLU A 240 -2.24 1.98 -22.62
N VAL A 241 -1.36 1.14 -22.12
CA VAL A 241 0.04 1.14 -22.53
C VAL A 241 0.20 0.89 -24.04
N LEU A 242 -0.59 -0.05 -24.57
CA LEU A 242 -0.50 -0.44 -25.98
C LEU A 242 -1.02 0.62 -26.95
N LYS A 243 -1.66 1.67 -26.42
CA LYS A 243 -2.04 2.82 -27.22
C LYS A 243 -0.87 3.77 -27.51
N ARG A 244 0.00 3.94 -26.52
CA ARG A 244 0.90 5.09 -26.49
C ARG A 244 2.05 4.98 -27.49
N LYS A 245 2.38 6.11 -28.11
CA LYS A 245 3.44 6.17 -29.11
C LYS A 245 4.72 6.69 -28.46
N ASP A 246 5.84 6.44 -29.10
CA ASP A 246 7.15 6.75 -28.55
C ASP A 246 7.31 8.27 -28.37
N ASP A 247 7.79 8.67 -27.20
CA ASP A 247 8.03 10.10 -26.89
C ASP A 247 9.41 10.63 -27.34
N GLU A 248 10.28 9.75 -27.81
CA GLU A 248 11.60 10.15 -28.31
C GLU A 248 11.93 9.48 -29.64
N GLY A 249 10.91 9.31 -30.49
CA GLY A 249 11.08 8.68 -31.79
C GLY A 249 9.76 8.18 -32.35
N GLU A 250 9.84 7.45 -33.46
CA GLU A 250 8.65 6.90 -34.11
C GLU A 250 8.33 5.51 -33.55
N GLY A 251 7.06 5.11 -33.67
CA GLY A 251 6.63 3.78 -33.25
C GLY A 251 5.91 3.82 -31.92
N TYR A 252 5.83 2.67 -31.27
CA TYR A 252 5.16 2.54 -29.97
C TYR A 252 6.18 2.49 -28.85
N ILE A 253 5.89 3.19 -27.75
CA ILE A 253 6.81 3.22 -26.62
C ILE A 253 7.13 1.82 -26.10
N VAL A 254 6.10 0.97 -26.01
CA VAL A 254 6.29 -0.36 -25.45
C VAL A 254 7.32 -1.17 -26.25
N ASP A 255 7.47 -0.87 -27.53
CA ASP A 255 8.47 -1.53 -28.38
C ASP A 255 9.88 -0.95 -28.20
N LYS A 256 9.97 0.20 -27.54
CA LYS A 256 11.25 0.85 -27.33
C LYS A 256 11.76 0.61 -25.91
N ILE A 257 10.97 -0.05 -25.07
CA ILE A 257 11.37 -0.36 -23.71
C ILE A 257 12.18 -1.66 -23.70
N LEU A 258 13.34 -1.63 -23.03
CA LEU A 258 14.24 -2.78 -22.98
C LEU A 258 13.69 -3.87 -22.07
N ASP A 259 13.73 -5.10 -22.54
CA ASP A 259 13.12 -6.24 -21.87
C ASP A 259 13.97 -6.78 -20.71
N LYS A 260 14.28 -5.89 -19.77
CA LYS A 260 14.98 -6.24 -18.55
C LYS A 260 14.09 -5.80 -17.39
N ALA A 261 13.31 -6.74 -16.89
CA ALA A 261 12.36 -6.48 -15.81
C ALA A 261 13.06 -6.21 -14.48
N GLY A 262 12.71 -5.09 -13.86
CA GLY A 262 13.23 -4.74 -12.55
C GLY A 262 12.31 -5.27 -11.47
N ASN A 263 12.84 -5.34 -10.25
CA ASN A 263 12.07 -5.73 -9.08
C ASN A 263 12.67 -5.08 -7.84
N LYS A 264 11.86 -4.88 -6.82
CA LYS A 264 12.30 -4.22 -5.60
C LYS A 264 12.02 -5.04 -4.36
N GLY A 265 11.61 -6.29 -4.55
CA GLY A 265 11.93 -7.36 -3.62
C GLY A 265 10.71 -8.02 -3.03
N THR A 266 9.55 -7.42 -3.21
CA THR A 266 8.31 -7.94 -2.61
C THR A 266 7.95 -9.31 -3.16
N GLY A 267 8.08 -9.49 -4.48
CA GLY A 267 7.86 -10.79 -5.12
C GLY A 267 8.81 -11.88 -4.63
N LYS A 268 10.11 -11.56 -4.62
CA LYS A 268 11.13 -12.41 -4.03
C LYS A 268 10.76 -12.82 -2.59
N TRP A 269 10.35 -11.84 -1.77
CA TRP A 269 10.02 -12.07 -0.36
C TRP A 269 8.85 -13.06 -0.21
N THR A 270 7.86 -12.93 -1.10
CA THR A 270 6.71 -13.84 -1.11
C THR A 270 7.16 -15.29 -1.34
N SER A 271 7.95 -15.51 -2.38
CA SER A 271 8.50 -16.82 -2.67
C SER A 271 9.35 -17.38 -1.51
N GLU A 272 10.11 -16.50 -0.85
CA GLU A 272 10.98 -16.93 0.26
C GLU A 272 10.14 -17.37 1.46
N SER A 273 9.04 -16.67 1.70
CA SER A 273 8.13 -17.01 2.80
C SER A 273 7.39 -18.31 2.49
N ALA A 274 7.01 -18.51 1.23
CA ALA A 274 6.43 -19.79 0.79
C ALA A 274 7.37 -20.96 1.06
N LEU A 275 8.64 -20.78 0.74
CA LEU A 275 9.63 -21.83 0.92
C LEU A 275 9.86 -22.14 2.39
N ASP A 276 9.83 -21.10 3.22
CA ASP A 276 10.02 -21.25 4.66
CA ASP A 276 10.03 -21.28 4.66
C ASP A 276 8.81 -21.93 5.30
N LEU A 277 7.63 -21.58 4.80
CA LEU A 277 6.36 -22.05 5.37
C LEU A 277 5.88 -23.40 4.85
N GLY A 278 6.49 -23.90 3.77
CA GLY A 278 6.10 -25.17 3.19
C GLY A 278 4.91 -25.06 2.25
N VAL A 279 4.74 -23.89 1.64
CA VAL A 279 3.61 -23.61 0.77
C VAL A 279 4.02 -23.73 -0.70
N PRO A 280 3.27 -24.53 -1.47
CA PRO A 280 3.56 -24.62 -2.88
C PRO A 280 3.10 -23.33 -3.58
N LEU A 281 4.06 -22.59 -4.13
CA LEU A 281 3.82 -21.29 -4.74
C LEU A 281 4.53 -21.16 -6.08
N PRO A 282 4.26 -22.10 -6.99
CA PRO A 282 4.99 -22.13 -8.25
C PRO A 282 4.70 -20.98 -9.21
N LEU A 283 3.45 -20.58 -9.36
CA LEU A 283 3.11 -19.59 -10.40
C LEU A 283 3.84 -18.28 -10.13
N ILE A 284 3.71 -17.80 -8.89
CA ILE A 284 4.32 -16.54 -8.49
C ILE A 284 5.85 -16.62 -8.54
N THR A 285 6.40 -17.74 -8.09
CA THR A 285 7.85 -17.92 -8.07
C THR A 285 8.41 -17.99 -9.48
N GLU A 286 7.71 -18.68 -10.39
CA GLU A 286 8.11 -18.70 -11.78
C GLU A 286 8.15 -17.30 -12.39
N SER A 287 7.23 -16.43 -11.96
CA SER A 287 7.20 -15.06 -12.48
C SER A 287 8.35 -14.21 -11.94
N VAL A 288 8.76 -14.45 -10.69
CA VAL A 288 9.96 -13.83 -10.16
C VAL A 288 11.15 -14.27 -10.99
N PHE A 289 11.25 -15.57 -11.25
CA PHE A 289 12.34 -16.10 -12.06
C PHE A 289 12.27 -15.63 -13.52
N ALA A 290 11.06 -15.39 -14.02
CA ALA A 290 10.90 -14.83 -15.36
C ALA A 290 11.52 -13.43 -15.45
N ARG A 291 11.40 -12.65 -14.39
CA ARG A 291 12.07 -11.36 -14.34
C ARG A 291 13.59 -11.53 -14.29
N TYR A 292 14.06 -12.44 -13.43
CA TYR A 292 15.48 -12.73 -13.32
C TYR A 292 16.09 -13.11 -14.68
N ILE A 293 15.44 -13.99 -15.42
CA ILE A 293 16.00 -14.40 -16.71
C ILE A 293 15.94 -13.27 -17.74
N SER A 294 14.99 -12.35 -17.59
CA SER A 294 14.94 -11.17 -18.47
C SER A 294 16.16 -10.29 -18.25
N THR A 295 16.72 -10.30 -17.03
CA THR A 295 17.94 -9.52 -16.76
C THR A 295 19.20 -10.15 -17.38
N TYR A 296 19.13 -11.45 -17.70
CA TYR A 296 20.21 -12.14 -18.41
C TYR A 296 20.11 -11.88 -19.93
N LYS A 297 19.97 -10.61 -20.31
CA LYS A 297 19.76 -10.21 -21.70
C LYS A 297 20.94 -10.55 -22.60
N ASP A 298 22.15 -10.24 -22.14
CA ASP A 298 23.36 -10.54 -22.91
C ASP A 298 23.46 -12.04 -23.22
N GLU A 299 23.15 -12.86 -22.21
CA GLU A 299 23.26 -14.31 -22.37
C GLU A 299 22.22 -14.79 -23.37
N ARG A 300 21.04 -14.19 -23.29
CA ARG A 300 19.94 -14.59 -24.15
C ARG A 300 20.21 -14.21 -25.60
N VAL A 301 20.84 -13.06 -25.81
CA VAL A 301 21.26 -12.67 -27.15
C VAL A 301 22.26 -13.68 -27.73
N LYS A 302 23.20 -14.13 -26.91
CA LYS A 302 24.17 -15.16 -27.34
C LYS A 302 23.49 -16.51 -27.62
N ALA A 303 22.61 -16.93 -26.71
CA ALA A 303 21.92 -18.21 -26.85
C ALA A 303 21.02 -18.27 -28.07
N SER A 304 20.36 -17.16 -28.40
CA SER A 304 19.38 -17.13 -29.51
C SER A 304 19.99 -17.41 -30.88
N LYS A 305 21.30 -17.18 -31.02
CA LYS A 305 22.03 -17.46 -32.24
C LYS A 305 22.53 -18.91 -32.36
N VAL A 306 22.50 -19.63 -31.24
CA VAL A 306 23.09 -20.97 -31.15
C VAL A 306 22.06 -22.06 -30.88
N LEU A 307 21.09 -21.76 -30.02
CA LEU A 307 20.06 -22.72 -29.66
C LEU A 307 18.91 -22.66 -30.67
N SER A 308 18.65 -23.78 -31.32
CA SER A 308 17.60 -23.84 -32.34
C SER A 308 16.24 -24.18 -31.72
N GLY A 309 15.18 -23.99 -32.50
CA GLY A 309 13.83 -24.28 -32.06
C GLY A 309 12.82 -24.28 -33.19
N PRO A 310 11.53 -24.53 -32.89
CA PRO A 310 10.53 -24.64 -33.95
C PRO A 310 10.29 -23.32 -34.64
N ALA A 311 9.89 -23.42 -35.90
CA ALA A 311 9.50 -22.28 -36.71
C ALA A 311 8.17 -22.61 -37.39
N LEU A 312 7.13 -22.86 -36.61
CA LEU A 312 5.86 -23.18 -37.23
CA LEU A 312 5.80 -23.19 -37.14
C LEU A 312 5.03 -21.92 -37.46
N ASP A 313 4.18 -22.00 -38.49
CA ASP A 313 3.35 -20.88 -38.90
C ASP A 313 1.93 -21.21 -38.50
N PHE A 314 1.35 -20.39 -37.63
CA PHE A 314 0.00 -20.65 -37.20
C PHE A 314 -0.93 -20.59 -38.42
N SER A 315 -1.69 -21.68 -38.61
CA SER A 315 -2.55 -21.82 -39.79
CA SER A 315 -2.55 -21.84 -39.78
C SER A 315 -4.04 -21.97 -39.42
N GLY A 316 -4.36 -21.87 -38.12
CA GLY A 316 -5.73 -22.08 -37.64
C GLY A 316 -6.60 -20.83 -37.64
N ASP A 317 -7.63 -20.86 -36.80
CA ASP A 317 -8.61 -19.76 -36.66
C ASP A 317 -8.19 -18.85 -35.51
N LYS A 318 -7.89 -17.59 -35.84
CA LYS A 318 -7.34 -16.66 -34.85
C LYS A 318 -8.36 -16.27 -33.79
N LYS A 319 -9.60 -16.00 -34.19
CA LYS A 319 -10.63 -15.64 -33.22
CA LYS A 319 -10.67 -15.67 -33.24
C LYS A 319 -10.81 -16.73 -32.16
N GLU A 320 -10.73 -17.99 -32.59
CA GLU A 320 -10.95 -19.14 -31.73
C GLU A 320 -9.78 -19.34 -30.76
N VAL A 321 -8.57 -19.12 -31.25
CA VAL A 321 -7.36 -19.22 -30.43
C VAL A 321 -7.28 -18.05 -29.45
N ILE A 322 -7.67 -16.86 -29.87
CA ILE A 322 -7.72 -15.71 -28.97
C ILE A 322 -8.64 -16.02 -27.78
N GLU A 323 -9.82 -16.59 -28.07
CA GLU A 323 -10.77 -16.94 -27.03
C GLU A 323 -10.22 -17.99 -26.05
N LYS A 324 -9.44 -18.95 -26.57
CA LYS A 324 -8.79 -19.96 -25.72
C LYS A 324 -7.75 -19.33 -24.81
N ILE A 325 -7.01 -18.37 -25.35
CA ILE A 325 -6.04 -17.64 -24.54
C ILE A 325 -6.74 -16.87 -23.43
N ARG A 326 -7.89 -16.27 -23.75
CA ARG A 326 -8.68 -15.54 -22.76
C ARG A 326 -9.01 -16.44 -21.57
N LYS A 327 -9.66 -17.56 -21.86
CA LYS A 327 -10.05 -18.55 -20.86
C LYS A 327 -8.86 -19.00 -20.03
N ALA A 328 -7.79 -19.35 -20.73
CA ALA A 328 -6.54 -19.75 -20.09
C ALA A 328 -6.04 -18.68 -19.16
N LEU A 329 -6.13 -17.42 -19.59
CA LEU A 329 -5.63 -16.31 -18.78
C LEU A 329 -6.45 -16.14 -17.49
N TYR A 330 -7.77 -16.25 -17.61
CA TYR A 330 -8.66 -16.15 -16.46
C TYR A 330 -8.46 -17.33 -15.52
N PHE A 331 -8.33 -18.50 -16.12
CA PHE A 331 -8.03 -19.73 -15.37
C PHE A 331 -6.73 -19.56 -14.58
N SER A 332 -5.71 -18.99 -15.21
CA SER A 332 -4.39 -18.89 -14.59
C SER A 332 -4.33 -17.77 -13.58
N LYS A 333 -5.00 -16.66 -13.89
CA LYS A 333 -5.15 -15.55 -12.95
C LYS A 333 -5.71 -16.09 -11.62
N ILE A 334 -6.74 -16.94 -11.72
CA ILE A 334 -7.35 -17.52 -10.55
C ILE A 334 -6.35 -18.37 -9.74
N MET A 335 -5.49 -19.12 -10.43
CA MET A 335 -4.50 -19.99 -9.77
C MET A 335 -3.50 -19.18 -8.97
N SER A 336 -3.14 -18.01 -9.49
CA SER A 336 -2.23 -17.12 -8.80
C SER A 336 -2.89 -16.71 -7.47
N TYR A 337 -4.18 -16.34 -7.53
CA TYR A 337 -4.92 -15.91 -6.34
C TYR A 337 -5.11 -17.01 -5.32
N ALA A 338 -5.42 -18.22 -5.82
CA ALA A 338 -5.59 -19.39 -4.96
C ALA A 338 -4.29 -19.73 -4.22
N GLN A 339 -3.17 -19.58 -4.92
CA GLN A 339 -1.85 -19.75 -4.32
C GLN A 339 -1.58 -18.71 -3.22
N GLY A 340 -1.80 -17.44 -3.56
CA GLY A 340 -1.63 -16.34 -2.62
C GLY A 340 -2.42 -16.50 -1.33
N PHE A 341 -3.68 -16.88 -1.44
CA PHE A 341 -4.51 -17.04 -0.25
C PHE A 341 -4.17 -18.28 0.57
N ALA A 342 -3.72 -19.33 -0.11
CA ALA A 342 -3.22 -20.51 0.60
C ALA A 342 -1.99 -20.13 1.42
N GLN A 343 -1.17 -19.21 0.90
CA GLN A 343 -0.01 -18.76 1.63
C GLN A 343 -0.42 -17.90 2.83
N LEU A 344 -1.37 -17.00 2.62
CA LEU A 344 -1.92 -16.19 3.71
C LEU A 344 -2.49 -17.07 4.85
N ARG A 345 -3.11 -18.20 4.50
CA ARG A 345 -3.65 -19.12 5.51
C ARG A 345 -2.52 -19.71 6.37
N LYS A 346 -1.45 -20.17 5.72
CA LYS A 346 -0.31 -20.76 6.42
C LYS A 346 0.44 -19.70 7.24
N ALA A 347 0.65 -18.53 6.65
CA ALA A 347 1.28 -17.44 7.37
C ALA A 347 0.47 -17.06 8.61
N SER A 348 -0.84 -16.92 8.45
CA SER A 348 -1.73 -16.61 9.57
C SER A 348 -1.56 -17.59 10.74
N GLU A 349 -1.46 -18.88 10.43
CA GLU A 349 -1.29 -19.91 11.46
CA GLU A 349 -1.27 -19.94 11.44
C GLU A 349 0.09 -19.80 12.13
N GLU A 350 1.14 -19.68 11.32
CA GLU A 350 2.51 -19.59 11.82
CA GLU A 350 2.52 -19.59 11.82
C GLU A 350 2.73 -18.39 12.74
N PHE A 351 2.15 -17.24 12.38
CA PHE A 351 2.35 -16.00 13.16
C PHE A 351 1.18 -15.59 14.05
N ASP A 352 0.14 -16.43 14.14
CA ASP A 352 -1.00 -16.20 15.02
CA ASP A 352 -0.99 -16.19 15.05
C ASP A 352 -1.62 -14.83 14.76
N TRP A 353 -2.05 -14.63 13.52
CA TRP A 353 -2.60 -13.34 13.09
C TRP A 353 -4.10 -13.37 12.87
N ASP A 354 -4.66 -14.53 12.52
CA ASP A 354 -6.09 -14.66 12.32
C ASP A 354 -6.52 -13.66 11.23
N LEU A 355 -5.85 -13.75 10.08
CA LEU A 355 -6.06 -12.80 9.00
C LEU A 355 -7.47 -12.90 8.44
N PRO A 356 -8.12 -11.76 8.19
CA PRO A 356 -9.47 -11.78 7.65
C PRO A 356 -9.45 -11.92 6.11
N TYR A 357 -9.44 -13.17 5.66
CA TYR A 357 -9.23 -13.46 4.23
C TYR A 357 -10.31 -12.78 3.39
N GLY A 358 -11.56 -12.85 3.85
CA GLY A 358 -12.67 -12.27 3.13
C GLY A 358 -12.62 -10.76 3.04
N THR A 359 -12.15 -10.11 4.11
CA THR A 359 -11.98 -8.66 4.18
C THR A 359 -10.83 -8.18 3.31
N ILE A 360 -9.76 -8.96 3.28
CA ILE A 360 -8.62 -8.67 2.41
C ILE A 360 -9.09 -8.55 0.97
N ALA A 361 -9.85 -9.55 0.50
CA ALA A 361 -10.47 -9.49 -0.81
C ALA A 361 -11.35 -8.26 -0.97
N GLN A 362 -12.12 -7.91 0.06
CA GLN A 362 -12.97 -6.71 0.00
C GLN A 362 -12.12 -5.45 -0.19
N ILE A 363 -11.04 -5.29 0.57
CA ILE A 363 -10.25 -4.06 0.47
C ILE A 363 -9.38 -3.99 -0.80
N TRP A 364 -9.37 -5.06 -1.60
CA TRP A 364 -8.63 -5.06 -2.87
C TRP A 364 -9.53 -4.70 -4.05
N ARG A 365 -10.78 -4.35 -3.77
CA ARG A 365 -11.74 -4.02 -4.82
C ARG A 365 -11.53 -2.65 -5.47
N ALA A 366 -10.72 -1.79 -4.86
CA ALA A 366 -10.37 -0.49 -5.45
C ALA A 366 -9.04 0.03 -4.90
N GLY A 367 -8.46 1.00 -5.62
CA GLY A 367 -7.19 1.60 -5.20
C GLY A 367 -6.12 0.55 -5.19
N CYS A 368 -6.32 -0.46 -6.02
CA CYS A 368 -5.59 -1.70 -5.89
C CYS A 368 -5.11 -2.19 -7.24
N ILE A 369 -3.81 -2.45 -7.33
CA ILE A 369 -3.22 -2.97 -8.56
C ILE A 369 -3.79 -4.34 -8.93
N ILE A 370 -4.19 -5.15 -7.94
CA ILE A 370 -4.80 -6.46 -8.21
C ILE A 370 -6.32 -6.47 -8.07
N ARG A 371 -6.96 -5.32 -8.26
CA ARG A 371 -8.41 -5.26 -8.40
C ARG A 371 -8.89 -6.13 -9.55
N ALA A 372 -9.76 -7.08 -9.25
CA ALA A 372 -10.33 -7.99 -10.25
C ALA A 372 -11.81 -8.18 -9.97
N GLU A 373 -12.53 -8.59 -11.00
CA GLU A 373 -13.98 -8.77 -10.92
C GLU A 373 -14.35 -9.86 -9.90
N PHE A 374 -13.53 -10.91 -9.77
CA PHE A 374 -13.89 -12.06 -8.93
C PHE A 374 -13.58 -11.92 -7.44
N LEU A 375 -13.14 -10.75 -6.99
CA LEU A 375 -12.83 -10.55 -5.58
C LEU A 375 -14.04 -10.79 -4.66
N GLN A 376 -15.23 -10.44 -5.11
CA GLN A 376 -16.41 -10.66 -4.29
C GLN A 376 -16.69 -12.15 -4.14
N ASN A 377 -16.41 -12.91 -5.20
CA ASN A 377 -16.53 -14.36 -5.18
C ASN A 377 -15.54 -14.99 -4.21
N ILE A 378 -14.38 -14.36 -4.06
CA ILE A 378 -13.44 -14.73 -3.01
C ILE A 378 -14.07 -14.43 -1.65
N THR A 379 -14.56 -13.22 -1.45
CA THR A 379 -15.25 -12.87 -0.20
C THR A 379 -16.46 -13.80 0.08
N ASP A 380 -17.26 -14.08 -0.95
CA ASP A 380 -18.39 -14.99 -0.82
C ASP A 380 -17.93 -16.37 -0.37
N ALA A 381 -16.83 -16.83 -0.96
CA ALA A 381 -16.30 -18.16 -0.64
C ALA A 381 -15.88 -18.26 0.83
N PHE A 382 -15.32 -17.17 1.38
CA PHE A 382 -14.89 -17.19 2.78
C PHE A 382 -16.01 -16.92 3.77
N ASP A 383 -17.06 -16.21 3.35
CA ASP A 383 -18.28 -16.08 4.18
C ASP A 383 -18.90 -17.45 4.35
N LYS A 384 -18.97 -18.18 3.23
CA LYS A 384 -19.51 -19.52 3.21
CA LYS A 384 -19.50 -19.53 3.18
C LYS A 384 -18.72 -20.41 4.16
N ASP A 385 -17.40 -20.48 3.96
CA ASP A 385 -16.50 -21.25 4.83
C ASP A 385 -15.32 -20.40 5.26
N SER A 386 -15.24 -20.13 6.55
CA SER A 386 -14.19 -19.27 7.12
C SER A 386 -12.83 -19.99 7.10
N GLU A 387 -12.86 -21.31 7.22
CA GLU A 387 -11.65 -22.14 7.21
CA GLU A 387 -11.66 -22.14 7.21
C GLU A 387 -11.44 -22.80 5.83
N LEU A 388 -11.98 -22.17 4.79
CA LEU A 388 -11.81 -22.67 3.43
C LEU A 388 -10.31 -22.82 3.17
N GLU A 389 -9.90 -24.02 2.82
CA GLU A 389 -8.48 -24.33 2.63
C GLU A 389 -7.88 -23.75 1.35
N ASN A 390 -8.68 -23.67 0.29
CA ASN A 390 -8.21 -23.20 -1.01
C ASN A 390 -9.42 -22.77 -1.85
N LEU A 391 -9.27 -21.67 -2.57
CA LEU A 391 -10.35 -21.11 -3.41
C LEU A 391 -10.87 -22.10 -4.44
N LEU A 392 -10.02 -23.01 -4.91
CA LEU A 392 -10.41 -24.02 -5.89
C LEU A 392 -11.45 -25.03 -5.38
N LEU A 393 -11.65 -25.09 -4.07
CA LEU A 393 -12.66 -25.97 -3.47
C LEU A 393 -14.05 -25.32 -3.43
N ASP A 394 -14.14 -24.02 -3.68
CA ASP A 394 -15.43 -23.30 -3.70
C ASP A 394 -16.16 -23.48 -5.03
N ASP A 395 -17.48 -23.68 -4.95
CA ASP A 395 -18.31 -23.97 -6.13
C ASP A 395 -18.02 -23.03 -7.31
N TYR A 396 -17.94 -21.74 -7.03
CA TYR A 396 -17.73 -20.77 -8.08
C TYR A 396 -16.48 -21.08 -8.91
N PHE A 397 -15.36 -21.33 -8.24
CA PHE A 397 -14.08 -21.58 -8.92
C PHE A 397 -13.95 -23.01 -9.45
N VAL A 398 -14.61 -23.96 -8.77
CA VAL A 398 -14.75 -25.33 -9.28
C VAL A 398 -15.34 -25.28 -10.69
N ASP A 399 -16.38 -24.46 -10.85
CA ASP A 399 -17.12 -24.33 -12.09
C ASP A 399 -16.28 -23.72 -13.23
N ILE A 400 -15.59 -22.62 -12.93
CA ILE A 400 -14.73 -21.96 -13.91
C ILE A 400 -13.64 -22.91 -14.38
N THR A 401 -13.00 -23.59 -13.43
CA THR A 401 -11.93 -24.52 -13.78
C THR A 401 -12.47 -25.70 -14.58
N LYS A 402 -13.68 -26.16 -14.28
CA LYS A 402 -14.31 -27.24 -15.06
C LYS A 402 -14.44 -26.87 -16.53
N ARG A 403 -14.83 -25.61 -16.78
CA ARG A 403 -15.21 -25.17 -18.14
C ARG A 403 -14.04 -24.63 -18.96
N TYR A 404 -13.03 -24.05 -18.30
CA TYR A 404 -11.92 -23.39 -19.03
C TYR A 404 -10.67 -24.26 -19.15
N GLN A 405 -10.68 -25.36 -18.42
CA GLN A 405 -9.51 -26.21 -18.30
C GLN A 405 -9.05 -26.78 -19.64
N GLU A 406 -9.99 -27.17 -20.50
CA GLU A 406 -9.71 -27.74 -21.83
CA GLU A 406 -9.62 -27.76 -21.77
C GLU A 406 -8.97 -26.73 -22.72
N ALA A 407 -9.38 -25.46 -22.59
CA ALA A 407 -8.77 -24.38 -23.36
C ALA A 407 -7.34 -24.10 -22.88
N VAL A 408 -7.10 -24.26 -21.58
CA VAL A 408 -5.76 -24.05 -21.03
C VAL A 408 -4.81 -25.04 -21.67
N ARG A 409 -5.30 -26.27 -21.84
CA ARG A 409 -4.50 -27.36 -22.37
C ARG A 409 -4.17 -27.17 -23.85
N ASP A 410 -5.13 -26.67 -24.62
CA ASP A 410 -4.88 -26.36 -26.03
C ASP A 410 -3.89 -25.20 -26.19
N VAL A 411 -4.03 -24.17 -25.36
CA VAL A 411 -3.10 -23.03 -25.36
C VAL A 411 -1.67 -23.46 -24.99
N VAL A 412 -1.53 -24.23 -23.91
CA VAL A 412 -0.22 -24.76 -23.50
C VAL A 412 0.41 -25.59 -24.62
N SER A 413 -0.41 -26.43 -25.25
CA SER A 413 0.06 -27.30 -26.30
C SER A 413 0.52 -26.51 -27.54
N LEU A 414 -0.30 -25.54 -27.94
CA LEU A 414 0.04 -24.64 -29.04
C LEU A 414 1.31 -23.84 -28.77
N ALA A 415 1.37 -23.23 -27.58
CA ALA A 415 2.53 -22.44 -27.19
C ALA A 415 3.82 -23.27 -27.23
N VAL A 416 3.76 -24.45 -26.63
CA VAL A 416 4.93 -25.30 -26.47
C VAL A 416 5.39 -25.87 -27.81
N GLN A 417 4.46 -26.30 -28.66
CA GLN A 417 4.82 -26.74 -30.01
C GLN A 417 5.42 -25.62 -30.84
N ALA A 418 5.04 -24.37 -30.57
CA ALA A 418 5.50 -23.23 -31.36
C ALA A 418 6.81 -22.66 -30.80
N GLY A 419 7.16 -23.05 -29.58
CA GLY A 419 8.40 -22.63 -28.95
C GLY A 419 8.34 -21.31 -28.22
N THR A 420 7.14 -20.87 -27.84
CA THR A 420 6.98 -19.60 -27.13
C THR A 420 6.95 -19.86 -25.61
N PRO A 421 7.83 -19.18 -24.86
CA PRO A 421 7.92 -19.51 -23.44
C PRO A 421 6.68 -19.08 -22.68
N ILE A 422 6.13 -20.01 -21.91
CA ILE A 422 4.93 -19.76 -21.13
C ILE A 422 5.07 -20.40 -19.74
N PRO A 423 6.09 -19.97 -18.98
CA PRO A 423 6.35 -20.59 -17.67
C PRO A 423 5.18 -20.51 -16.70
N THR A 424 4.44 -19.40 -16.69
CA THR A 424 3.33 -19.26 -15.73
C THR A 424 2.07 -19.98 -16.19
N PHE A 425 1.76 -19.94 -17.49
CA PHE A 425 0.65 -20.76 -18.03
C PHE A 425 0.88 -22.27 -17.76
N THR A 426 2.07 -22.78 -18.06
CA THR A 426 2.39 -24.20 -17.81
C THR A 426 2.43 -24.53 -16.32
N SER A 427 2.79 -23.55 -15.51
CA SER A 427 2.81 -23.72 -14.06
C SER A 427 1.39 -23.83 -13.56
N ALA A 428 0.49 -23.06 -14.15
CA ALA A 428 -0.90 -23.02 -13.74
C ALA A 428 -1.60 -24.38 -13.88
N ILE A 429 -1.52 -24.96 -15.08
CA ILE A 429 -2.18 -26.24 -15.33
C ILE A 429 -1.49 -27.37 -14.57
N SER A 430 -0.19 -27.22 -14.33
CA SER A 430 0.58 -28.19 -13.53
C SER A 430 0.12 -28.20 -12.09
N TYR A 431 -0.17 -27.01 -11.57
CA TYR A 431 -0.68 -26.82 -10.22
C TYR A 431 -2.07 -27.42 -10.12
N TYR A 432 -2.93 -27.08 -11.06
CA TYR A 432 -4.29 -27.59 -11.09
C TYR A 432 -4.24 -29.12 -11.11
N ASP A 433 -3.47 -29.69 -12.04
CA ASP A 433 -3.42 -31.15 -12.19
C ASP A 433 -2.79 -31.87 -11.01
N SER A 434 -1.84 -31.20 -10.32
CA SER A 434 -1.27 -31.73 -9.07
C SER A 434 -2.28 -31.65 -7.93
N TYR A 435 -2.96 -30.51 -7.81
CA TYR A 435 -3.87 -30.26 -6.69
C TYR A 435 -5.04 -31.25 -6.68
N ARG A 436 -5.58 -31.56 -7.85
CA ARG A 436 -6.72 -32.49 -7.94
C ARG A 436 -6.30 -33.94 -7.96
N SER A 437 -4.99 -34.21 -8.04
CA SER A 437 -4.49 -35.58 -8.02
C SER A 437 -4.58 -36.16 -6.63
N GLU A 438 -5.44 -37.14 -6.41
CA GLU A 438 -5.45 -37.88 -5.14
C GLU A 438 -4.07 -38.48 -4.86
N ASN A 439 -3.46 -39.08 -5.87
CA ASN A 439 -2.15 -39.69 -5.73
C ASN A 439 -1.15 -39.06 -6.66
N LEU A 440 0.00 -38.72 -6.10
CA LEU A 440 1.12 -38.16 -6.83
C LEU A 440 2.30 -39.11 -6.69
N PRO A 441 3.31 -38.96 -7.55
CA PRO A 441 4.45 -39.88 -7.52
C PRO A 441 5.48 -39.59 -6.41
N ALA A 442 5.09 -38.82 -5.40
CA ALA A 442 5.91 -38.66 -4.20
C ALA A 442 6.13 -40.00 -3.47
N ASN A 443 5.30 -41.00 -3.78
CA ASN A 443 5.52 -42.33 -3.24
C ASN A 443 6.89 -42.89 -3.66
N LEU A 444 7.26 -42.64 -4.92
CA LEU A 444 8.55 -43.06 -5.46
C LEU A 444 9.71 -42.30 -4.80
N ILE A 445 9.49 -41.00 -4.60
CA ILE A 445 10.47 -40.16 -3.95
C ILE A 445 10.75 -40.67 -2.53
N GLN A 446 9.69 -40.96 -1.79
CA GLN A 446 9.83 -41.52 -0.44
C GLN A 446 10.53 -42.89 -0.45
N ALA A 447 10.24 -43.72 -1.44
CA ALA A 447 10.90 -45.02 -1.53
C ALA A 447 12.40 -44.81 -1.72
N GLN A 448 12.74 -43.90 -2.62
CA GLN A 448 14.14 -43.58 -2.90
C GLN A 448 14.84 -43.08 -1.64
N ARG A 449 14.19 -42.18 -0.91
CA ARG A 449 14.79 -41.57 0.28
C ARG A 449 15.02 -42.62 1.36
N ASP A 450 14.08 -43.54 1.51
CA ASP A 450 14.23 -44.62 2.46
C ASP A 450 15.30 -45.62 2.03
N TYR A 451 15.46 -45.81 0.72
CA TYR A 451 16.48 -46.70 0.18
C TYR A 451 17.87 -46.14 0.50
N PHE A 452 18.14 -44.89 0.12
CA PHE A 452 19.50 -44.35 0.27
C PHE A 452 19.82 -43.71 1.63
N GLY A 453 18.81 -43.20 2.34
CA GLY A 453 19.03 -42.55 3.64
C GLY A 453 18.23 -43.09 4.82
N ALA A 454 17.42 -44.12 4.59
CA ALA A 454 16.59 -44.71 5.66
C ALA A 454 15.72 -43.65 6.33
N HIS A 455 15.15 -42.76 5.53
CA HIS A 455 14.43 -41.62 6.07
C HIS A 455 13.03 -41.97 6.63
N THR A 456 12.56 -43.18 6.34
CA THR A 456 11.26 -43.68 6.79
C THR A 456 10.12 -43.09 5.97
N TYR A 457 8.95 -43.70 6.09
CA TYR A 457 7.80 -43.32 5.29
C TYR A 457 6.53 -43.71 6.01
N GLU A 458 5.41 -43.12 5.59
CA GLU A 458 4.11 -43.50 6.07
C GLU A 458 3.56 -44.47 5.05
N ARG A 459 2.58 -45.28 5.46
CA ARG A 459 1.93 -46.21 4.55
C ARG A 459 0.54 -45.73 4.14
N THR A 460 0.06 -46.24 3.02
CA THR A 460 -1.26 -45.91 2.51
C THR A 460 -2.38 -46.61 3.31
N ASP A 461 -2.05 -47.74 3.94
CA ASP A 461 -3.07 -48.65 4.47
C ASP A 461 -3.15 -48.73 6.00
N LYS A 462 -2.14 -48.22 6.70
CA LYS A 462 -2.13 -48.22 8.17
C LYS A 462 -1.35 -47.02 8.71
N ALA A 463 -1.76 -46.56 9.89
CA ALA A 463 -1.04 -45.51 10.60
C ALA A 463 0.34 -46.00 11.07
N GLY A 464 1.25 -45.06 11.30
CA GLY A 464 2.58 -45.36 11.79
C GLY A 464 3.70 -44.98 10.84
N ILE A 465 4.93 -45.05 11.35
CA ILE A 465 6.16 -44.76 10.61
C ILE A 465 6.89 -46.07 10.33
N PHE A 466 7.33 -46.24 9.09
CA PHE A 466 7.87 -47.52 8.64
C PHE A 466 9.23 -47.36 7.99
N HIS A 467 10.02 -48.43 8.03
CA HIS A 467 11.27 -48.48 7.29
C HIS A 467 11.39 -49.86 6.66
N TYR A 468 11.85 -49.89 5.41
CA TYR A 468 11.95 -51.14 4.65
C TYR A 468 13.38 -51.63 4.64
N ASP A 469 13.55 -52.95 4.76
CA ASP A 469 14.87 -53.56 4.67
C ASP A 469 15.16 -53.80 3.19
N TRP A 470 15.80 -52.82 2.55
CA TRP A 470 16.11 -52.89 1.12
C TRP A 470 17.31 -53.79 0.77
N TYR A 471 17.92 -54.45 1.76
CA TYR A 471 19.10 -55.29 1.51
C TYR A 471 19.01 -56.66 2.20
N THR A 472 17.94 -57.15 2.58
N HIS B 1 48.18 -39.30 28.92
CA HIS B 1 48.13 -40.73 28.50
CA HIS B 1 48.23 -40.77 28.55
C HIS B 1 48.51 -41.10 27.06
N HIS B 2 48.13 -40.20 26.14
CA HIS B 2 48.44 -40.29 24.70
C HIS B 2 48.66 -38.89 24.11
N MET B 3 49.49 -38.07 24.77
CA MET B 3 49.69 -36.65 24.41
CA MET B 3 49.67 -36.66 24.39
C MET B 3 50.36 -36.47 23.03
N ALA B 4 49.66 -35.77 22.13
CA ALA B 4 50.16 -35.46 20.79
C ALA B 4 50.54 -36.71 19.96
N GLN B 5 49.80 -37.80 20.17
CA GLN B 5 50.01 -39.05 19.45
C GLN B 5 49.06 -39.24 18.28
N ALA B 6 47.92 -38.55 18.30
CA ALA B 6 46.91 -38.70 17.25
C ALA B 6 47.14 -37.72 16.10
N ASN B 7 46.92 -38.21 14.87
CA ASN B 7 47.14 -37.43 13.65
C ASN B 7 45.93 -36.56 13.27
N PHE B 8 44.76 -36.96 13.72
CA PHE B 8 43.49 -36.42 13.27
C PHE B 8 42.47 -36.70 14.38
N GLY B 9 41.50 -35.79 14.53
CA GLY B 9 40.50 -35.92 15.60
C GLY B 9 39.11 -35.76 15.04
N VAL B 10 38.17 -36.55 15.57
CA VAL B 10 36.76 -36.42 15.21
C VAL B 10 35.90 -36.21 16.47
N VAL B 11 35.05 -35.19 16.44
CA VAL B 11 34.08 -34.93 17.50
C VAL B 11 32.70 -35.27 16.96
N GLY B 12 32.02 -36.19 17.66
CA GLY B 12 30.68 -36.64 17.27
C GLY B 12 30.72 -38.11 16.92
N MET B 13 30.28 -38.97 17.84
CA MET B 13 30.31 -40.42 17.66
C MET B 13 28.93 -41.03 17.36
N ALA B 14 28.03 -40.23 16.77
CA ALA B 14 26.87 -40.79 16.08
C ALA B 14 27.44 -41.49 14.84
N VAL B 15 26.57 -42.15 14.08
CA VAL B 15 27.03 -43.06 13.04
CA VAL B 15 27.03 -43.06 13.04
C VAL B 15 27.95 -42.40 12.02
N MET B 16 27.61 -41.19 11.57
CA MET B 16 28.44 -40.49 10.58
C MET B 16 29.86 -40.24 11.08
N GLY B 17 29.98 -39.59 12.24
CA GLY B 17 31.29 -39.26 12.80
C GLY B 17 32.11 -40.49 13.14
N LYS B 18 31.45 -41.49 13.70
CA LYS B 18 32.10 -42.78 13.96
C LYS B 18 32.64 -43.34 12.66
N ASN B 19 31.79 -43.35 11.64
CA ASN B 19 32.15 -43.94 10.37
C ASN B 19 33.33 -43.21 9.70
N LEU B 20 33.31 -41.87 9.76
CA LEU B 20 34.42 -41.06 9.25
CA LEU B 20 34.43 -41.07 9.24
C LEU B 20 35.70 -41.39 10.02
N ALA B 21 35.59 -41.46 11.33
CA ALA B 21 36.74 -41.76 12.17
C ALA B 21 37.39 -43.08 11.76
N LEU B 22 36.56 -44.08 11.49
CA LEU B 22 37.04 -45.39 11.08
C LEU B 22 37.61 -45.35 9.68
N ASN B 23 37.01 -44.54 8.80
CA ASN B 23 37.51 -44.37 7.45
C ASN B 23 38.95 -43.86 7.55
N VAL B 24 39.14 -42.78 8.29
CA VAL B 24 40.45 -42.15 8.47
C VAL B 24 41.43 -43.13 9.09
N GLU B 25 41.05 -43.75 10.20
CA GLU B 25 41.92 -44.76 10.84
C GLU B 25 42.35 -45.85 9.86
N SER B 26 41.43 -46.32 9.03
CA SER B 26 41.73 -47.37 8.05
C SER B 26 42.81 -46.97 7.05
N ARG B 27 43.05 -45.66 6.89
CA ARG B 27 44.04 -45.18 5.94
C ARG B 27 45.45 -45.07 6.49
N GLY B 28 45.66 -45.49 7.74
CA GLY B 28 47.00 -45.54 8.34
C GLY B 28 47.33 -44.45 9.35
N TYR B 29 46.30 -43.97 10.05
CA TYR B 29 46.41 -42.85 10.99
C TYR B 29 45.88 -43.24 12.36
N THR B 30 46.41 -42.58 13.39
CA THR B 30 45.85 -42.71 14.75
C THR B 30 44.85 -41.58 14.89
N VAL B 31 43.62 -41.92 15.27
CA VAL B 31 42.52 -40.96 15.30
C VAL B 31 41.97 -40.84 16.70
N ALA B 32 41.93 -39.61 17.22
CA ALA B 32 41.32 -39.34 18.51
C ALA B 32 39.82 -39.17 18.30
N ILE B 33 39.02 -39.78 19.17
CA ILE B 33 37.56 -39.66 19.11
C ILE B 33 37.02 -39.03 20.38
N TYR B 34 36.00 -38.20 20.21
CA TYR B 34 35.28 -37.57 21.31
C TYR B 34 33.78 -37.49 20.99
N ASN B 35 32.96 -37.59 22.05
CA ASN B 35 31.52 -37.33 21.94
C ASN B 35 31.04 -36.74 23.26
N ARG B 36 30.12 -35.77 23.19
CA ARG B 36 29.57 -35.15 24.40
C ARG B 36 29.12 -36.23 25.40
N THR B 37 28.31 -37.17 24.92
CA THR B 37 27.86 -38.29 25.73
C THR B 37 28.88 -39.42 25.60
N THR B 38 29.66 -39.61 26.67
CA THR B 38 30.82 -40.48 26.67
C THR B 38 30.49 -41.93 26.44
N SER B 39 29.32 -42.38 26.91
CA SER B 39 28.91 -43.76 26.71
C SER B 39 29.02 -44.18 25.24
N LYS B 40 28.73 -43.25 24.34
CA LYS B 40 28.77 -43.53 22.90
C LYS B 40 30.22 -43.71 22.40
N THR B 41 31.13 -42.88 22.92
CA THR B 41 32.56 -43.02 22.62
C THR B 41 33.10 -44.34 23.18
N GLU B 42 32.55 -44.78 24.32
CA GLU B 42 32.95 -46.05 24.94
CA GLU B 42 32.98 -46.04 24.93
C GLU B 42 32.58 -47.21 24.03
N GLU B 43 31.34 -47.18 23.52
CA GLU B 43 30.85 -48.22 22.62
C GLU B 43 31.72 -48.35 21.38
N VAL B 44 32.13 -47.23 20.82
CA VAL B 44 32.98 -47.25 19.62
C VAL B 44 34.35 -47.86 19.94
N PHE B 45 35.02 -47.37 20.97
CA PHE B 45 36.34 -47.86 21.36
C PHE B 45 36.30 -49.36 21.70
N LYS B 46 35.24 -49.79 22.40
CA LYS B 46 35.13 -51.19 22.81
C LYS B 46 34.97 -52.16 21.64
N GLU B 47 34.19 -51.79 20.63
CA GLU B 47 34.00 -52.67 19.48
C GLU B 47 35.02 -52.44 18.35
N HIS B 48 35.99 -51.54 18.59
CA HIS B 48 37.09 -51.32 17.64
C HIS B 48 38.44 -51.19 18.35
N GLN B 49 38.65 -52.02 19.39
CA GLN B 49 39.89 -52.01 20.18
CA GLN B 49 39.90 -52.03 20.19
C GLN B 49 41.14 -52.32 19.35
N ASP B 50 40.97 -53.07 18.26
CA ASP B 50 42.03 -53.42 17.33
CA ASP B 50 42.12 -53.39 17.41
C ASP B 50 42.52 -52.23 16.49
N LYS B 51 41.71 -51.19 16.39
CA LYS B 51 42.08 -50.02 15.59
C LYS B 51 42.93 -49.03 16.42
N ASN B 52 43.64 -48.13 15.72
CA ASN B 52 44.42 -47.07 16.36
C ASN B 52 43.56 -45.85 16.66
N LEU B 53 42.56 -46.07 17.52
CA LEU B 53 41.66 -45.03 17.98
C LEU B 53 42.14 -44.61 19.36
N VAL B 54 42.03 -43.32 19.66
CA VAL B 54 42.37 -42.81 20.98
C VAL B 54 41.11 -42.34 21.67
N PHE B 55 40.70 -43.04 22.72
CA PHE B 55 39.49 -42.74 23.47
C PHE B 55 39.71 -41.56 24.40
N THR B 56 38.93 -40.49 24.21
CA THR B 56 39.03 -39.31 25.07
C THR B 56 37.70 -39.01 25.78
N LYS B 57 37.78 -38.68 27.06
CA LYS B 57 36.61 -38.42 27.92
C LYS B 57 36.22 -36.93 27.95
N THR B 58 37.16 -36.05 27.64
CA THR B 58 36.93 -34.60 27.77
C THR B 58 37.56 -33.86 26.61
N LEU B 59 37.06 -32.65 26.35
CA LEU B 59 37.66 -31.78 25.35
C LEU B 59 39.15 -31.54 25.59
N GLU B 60 39.54 -31.33 26.85
CA GLU B 60 40.94 -31.08 27.17
CA GLU B 60 40.94 -31.09 27.19
C GLU B 60 41.81 -32.27 26.76
N GLU B 61 41.37 -33.47 27.13
CA GLU B 61 42.04 -34.72 26.78
C GLU B 61 42.10 -34.89 25.26
N PHE B 62 40.97 -34.63 24.61
CA PHE B 62 40.86 -34.68 23.16
C PHE B 62 41.89 -33.80 22.48
N VAL B 63 41.82 -32.51 22.77
CA VAL B 63 42.72 -31.54 22.17
C VAL B 63 44.18 -31.91 22.44
N GLY B 64 44.49 -32.28 23.68
CA GLY B 64 45.84 -32.63 24.09
C GLY B 64 46.42 -33.81 23.36
N SER B 65 45.57 -34.72 22.90
CA SER B 65 46.00 -35.93 22.19
C SER B 65 46.46 -35.69 20.75
N LEU B 66 46.25 -34.49 20.22
CA LEU B 66 46.46 -34.24 18.80
C LEU B 66 47.78 -33.52 18.52
N GLU B 67 48.49 -33.98 17.49
CA GLU B 67 49.68 -33.30 16.98
C GLU B 67 49.30 -31.96 16.43
N LYS B 68 50.19 -30.99 16.54
CA LYS B 68 49.94 -29.68 15.95
C LYS B 68 50.55 -29.62 14.55
N PRO B 69 49.97 -28.79 13.67
CA PRO B 69 48.71 -28.08 13.86
C PRO B 69 47.56 -29.06 13.98
N ARG B 70 46.69 -28.83 14.95
CA ARG B 70 45.62 -29.77 15.22
CA ARG B 70 45.59 -29.76 15.23
C ARG B 70 44.56 -29.75 14.11
N ARG B 71 44.23 -30.94 13.61
CA ARG B 71 43.20 -31.13 12.58
C ARG B 71 41.99 -31.86 13.19
N ILE B 72 40.93 -31.10 13.42
CA ILE B 72 39.78 -31.56 14.17
C ILE B 72 38.54 -31.45 13.29
N MET B 73 37.81 -32.56 13.13
CA MET B 73 36.60 -32.57 12.31
C MET B 73 35.33 -32.74 13.14
N LEU B 74 34.47 -31.72 13.09
CA LEU B 74 33.19 -31.72 13.76
C LEU B 74 32.15 -32.45 12.93
N MET B 75 31.53 -33.46 13.54
CA MET B 75 30.40 -34.17 12.95
C MET B 75 29.27 -34.19 13.96
N VAL B 76 28.86 -33.00 14.37
CA VAL B 76 27.78 -32.83 15.32
C VAL B 76 26.58 -32.19 14.67
N GLN B 77 25.46 -32.19 15.40
CA GLN B 77 24.21 -31.67 14.88
C GLN B 77 24.38 -30.24 14.37
N ALA B 78 23.74 -29.96 13.24
CA ALA B 78 23.90 -28.70 12.56
C ALA B 78 23.20 -27.61 13.36
N GLY B 79 23.67 -26.37 13.20
CA GLY B 79 23.04 -25.23 13.84
C GLY B 79 23.70 -24.89 15.16
N ALA B 80 22.88 -24.61 16.15
CA ALA B 80 23.33 -24.14 17.46
C ALA B 80 24.34 -25.08 18.13
N ALA B 81 24.15 -26.39 17.92
CA ALA B 81 24.99 -27.40 18.54
C ALA B 81 26.45 -27.38 18.06
N THR B 82 26.63 -27.12 16.76
CA THR B 82 27.95 -26.95 16.17
C THR B 82 28.65 -25.68 16.70
N ASP B 83 27.90 -24.59 16.87
CA ASP B 83 28.46 -23.38 17.47
C ASP B 83 28.83 -23.61 18.94
N ALA B 84 28.00 -24.39 19.64
CA ALA B 84 28.29 -24.70 21.04
C ALA B 84 29.59 -25.49 21.13
N THR B 85 29.73 -26.46 20.26
CA THR B 85 30.90 -27.34 20.22
C THR B 85 32.17 -26.57 19.81
N ILE B 86 32.04 -25.66 18.85
CA ILE B 86 33.14 -24.78 18.47
C ILE B 86 33.56 -23.92 19.66
N LYS B 87 32.58 -23.26 20.28
CA LYS B 87 32.83 -22.45 21.48
C LYS B 87 33.52 -23.23 22.61
N SER B 88 33.17 -24.50 22.75
CA SER B 88 33.78 -25.37 23.75
C SER B 88 35.25 -25.63 23.45
N LEU B 89 35.61 -25.72 22.17
CA LEU B 89 36.98 -26.03 21.77
C LEU B 89 37.92 -24.82 21.79
N LEU B 90 37.41 -23.66 21.39
CA LEU B 90 38.21 -22.46 21.15
C LEU B 90 39.32 -22.19 22.18
N PRO B 91 38.98 -22.16 23.48
CA PRO B 91 39.99 -21.88 24.51
C PRO B 91 41.14 -22.89 24.62
N LEU B 92 40.95 -24.09 24.09
CA LEU B 92 41.94 -25.15 24.21
C LEU B 92 42.89 -25.19 23.01
N LEU B 93 42.49 -24.55 21.93
CA LEU B 93 43.23 -24.66 20.68
C LEU B 93 44.37 -23.66 20.66
N ASP B 94 45.37 -23.98 19.86
CA ASP B 94 46.46 -23.05 19.60
C ASP B 94 46.22 -22.36 18.27
N ILE B 95 46.81 -21.17 18.13
CA ILE B 95 46.78 -20.44 16.87
C ILE B 95 47.37 -21.34 15.78
N GLY B 96 46.68 -21.39 14.64
CA GLY B 96 47.13 -22.20 13.51
C GLY B 96 46.45 -23.56 13.41
N ASP B 97 45.73 -23.95 14.47
CA ASP B 97 44.93 -25.18 14.46
C ASP B 97 43.79 -25.06 13.45
N ILE B 98 43.26 -26.20 13.05
CA ILE B 98 42.32 -26.30 11.95
C ILE B 98 41.07 -27.03 12.40
N LEU B 99 39.95 -26.32 12.47
CA LEU B 99 38.65 -26.92 12.68
C LEU B 99 38.00 -27.17 11.33
N ILE B 100 37.25 -28.26 11.25
CA ILE B 100 36.59 -28.66 10.03
C ILE B 100 35.15 -29.02 10.42
N ASP B 101 34.18 -28.39 9.78
CA ASP B 101 32.79 -28.73 10.02
C ASP B 101 32.31 -29.53 8.83
N GLY B 102 32.00 -30.82 9.07
CA GLY B 102 31.51 -31.72 8.04
C GLY B 102 30.00 -31.95 8.06
N GLY B 103 29.29 -31.17 8.88
CA GLY B 103 27.83 -31.26 8.95
C GLY B 103 27.18 -30.57 7.76
N ASN B 104 25.91 -30.87 7.52
CA ASN B 104 25.17 -30.25 6.43
C ASN B 104 24.77 -28.86 6.91
N THR B 105 25.68 -27.91 6.69
CA THR B 105 25.60 -26.59 7.27
C THR B 105 25.17 -25.62 6.20
N HIS B 106 24.27 -24.74 6.58
CA HIS B 106 23.84 -23.65 5.73
C HIS B 106 25.02 -22.72 5.59
N PHE B 107 25.44 -22.42 4.37
CA PHE B 107 26.73 -21.77 4.15
C PHE B 107 26.97 -20.43 4.87
N PRO B 108 25.91 -19.60 5.06
CA PRO B 108 26.19 -18.32 5.77
C PRO B 108 26.70 -18.54 7.18
N ASP B 109 26.31 -19.65 7.81
CA ASP B 109 26.85 -20.07 9.10
C ASP B 109 28.35 -20.33 9.03
N THR B 110 28.75 -21.03 7.97
CA THR B 110 30.17 -21.29 7.71
C THR B 110 30.96 -20.00 7.46
N MET B 111 30.38 -19.10 6.68
CA MET B 111 31.03 -17.83 6.40
C MET B 111 31.27 -17.01 7.67
N ARG B 112 30.30 -17.05 8.60
CA ARG B 112 30.42 -16.37 9.89
C ARG B 112 31.48 -17.03 10.76
N ARG B 113 31.36 -18.34 10.94
CA ARG B 113 32.31 -19.07 11.78
C ARG B 113 33.73 -18.90 11.29
N ASN B 114 33.93 -19.02 9.98
CA ASN B 114 35.25 -18.84 9.38
C ASN B 114 35.86 -17.48 9.70
N ALA B 115 35.06 -16.43 9.58
CA ALA B 115 35.51 -15.07 9.88
C ALA B 115 35.85 -14.88 11.35
N GLU B 116 34.94 -15.33 12.21
CA GLU B 116 35.11 -15.15 13.64
C GLU B 116 36.31 -15.95 14.13
N LEU B 117 36.47 -17.18 13.67
CA LEU B 117 37.59 -18.00 14.10
C LEU B 117 38.94 -17.48 13.62
N ALA B 118 38.96 -16.88 12.44
CA ALA B 118 40.17 -16.27 11.88
C ALA B 118 40.69 -15.13 12.76
N ASP B 119 39.79 -14.39 13.41
CA ASP B 119 40.20 -13.37 14.39
C ASP B 119 40.87 -13.99 15.62
N SER B 120 40.53 -15.24 15.92
CA SER B 120 41.19 -15.97 16.99
C SER B 120 42.40 -16.78 16.50
N GLY B 121 42.74 -16.65 15.21
CA GLY B 121 43.88 -17.34 14.64
C GLY B 121 43.63 -18.81 14.40
N ILE B 122 42.37 -19.19 14.32
CA ILE B 122 41.99 -20.58 14.05
C ILE B 122 41.47 -20.70 12.62
N ASN B 123 41.97 -21.70 11.90
CA ASN B 123 41.52 -21.98 10.54
C ASN B 123 40.23 -22.75 10.62
N PHE B 124 39.32 -22.49 9.68
CA PHE B 124 38.04 -23.16 9.67
C PHE B 124 37.70 -23.65 8.26
N ILE B 125 37.55 -24.97 8.11
CA ILE B 125 37.24 -25.59 6.83
C ILE B 125 35.82 -26.14 6.85
N GLY B 126 34.88 -25.38 6.28
CA GLY B 126 33.51 -25.87 6.11
C GLY B 126 33.49 -26.85 4.97
N THR B 127 33.11 -28.10 5.26
CA THR B 127 33.17 -29.19 4.29
CA THR B 127 33.15 -29.15 4.24
C THR B 127 31.84 -29.92 4.10
N GLY B 128 31.36 -30.00 2.86
CA GLY B 128 30.19 -30.81 2.54
C GLY B 128 30.62 -32.27 2.41
N VAL B 129 29.83 -33.17 2.99
CA VAL B 129 30.13 -34.60 2.98
C VAL B 129 28.91 -35.37 2.50
N SER B 130 28.96 -35.85 1.27
CA SER B 130 27.86 -36.62 0.68
C SER B 130 28.11 -38.11 0.82
N GLY B 131 27.08 -38.92 0.57
CA GLY B 131 27.20 -40.38 0.57
C GLY B 131 26.54 -41.06 1.76
N GLY B 132 26.06 -40.27 2.72
CA GLY B 132 25.43 -40.78 3.93
C GLY B 132 26.38 -41.58 4.82
N GLU B 133 25.80 -42.48 5.59
CA GLU B 133 26.55 -43.29 6.54
C GLU B 133 27.55 -44.23 5.86
N LYS B 134 27.13 -44.86 4.78
CA LYS B 134 27.97 -45.78 4.02
C LYS B 134 29.13 -45.01 3.38
N GLY B 135 28.81 -43.88 2.76
CA GLY B 135 29.82 -42.96 2.23
C GLY B 135 30.85 -42.50 3.26
N ALA B 136 30.41 -42.16 4.46
CA ALA B 136 31.36 -41.75 5.50
C ALA B 136 32.34 -42.87 5.83
N LEU B 137 31.81 -44.08 5.95
CA LEU B 137 32.63 -45.26 6.23
C LEU B 137 33.59 -45.60 5.09
N LEU B 138 33.08 -45.63 3.86
CA LEU B 138 33.80 -46.20 2.72
C LEU B 138 34.40 -45.19 1.72
N GLY B 139 33.79 -44.01 1.60
CA GLY B 139 34.26 -43.02 0.65
C GLY B 139 33.20 -42.00 0.28
N PRO B 140 33.25 -40.81 0.89
CA PRO B 140 32.32 -39.73 0.55
C PRO B 140 32.80 -38.85 -0.58
N SER B 141 31.87 -38.13 -1.20
CA SER B 141 32.22 -36.98 -2.04
C SER B 141 32.34 -35.78 -1.09
N MET B 142 33.46 -35.07 -1.13
CA MET B 142 33.67 -33.99 -0.18
C MET B 142 33.86 -32.68 -0.91
N MET B 143 33.30 -31.62 -0.33
CA MET B 143 33.35 -30.28 -0.89
C MET B 143 33.81 -29.30 0.18
N PRO B 144 35.13 -29.24 0.42
CA PRO B 144 35.74 -28.37 1.42
C PRO B 144 36.00 -26.95 0.96
N GLY B 145 35.80 -26.01 1.89
CA GLY B 145 36.15 -24.60 1.69
C GLY B 145 36.71 -23.98 2.96
N GLY B 146 37.58 -23.00 2.80
CA GLY B 146 38.21 -22.29 3.92
C GLY B 146 39.59 -21.82 3.52
N GLN B 147 40.47 -21.61 4.50
CA GLN B 147 41.84 -21.18 4.22
C GLN B 147 42.60 -22.23 3.40
N LYS B 148 43.18 -21.83 2.28
CA LYS B 148 43.86 -22.77 1.38
C LYS B 148 45.08 -23.45 2.04
N GLU B 149 45.91 -22.69 2.76
CA GLU B 149 47.06 -23.25 3.46
C GLU B 149 46.69 -24.31 4.48
N ALA B 150 45.60 -24.07 5.22
CA ALA B 150 45.09 -25.06 6.15
C ALA B 150 44.60 -26.29 5.39
N TYR B 151 43.79 -26.07 4.35
CA TYR B 151 43.25 -27.18 3.59
C TYR B 151 44.35 -28.06 2.98
N ASP B 152 45.43 -27.44 2.52
CA ASP B 152 46.55 -28.20 1.97
C ASP B 152 47.11 -29.20 2.99
N LEU B 153 47.05 -28.85 4.27
CA LEU B 153 47.49 -29.76 5.34
C LEU B 153 46.47 -30.87 5.64
N VAL B 154 45.20 -30.64 5.32
CA VAL B 154 44.13 -31.63 5.50
C VAL B 154 43.91 -32.50 4.25
N ALA B 155 44.27 -31.95 3.09
CA ALA B 155 44.00 -32.56 1.79
C ALA B 155 44.40 -34.05 1.64
N PRO B 156 45.61 -34.41 2.05
CA PRO B 156 46.05 -35.81 1.91
C PRO B 156 45.08 -36.82 2.51
N ILE B 157 44.61 -36.55 3.73
CA ILE B 157 43.67 -37.44 4.41
C ILE B 157 42.34 -37.52 3.66
N PHE B 158 41.83 -36.36 3.24
CA PHE B 158 40.59 -36.27 2.48
C PHE B 158 40.69 -37.06 1.17
N GLU B 159 41.78 -36.86 0.45
CA GLU B 159 42.01 -37.61 -0.79
C GLU B 159 42.13 -39.12 -0.56
N GLN B 160 42.64 -39.52 0.60
CA GLN B 160 42.77 -40.93 0.92
C GLN B 160 41.42 -41.58 1.28
N ILE B 161 40.59 -40.85 2.03
CA ILE B 161 39.27 -41.36 2.46
C ILE B 161 38.15 -41.17 1.45
N ALA B 162 38.30 -40.19 0.56
CA ALA B 162 37.24 -39.86 -0.38
C ALA B 162 36.92 -41.04 -1.30
N ALA B 163 35.68 -41.08 -1.77
CA ALA B 163 35.30 -41.98 -2.84
C ALA B 163 36.25 -41.77 -4.02
N LYS B 164 36.68 -42.86 -4.64
CA LYS B 164 37.46 -42.78 -5.86
C LYS B 164 36.53 -42.98 -7.04
N ALA B 165 36.65 -42.11 -8.04
CA ALA B 165 35.83 -42.18 -9.25
C ALA B 165 36.13 -43.47 -10.02
N PRO B 166 35.07 -44.26 -10.33
CA PRO B 166 35.29 -45.57 -10.95
C PRO B 166 35.94 -45.55 -12.32
N GLN B 167 35.88 -44.41 -13.01
CA GLN B 167 36.40 -44.35 -14.36
C GLN B 167 37.91 -44.04 -14.42
N ASP B 168 38.48 -43.44 -13.38
CA ASP B 168 39.91 -43.12 -13.39
C ASP B 168 40.60 -43.10 -12.02
N GLY B 169 39.89 -43.52 -10.98
CA GLY B 169 40.41 -43.56 -9.62
C GLY B 169 40.68 -42.23 -8.94
N LYS B 170 40.23 -41.12 -9.53
CA LYS B 170 40.51 -39.80 -8.95
C LYS B 170 39.64 -39.55 -7.70
N PRO B 171 40.26 -39.06 -6.62
CA PRO B 171 39.48 -38.83 -5.41
C PRO B 171 38.38 -37.80 -5.63
N CYS B 172 37.20 -38.08 -5.08
CA CYS B 172 36.06 -37.18 -5.18
C CYS B 172 36.11 -36.13 -4.08
N VAL B 173 37.18 -35.34 -4.12
CA VAL B 173 37.38 -34.18 -3.24
C VAL B 173 38.30 -33.18 -3.92
N ALA B 174 38.07 -31.91 -3.68
CA ALA B 174 38.97 -30.86 -4.14
C ALA B 174 38.64 -29.57 -3.42
N TYR B 175 39.62 -28.68 -3.33
CA TYR B 175 39.41 -27.35 -2.72
C TYR B 175 38.39 -26.55 -3.54
N MET B 176 37.33 -26.11 -2.88
CA MET B 176 36.30 -25.32 -3.55
C MET B 176 36.63 -23.83 -3.58
N GLY B 177 37.16 -23.31 -2.48
CA GLY B 177 37.41 -21.87 -2.36
C GLY B 177 37.37 -21.41 -0.91
N ALA B 178 37.41 -20.11 -0.70
CA ALA B 178 37.48 -19.55 0.65
C ALA B 178 36.18 -19.70 1.47
N ASN B 179 36.30 -19.49 2.77
CA ASN B 179 35.18 -19.55 3.71
C ASN B 179 34.05 -20.57 3.36
N GLY B 180 32.89 -20.08 2.92
CA GLY B 180 31.70 -20.92 2.75
C GLY B 180 31.51 -21.60 1.40
N ALA B 181 32.52 -21.51 0.51
CA ALA B 181 32.41 -22.05 -0.83
C ALA B 181 32.15 -23.56 -0.84
N GLY B 182 32.73 -24.26 0.13
CA GLY B 182 32.55 -25.70 0.25
C GLY B 182 31.10 -26.10 0.50
N HIS B 183 30.53 -25.61 1.60
CA HIS B 183 29.12 -25.86 1.89
C HIS B 183 28.13 -25.27 0.85
N TYR B 184 28.54 -24.23 0.12
CA TYR B 184 27.68 -23.70 -0.94
C TYR B 184 27.51 -24.74 -2.06
N VAL B 185 28.61 -25.37 -2.44
CA VAL B 185 28.59 -26.36 -3.52
C VAL B 185 27.77 -27.56 -3.10
N LYS B 186 27.84 -27.91 -1.81
CA LYS B 186 27.09 -29.03 -1.26
C LYS B 186 25.58 -28.75 -1.26
N MET B 187 25.23 -27.51 -0.94
CA MET B 187 23.85 -27.05 -1.05
C MET B 187 23.31 -27.26 -2.47
N VAL B 188 24.03 -26.74 -3.47
CA VAL B 188 23.61 -26.87 -4.87
C VAL B 188 23.47 -28.33 -5.29
N HIS B 189 24.43 -29.15 -4.85
CA HIS B 189 24.34 -30.59 -5.03
C HIS B 189 23.04 -31.20 -4.46
N ASN B 190 22.59 -30.70 -3.31
CA ASN B 190 21.36 -31.18 -2.69
C ASN B 190 20.11 -30.71 -3.41
N GLY B 191 20.16 -29.48 -3.93
CA GLY B 191 19.08 -28.99 -4.78
C GLY B 191 18.97 -29.86 -6.01
N ILE B 192 20.11 -30.11 -6.65
CA ILE B 192 20.17 -30.87 -7.88
C ILE B 192 19.59 -32.26 -7.67
N GLU B 193 19.90 -32.86 -6.53
CA GLU B 193 19.32 -34.13 -6.13
C GLU B 193 17.78 -34.09 -6.09
N TYR B 194 17.21 -33.02 -5.55
CA TYR B 194 15.77 -32.85 -5.51
C TYR B 194 15.18 -32.84 -6.91
N GLY B 195 15.84 -32.14 -7.82
CA GLY B 195 15.39 -32.03 -9.19
C GLY B 195 15.45 -33.33 -9.97
N ASP B 196 16.56 -34.05 -9.82
CA ASP B 196 16.70 -35.35 -10.47
C ASP B 196 15.62 -36.32 -10.00
N MET B 197 15.31 -36.27 -8.71
CA MET B 197 14.27 -37.14 -8.16
C MET B 197 12.86 -36.81 -8.69
N GLN B 198 12.52 -35.52 -8.79
CA GLN B 198 11.22 -35.11 -9.31
C GLN B 198 11.03 -35.46 -10.79
N LEU B 199 12.11 -35.33 -11.58
CA LEU B 199 12.09 -35.69 -12.99
C LEU B 199 11.87 -37.19 -13.19
N ILE B 200 12.50 -38.00 -12.36
CA ILE B 200 12.27 -39.44 -12.40
C ILE B 200 10.83 -39.75 -11.97
N ALA B 201 10.33 -38.99 -11.00
CA ALA B 201 8.97 -39.18 -10.50
C ALA B 201 7.94 -38.93 -11.60
N GLU B 202 8.16 -37.88 -12.40
CA GLU B 202 7.26 -37.54 -13.51
C GLU B 202 7.37 -38.59 -14.61
N SER B 203 8.60 -38.98 -14.94
CA SER B 203 8.84 -40.05 -15.91
C SER B 203 8.07 -41.28 -15.52
N TYR B 204 8.16 -41.66 -14.24
CA TYR B 204 7.42 -42.80 -13.69
C TYR B 204 5.89 -42.61 -13.79
N ASP B 205 5.42 -41.41 -13.45
CA ASP B 205 3.99 -41.13 -13.45
C ASP B 205 3.37 -41.14 -14.85
N LEU B 206 4.13 -40.67 -15.85
CA LEU B 206 3.68 -40.74 -17.25
C LEU B 206 3.58 -42.18 -17.72
N LEU B 207 4.62 -42.95 -17.45
CA LEU B 207 4.60 -44.35 -17.85
C LEU B 207 3.44 -45.10 -17.19
N LYS B 208 3.17 -44.78 -15.94
CA LYS B 208 2.10 -45.42 -15.20
C LYS B 208 0.72 -44.94 -15.67
N ARG B 209 0.48 -43.63 -15.64
CA ARG B 209 -0.85 -43.09 -15.88
C ARG B 209 -1.26 -43.13 -17.36
N ILE B 210 -0.37 -42.68 -18.23
CA ILE B 210 -0.72 -42.52 -19.62
C ILE B 210 -0.57 -43.85 -20.38
N LEU B 211 0.58 -44.49 -20.23
CA LEU B 211 0.84 -45.72 -20.97
C LEU B 211 0.35 -46.95 -20.23
N GLY B 212 -0.13 -46.79 -19.01
CA GLY B 212 -0.72 -47.92 -18.25
C GLY B 212 0.23 -49.05 -17.89
N LEU B 213 1.54 -48.76 -17.86
CA LEU B 213 2.54 -49.80 -17.68
C LEU B 213 2.59 -50.30 -16.24
N SER B 214 2.95 -51.57 -16.09
CA SER B 214 3.05 -52.20 -14.77
C SER B 214 4.39 -51.81 -14.14
N ASN B 215 4.59 -52.20 -12.89
CA ASN B 215 5.85 -51.90 -12.22
C ASN B 215 7.01 -52.69 -12.82
N ALA B 216 6.76 -53.93 -13.23
CA ALA B 216 7.81 -54.74 -13.86
C ALA B 216 8.20 -54.14 -15.20
N GLU B 217 7.20 -53.67 -15.94
CA GLU B 217 7.44 -52.99 -17.21
C GLU B 217 8.29 -51.73 -17.03
N ILE B 218 7.95 -50.92 -16.03
CA ILE B 218 8.66 -49.66 -15.77
C ILE B 218 10.09 -49.94 -15.25
N GLN B 219 10.22 -50.97 -14.42
CA GLN B 219 11.54 -51.44 -14.00
C GLN B 219 12.45 -51.74 -15.20
N ALA B 220 11.93 -52.47 -16.17
CA ALA B 220 12.68 -52.83 -17.38
C ALA B 220 13.10 -51.60 -18.18
N ILE B 221 12.18 -50.65 -18.33
CA ILE B 221 12.48 -49.42 -19.06
C ILE B 221 13.62 -48.61 -18.38
N PHE B 222 13.58 -48.47 -17.06
CA PHE B 222 14.65 -47.75 -16.36
C PHE B 222 15.98 -48.48 -16.50
N GLU B 223 15.94 -49.81 -16.40
CA GLU B 223 17.12 -50.62 -16.64
C GLU B 223 17.73 -50.34 -18.01
N GLU B 224 16.91 -50.32 -19.05
CA GLU B 224 17.41 -50.08 -20.39
CA GLU B 224 17.37 -50.07 -20.41
C GLU B 224 17.90 -48.65 -20.54
N TRP B 225 17.17 -47.69 -19.97
CA TRP B 225 17.58 -46.28 -20.00
C TRP B 225 18.95 -46.07 -19.36
N ASN B 226 19.23 -46.82 -18.30
CA ASN B 226 20.47 -46.66 -17.53
C ASN B 226 21.72 -47.21 -18.23
N GLU B 227 21.51 -47.96 -19.33
CA GLU B 227 22.63 -48.48 -20.09
CA GLU B 227 22.60 -48.50 -20.13
C GLU B 227 23.11 -47.47 -21.13
N GLY B 228 22.35 -46.40 -21.32
CA GLY B 228 22.71 -45.35 -22.26
C GLY B 228 23.16 -44.11 -21.53
N GLU B 229 23.04 -42.97 -22.20
CA GLU B 229 23.57 -41.70 -21.70
C GLU B 229 23.01 -41.26 -20.34
N LEU B 230 21.81 -41.72 -20.01
CA LEU B 230 21.20 -41.40 -18.71
C LEU B 230 21.88 -42.09 -17.51
N ASP B 231 22.73 -43.09 -17.78
CA ASP B 231 23.43 -43.85 -16.73
C ASP B 231 23.61 -43.04 -15.45
N SER B 232 22.90 -43.43 -14.39
CA SER B 232 22.91 -42.71 -13.12
C SER B 232 22.49 -43.59 -11.95
N TYR B 233 23.04 -43.32 -10.77
CA TYR B 233 22.75 -44.10 -9.60
C TYR B 233 21.28 -43.98 -9.17
N LEU B 234 20.70 -42.79 -9.33
CA LEU B 234 19.28 -42.60 -8.98
C LEU B 234 18.33 -43.47 -9.81
N ILE B 235 18.68 -43.73 -11.07
CA ILE B 235 17.89 -44.60 -11.92
C ILE B 235 18.07 -46.05 -11.51
N GLU B 236 19.30 -46.41 -11.13
CA GLU B 236 19.58 -47.72 -10.56
C GLU B 236 18.75 -47.96 -9.30
N ILE B 237 18.74 -46.97 -8.40
CA ILE B 237 17.93 -47.06 -7.18
C ILE B 237 16.48 -47.26 -7.54
N THR B 238 16.03 -46.50 -8.55
CA THR B 238 14.63 -46.50 -8.95
C THR B 238 14.19 -47.86 -9.44
N LYS B 239 14.96 -48.48 -10.33
CA LYS B 239 14.59 -49.81 -10.82
C LYS B 239 14.70 -50.88 -9.72
N GLU B 240 15.56 -50.65 -8.73
CA GLU B 240 15.62 -51.57 -7.57
C GLU B 240 14.37 -51.47 -6.68
N VAL B 241 13.93 -50.26 -6.43
CA VAL B 241 12.70 -50.02 -5.66
C VAL B 241 11.50 -50.72 -6.31
N LEU B 242 11.40 -50.66 -7.63
CA LEU B 242 10.24 -51.23 -8.33
C LEU B 242 10.16 -52.76 -8.24
N LYS B 243 11.30 -53.40 -7.92
CA LYS B 243 11.35 -54.85 -7.78
C LYS B 243 10.68 -55.36 -6.51
N ARG B 244 10.76 -54.57 -5.45
CA ARG B 244 10.55 -55.09 -4.09
C ARG B 244 9.07 -55.28 -3.71
N LYS B 245 8.78 -56.41 -3.08
CA LYS B 245 7.43 -56.73 -2.59
C LYS B 245 7.11 -55.98 -1.30
N ASP B 246 5.83 -55.79 -1.05
CA ASP B 246 5.37 -55.25 0.22
C ASP B 246 5.74 -56.23 1.34
N ASP B 247 6.43 -55.71 2.35
CA ASP B 247 6.81 -56.49 3.52
C ASP B 247 5.68 -56.73 4.54
N GLU B 248 4.57 -55.99 4.42
CA GLU B 248 3.40 -56.20 5.29
C GLU B 248 2.12 -56.36 4.50
N GLY B 249 2.21 -56.97 3.33
CA GLY B 249 1.02 -57.19 2.50
C GLY B 249 1.34 -57.72 1.13
N GLU B 250 0.34 -57.66 0.27
CA GLU B 250 0.46 -58.15 -1.10
CA GLU B 250 0.44 -58.13 -1.10
C GLU B 250 0.90 -57.00 -2.00
N GLY B 251 1.49 -57.35 -3.14
CA GLY B 251 1.93 -56.36 -4.11
C GLY B 251 3.31 -55.77 -3.81
N TYR B 252 3.50 -54.55 -4.28
CA TYR B 252 4.79 -53.87 -4.25
C TYR B 252 4.84 -52.80 -3.16
N ILE B 253 5.98 -52.68 -2.49
CA ILE B 253 6.13 -51.71 -1.40
C ILE B 253 5.93 -50.28 -1.90
N VAL B 254 6.33 -50.02 -3.15
CA VAL B 254 6.25 -48.66 -3.66
C VAL B 254 4.80 -48.16 -3.76
N ASP B 255 3.86 -49.09 -3.93
CA ASP B 255 2.42 -48.77 -4.04
C ASP B 255 1.75 -48.64 -2.68
N LYS B 256 2.48 -48.97 -1.64
CA LYS B 256 1.97 -48.90 -0.29
C LYS B 256 2.52 -47.66 0.44
N ILE B 257 3.58 -47.07 -0.09
CA ILE B 257 4.18 -45.88 0.51
C ILE B 257 3.31 -44.66 0.26
N LEU B 258 2.97 -43.94 1.33
CA LEU B 258 2.10 -42.77 1.24
C LEU B 258 2.82 -41.63 0.56
N ASP B 259 2.11 -40.94 -0.34
CA ASP B 259 2.68 -39.88 -1.16
C ASP B 259 2.70 -38.50 -0.48
N LYS B 260 3.43 -38.44 0.64
CA LYS B 260 3.67 -37.20 1.38
C LYS B 260 5.17 -37.08 1.64
N ALA B 261 5.84 -36.25 0.85
CA ALA B 261 7.30 -36.20 0.84
C ALA B 261 7.86 -35.40 2.00
N GLY B 262 9.02 -35.83 2.50
CA GLY B 262 9.73 -35.16 3.59
C GLY B 262 10.60 -34.02 3.10
N GLY B 265 12.17 -29.01 5.52
CA GLY B 265 13.55 -29.40 5.91
C GLY B 265 14.64 -28.41 5.49
N THR B 266 15.60 -28.87 4.69
CA THR B 266 16.70 -28.02 4.19
C THR B 266 16.79 -27.99 2.66
N GLY B 267 15.84 -28.64 2.01
CA GLY B 267 15.78 -28.69 0.55
C GLY B 267 15.59 -27.34 -0.08
N LYS B 268 14.92 -26.45 0.65
CA LYS B 268 14.68 -25.08 0.21
C LYS B 268 15.92 -24.20 -0.02
N TRP B 269 17.08 -24.58 0.52
CA TRP B 269 18.23 -23.67 0.59
C TRP B 269 18.72 -23.19 -0.77
N THR B 270 18.87 -24.11 -1.73
CA THR B 270 19.35 -23.73 -3.06
C THR B 270 18.44 -22.67 -3.70
N SER B 271 17.15 -22.96 -3.72
CA SER B 271 16.15 -22.01 -4.21
C SER B 271 16.18 -20.64 -3.49
N GLU B 272 16.32 -20.67 -2.17
CA GLU B 272 16.46 -19.43 -1.38
C GLU B 272 17.65 -18.60 -1.84
N SER B 273 18.79 -19.24 -2.09
CA SER B 273 19.97 -18.52 -2.55
C SER B 273 19.76 -17.97 -3.98
N ALA B 274 19.15 -18.80 -4.82
CA ALA B 274 18.78 -18.40 -6.18
C ALA B 274 17.95 -17.13 -6.17
N LEU B 275 16.92 -17.07 -5.32
CA LEU B 275 16.07 -15.87 -5.18
C LEU B 275 16.87 -14.66 -4.71
N ASP B 276 17.77 -14.89 -3.76
CA ASP B 276 18.63 -13.85 -3.21
C ASP B 276 19.62 -13.31 -4.24
N LEU B 277 20.13 -14.19 -5.11
CA LEU B 277 21.18 -13.81 -6.07
C LEU B 277 20.67 -13.34 -7.43
N GLY B 278 19.37 -13.41 -7.67
CA GLY B 278 18.81 -12.98 -8.95
C GLY B 278 18.95 -14.02 -10.05
N VAL B 279 19.13 -15.28 -9.64
CA VAL B 279 19.35 -16.39 -10.57
C VAL B 279 18.05 -17.15 -10.83
N PRO B 280 17.73 -17.42 -12.11
CA PRO B 280 16.55 -18.24 -12.39
C PRO B 280 16.85 -19.71 -12.15
N LEU B 281 16.16 -20.28 -11.16
CA LEU B 281 16.32 -21.69 -10.82
C LEU B 281 14.95 -22.35 -10.72
N PRO B 282 14.17 -22.31 -11.80
CA PRO B 282 12.82 -22.85 -11.78
C PRO B 282 12.69 -24.37 -11.54
N LEU B 283 13.54 -25.18 -12.16
CA LEU B 283 13.32 -26.64 -12.08
C LEU B 283 13.49 -27.19 -10.65
N ILE B 284 14.60 -26.90 -10.01
CA ILE B 284 14.83 -27.32 -8.64
C ILE B 284 13.76 -26.72 -7.70
N THR B 285 13.40 -25.46 -7.92
CA THR B 285 12.37 -24.84 -7.11
C THR B 285 10.99 -25.47 -7.32
N GLU B 286 10.66 -25.82 -8.56
CA GLU B 286 9.43 -26.57 -8.84
C GLU B 286 9.46 -27.92 -8.12
N SER B 287 10.65 -28.54 -8.05
CA SER B 287 10.79 -29.83 -7.40
CA SER B 287 10.77 -29.84 -7.41
C SER B 287 10.54 -29.71 -5.91
N VAL B 288 11.05 -28.63 -5.32
CA VAL B 288 10.79 -28.37 -3.91
C VAL B 288 9.29 -28.22 -3.69
N PHE B 289 8.64 -27.43 -4.54
CA PHE B 289 7.21 -27.22 -4.44
C PHE B 289 6.39 -28.46 -4.75
N ALA B 290 6.95 -29.38 -5.54
CA ALA B 290 6.30 -30.68 -5.78
C ALA B 290 6.20 -31.44 -4.48
N ARG B 291 7.26 -31.42 -3.69
CA ARG B 291 7.23 -32.09 -2.40
C ARG B 291 6.21 -31.42 -1.49
N TYR B 292 6.27 -30.10 -1.42
CA TYR B 292 5.36 -29.34 -0.56
C TYR B 292 3.91 -29.73 -0.83
N ILE B 293 3.53 -29.75 -2.12
CA ILE B 293 2.13 -30.02 -2.46
C ILE B 293 1.74 -31.48 -2.19
N SER B 294 2.71 -32.39 -2.21
CA SER B 294 2.42 -33.77 -1.83
C SER B 294 2.07 -33.83 -0.36
N THR B 295 2.67 -32.94 0.45
CA THR B 295 2.35 -32.89 1.88
C THR B 295 0.93 -32.38 2.12
N TYR B 296 0.32 -31.71 1.13
CA TYR B 296 -1.11 -31.32 1.20
C TYR B 296 -2.07 -32.46 0.76
N LYS B 297 -1.71 -33.70 1.07
CA LYS B 297 -2.51 -34.89 0.75
C LYS B 297 -4.01 -34.73 1.06
N ASP B 298 -4.35 -34.27 2.26
CA ASP B 298 -5.76 -34.19 2.70
C ASP B 298 -6.57 -33.29 1.78
N GLU B 299 -6.00 -32.15 1.42
CA GLU B 299 -6.64 -31.25 0.48
C GLU B 299 -6.79 -31.86 -0.91
N ARG B 300 -5.78 -32.60 -1.35
CA ARG B 300 -5.80 -33.22 -2.69
C ARG B 300 -6.87 -34.33 -2.80
N VAL B 301 -7.07 -35.05 -1.70
CA VAL B 301 -8.08 -36.09 -1.66
C VAL B 301 -9.46 -35.44 -1.87
N LYS B 302 -9.73 -34.36 -1.14
CA LYS B 302 -10.95 -33.55 -1.33
C LYS B 302 -11.10 -33.01 -2.75
N ALA B 303 -10.01 -32.47 -3.28
CA ALA B 303 -10.00 -31.85 -4.61
C ALA B 303 -10.19 -32.88 -5.71
N SER B 304 -9.58 -34.05 -5.55
CA SER B 304 -9.78 -35.16 -6.48
C SER B 304 -11.26 -35.52 -6.65
N LYS B 305 -12.09 -35.23 -5.65
CA LYS B 305 -13.51 -35.54 -5.71
C LYS B 305 -14.40 -34.46 -6.32
N VAL B 306 -13.92 -33.22 -6.44
CA VAL B 306 -14.75 -32.12 -7.00
C VAL B 306 -14.20 -31.43 -8.25
N LEU B 307 -12.88 -31.39 -8.41
CA LEU B 307 -12.27 -30.77 -9.58
C LEU B 307 -12.28 -31.74 -10.76
N SER B 308 -12.60 -31.23 -11.95
CA SER B 308 -12.71 -32.06 -13.15
C SER B 308 -11.40 -32.08 -13.92
N GLY B 309 -11.25 -33.10 -14.76
CA GLY B 309 -10.09 -33.21 -15.64
C GLY B 309 -10.36 -34.23 -16.73
N PRO B 310 -9.52 -34.23 -17.77
CA PRO B 310 -9.70 -35.12 -18.90
C PRO B 310 -9.60 -36.58 -18.53
N ALA B 311 -10.29 -37.43 -19.30
CA ALA B 311 -10.30 -38.88 -19.07
C ALA B 311 -9.94 -39.62 -20.34
N LEU B 312 -8.67 -39.55 -20.73
CA LEU B 312 -8.22 -40.11 -22.01
C LEU B 312 -7.62 -41.51 -21.88
N ASP B 313 -7.83 -42.32 -22.92
CA ASP B 313 -7.12 -43.60 -23.07
CA ASP B 313 -7.12 -43.60 -23.08
C ASP B 313 -6.11 -43.44 -24.21
N PHE B 314 -4.83 -43.64 -23.90
CA PHE B 314 -3.76 -43.50 -24.89
C PHE B 314 -3.92 -44.46 -26.10
N SER B 315 -3.79 -43.94 -27.31
CA SER B 315 -3.91 -44.78 -28.53
C SER B 315 -2.61 -44.93 -29.35
N GLY B 316 -1.64 -44.05 -29.14
CA GLY B 316 -0.41 -44.06 -29.93
C GLY B 316 0.47 -45.29 -29.77
N ASP B 317 1.72 -45.15 -30.19
CA ASP B 317 2.71 -46.21 -30.14
C ASP B 317 3.45 -46.15 -28.81
N LYS B 318 3.35 -47.18 -28.00
CA LYS B 318 3.94 -47.18 -26.66
C LYS B 318 5.45 -47.01 -26.66
N LYS B 319 6.13 -47.77 -27.52
CA LYS B 319 7.59 -47.73 -27.65
C LYS B 319 8.11 -46.36 -28.08
N GLU B 320 7.43 -45.73 -29.04
CA GLU B 320 7.81 -44.41 -29.54
CA GLU B 320 7.82 -44.41 -29.54
C GLU B 320 7.77 -43.36 -28.43
N VAL B 321 6.71 -43.39 -27.64
CA VAL B 321 6.50 -42.43 -26.57
C VAL B 321 7.45 -42.66 -25.37
N ILE B 322 7.73 -43.93 -25.06
CA ILE B 322 8.71 -44.25 -24.02
C ILE B 322 10.06 -43.58 -24.33
N GLU B 323 10.48 -43.68 -25.60
CA GLU B 323 11.72 -43.05 -26.05
C GLU B 323 11.60 -41.51 -26.04
N LYS B 324 10.44 -40.97 -26.40
CA LYS B 324 10.23 -39.52 -26.32
C LYS B 324 10.36 -39.06 -24.86
N ILE B 325 9.85 -39.86 -23.93
CA ILE B 325 9.99 -39.56 -22.49
C ILE B 325 11.46 -39.66 -22.07
N ARG B 326 12.16 -40.69 -22.54
CA ARG B 326 13.60 -40.82 -22.26
C ARG B 326 14.34 -39.54 -22.63
N LYS B 327 14.15 -39.07 -23.86
CA LYS B 327 14.74 -37.80 -24.33
C LYS B 327 14.33 -36.60 -23.45
N ALA B 328 13.05 -36.48 -23.17
CA ALA B 328 12.56 -35.42 -22.29
C ALA B 328 13.28 -35.43 -20.92
N LEU B 329 13.52 -36.63 -20.38
CA LEU B 329 14.23 -36.76 -19.10
C LEU B 329 15.65 -36.19 -19.18
N TYR B 330 16.41 -36.60 -20.19
CA TYR B 330 17.83 -36.20 -20.30
C TYR B 330 17.92 -34.71 -20.60
N PHE B 331 17.01 -34.25 -21.44
CA PHE B 331 16.91 -32.86 -21.81
C PHE B 331 16.65 -32.00 -20.58
N SER B 332 15.65 -32.40 -19.79
CA SER B 332 15.22 -31.62 -18.62
C SER B 332 16.27 -31.68 -17.51
N LYS B 333 16.86 -32.85 -17.31
CA LYS B 333 17.97 -32.99 -16.41
C LYS B 333 19.08 -32.00 -16.83
N ILE B 334 19.34 -31.88 -18.13
CA ILE B 334 20.33 -30.91 -18.63
C ILE B 334 19.96 -29.46 -18.32
N MET B 335 18.66 -29.15 -18.41
CA MET B 335 18.16 -27.82 -18.04
C MET B 335 18.47 -27.51 -16.59
N SER B 336 18.25 -28.48 -15.70
CA SER B 336 18.43 -28.29 -14.27
C SER B 336 19.90 -28.05 -13.89
N TYR B 337 20.80 -28.80 -14.52
CA TYR B 337 22.22 -28.68 -14.22
C TYR B 337 22.74 -27.35 -14.76
N ALA B 338 22.30 -26.97 -15.95
CA ALA B 338 22.64 -25.67 -16.50
C ALA B 338 22.23 -24.56 -15.54
N GLN B 339 21.02 -24.68 -15.00
CA GLN B 339 20.54 -23.70 -14.06
C GLN B 339 21.40 -23.70 -12.79
N GLY B 340 21.66 -24.89 -12.28
CA GLY B 340 22.44 -25.04 -11.06
C GLY B 340 23.87 -24.56 -11.19
N PHE B 341 24.52 -24.83 -12.31
CA PHE B 341 25.87 -24.33 -12.54
C PHE B 341 25.90 -22.82 -12.81
N ALA B 342 24.81 -22.28 -13.36
CA ALA B 342 24.69 -20.83 -13.51
C ALA B 342 24.51 -20.15 -12.14
N GLN B 343 23.80 -20.79 -11.23
CA GLN B 343 23.73 -20.29 -9.86
C GLN B 343 25.11 -20.30 -9.19
N LEU B 344 25.87 -21.38 -9.41
CA LEU B 344 27.21 -21.49 -8.85
C LEU B 344 28.09 -20.40 -9.41
N ARG B 345 27.90 -20.07 -10.70
CA ARG B 345 28.69 -19.00 -11.32
C ARG B 345 28.41 -17.65 -10.67
N LYS B 346 27.13 -17.34 -10.46
CA LYS B 346 26.73 -16.08 -9.82
C LYS B 346 27.27 -16.01 -8.38
N ALA B 347 27.11 -17.10 -7.63
CA ALA B 347 27.59 -17.14 -6.25
C ALA B 347 29.09 -16.91 -6.20
N SER B 348 29.82 -17.50 -7.15
CA SER B 348 31.27 -17.34 -7.23
C SER B 348 31.67 -15.87 -7.45
N GLU B 349 30.92 -15.15 -8.29
CA GLU B 349 31.17 -13.72 -8.53
CA GLU B 349 31.18 -13.72 -8.52
C GLU B 349 30.84 -12.92 -7.27
N GLU B 350 29.69 -13.21 -6.69
CA GLU B 350 29.18 -12.53 -5.51
C GLU B 350 30.11 -12.61 -4.30
N PHE B 351 30.59 -13.83 -4.01
CA PHE B 351 31.40 -14.09 -2.82
C PHE B 351 32.89 -14.18 -3.12
N ASP B 352 33.25 -14.01 -4.40
CA ASP B 352 34.63 -14.04 -4.86
C ASP B 352 35.35 -15.33 -4.52
N TRP B 353 34.86 -16.44 -5.08
CA TRP B 353 35.36 -17.77 -4.74
C TRP B 353 36.16 -18.49 -5.85
N ASP B 354 36.11 -18.02 -7.09
CA ASP B 354 36.73 -18.74 -8.21
CA ASP B 354 36.74 -18.73 -8.21
C ASP B 354 36.39 -20.23 -8.13
N LEU B 355 35.10 -20.54 -8.11
CA LEU B 355 34.65 -21.94 -8.03
C LEU B 355 35.15 -22.72 -9.24
N PRO B 356 35.74 -23.92 -9.02
CA PRO B 356 36.26 -24.72 -10.13
C PRO B 356 35.21 -25.66 -10.71
N TYR B 357 34.51 -25.19 -11.74
CA TYR B 357 33.26 -25.82 -12.17
C TYR B 357 33.45 -27.24 -12.71
N GLY B 358 34.43 -27.44 -13.59
CA GLY B 358 34.72 -28.76 -14.13
C GLY B 358 35.01 -29.77 -13.04
N THR B 359 35.74 -29.34 -12.01
CA THR B 359 36.11 -30.21 -10.90
C THR B 359 34.92 -30.60 -10.04
N ILE B 360 33.97 -29.68 -9.88
CA ILE B 360 32.77 -29.99 -9.12
C ILE B 360 32.06 -31.18 -9.73
N ALA B 361 31.83 -31.15 -11.04
CA ALA B 361 31.26 -32.30 -11.74
C ALA B 361 32.14 -33.55 -11.57
N GLN B 362 33.45 -33.39 -11.64
CA GLN B 362 34.37 -34.52 -11.46
CA GLN B 362 34.39 -34.49 -11.46
C GLN B 362 34.23 -35.17 -10.09
N ILE B 363 34.14 -34.36 -9.03
CA ILE B 363 34.03 -34.93 -7.68
C ILE B 363 32.62 -35.41 -7.32
N TRP B 364 31.63 -35.17 -8.17
CA TRP B 364 30.31 -35.74 -7.96
C TRP B 364 30.14 -37.11 -8.63
N ARG B 365 31.21 -37.63 -9.23
CA ARG B 365 31.14 -38.90 -9.96
C ARG B 365 31.02 -40.12 -9.08
N ALA B 366 31.32 -39.96 -7.79
CA ALA B 366 31.16 -41.05 -6.84
C ALA B 366 30.90 -40.51 -5.44
N GLY B 367 30.48 -41.39 -4.54
CA GLY B 367 30.27 -41.03 -3.14
C GLY B 367 29.09 -40.11 -2.90
N CYS B 368 28.19 -40.05 -3.85
CA CYS B 368 27.01 -39.22 -3.73
C CYS B 368 25.89 -39.75 -4.61
N ILE B 369 24.67 -39.35 -4.29
CA ILE B 369 23.47 -39.90 -4.92
CA ILE B 369 23.51 -39.95 -4.93
C ILE B 369 23.30 -39.42 -6.35
N ILE B 370 23.76 -38.20 -6.64
CA ILE B 370 23.59 -37.68 -8.01
C ILE B 370 24.63 -38.20 -9.02
N ARG B 371 25.48 -39.14 -8.62
CA ARG B 371 26.49 -39.63 -9.53
C ARG B 371 25.88 -40.17 -10.84
N ALA B 372 26.42 -39.71 -11.95
CA ALA B 372 25.97 -40.12 -13.27
C ALA B 372 27.12 -39.94 -14.25
N GLU B 373 27.14 -40.77 -15.30
CA GLU B 373 28.19 -40.68 -16.32
C GLU B 373 28.25 -39.34 -17.04
N PHE B 374 27.11 -38.70 -17.29
CA PHE B 374 27.10 -37.46 -18.09
C PHE B 374 27.78 -36.28 -17.37
N LEU B 375 28.10 -36.46 -16.09
CA LEU B 375 28.88 -35.48 -15.37
C LEU B 375 30.18 -35.16 -16.10
N GLN B 376 30.72 -36.15 -16.80
CA GLN B 376 31.92 -35.95 -17.61
C GLN B 376 31.75 -34.92 -18.72
N ASN B 377 30.54 -34.82 -19.27
CA ASN B 377 30.26 -33.84 -20.32
C ASN B 377 30.26 -32.42 -19.76
N ILE B 378 29.85 -32.29 -18.51
CA ILE B 378 29.91 -31.00 -17.82
C ILE B 378 31.37 -30.59 -17.68
N THR B 379 32.18 -31.50 -17.16
CA THR B 379 33.62 -31.25 -17.02
C THR B 379 34.28 -30.95 -18.38
N ASP B 380 33.98 -31.73 -19.41
CA ASP B 380 34.47 -31.43 -20.74
C ASP B 380 34.19 -29.97 -21.12
N ALA B 381 32.99 -29.49 -20.80
CA ALA B 381 32.55 -28.16 -21.22
C ALA B 381 33.38 -27.05 -20.58
N PHE B 382 33.64 -27.16 -19.29
CA PHE B 382 34.45 -26.15 -18.58
C PHE B 382 35.96 -26.30 -18.83
N ASP B 383 36.41 -27.51 -19.20
CA ASP B 383 37.78 -27.75 -19.65
C ASP B 383 38.07 -26.95 -20.91
N LYS B 384 37.04 -26.81 -21.74
CA LYS B 384 37.13 -26.14 -23.00
C LYS B 384 37.09 -24.64 -22.77
N ASP B 385 36.35 -24.21 -21.75
CA ASP B 385 36.19 -22.79 -21.44
C ASP B 385 35.71 -22.64 -20.01
N SER B 386 36.59 -22.23 -19.11
CA SER B 386 36.25 -22.08 -17.69
C SER B 386 35.26 -20.94 -17.43
N GLU B 387 35.25 -19.95 -18.33
CA GLU B 387 34.37 -18.78 -18.24
CA GLU B 387 34.35 -18.80 -18.18
C GLU B 387 33.00 -19.02 -18.91
N LEU B 388 32.73 -20.25 -19.31
CA LEU B 388 31.45 -20.60 -19.94
C LEU B 388 30.30 -20.17 -19.03
N GLU B 389 29.44 -19.32 -19.57
CA GLU B 389 28.39 -18.69 -18.79
C GLU B 389 27.27 -19.66 -18.46
N ASN B 390 27.05 -20.61 -19.37
CA ASN B 390 25.95 -21.55 -19.24
C ASN B 390 26.22 -22.79 -20.09
N LEU B 391 26.00 -23.97 -19.49
CA LEU B 391 26.24 -25.27 -20.15
C LEU B 391 25.55 -25.41 -21.51
N LEU B 392 24.35 -24.84 -21.64
CA LEU B 392 23.60 -24.90 -22.88
C LEU B 392 24.35 -24.33 -24.08
N LEU B 393 25.38 -23.53 -23.85
CA LEU B 393 26.16 -22.95 -24.94
C LEU B 393 27.32 -23.84 -25.40
N ASP B 394 27.59 -24.93 -24.69
CA ASP B 394 28.66 -25.85 -25.09
C ASP B 394 28.15 -26.81 -26.16
N ASP B 395 28.98 -27.08 -27.17
CA ASP B 395 28.62 -27.90 -28.33
C ASP B 395 27.84 -29.18 -28.03
N TYR B 396 28.26 -29.91 -27.00
CA TYR B 396 27.61 -31.18 -26.68
C TYR B 396 26.13 -30.97 -26.36
N PHE B 397 25.88 -30.04 -25.45
CA PHE B 397 24.53 -29.77 -24.96
C PHE B 397 23.68 -29.05 -25.99
N VAL B 398 24.32 -28.33 -26.91
CA VAL B 398 23.61 -27.70 -28.03
C VAL B 398 23.00 -28.80 -28.91
N ASP B 399 23.81 -29.81 -29.22
CA ASP B 399 23.42 -30.94 -30.08
C ASP B 399 22.31 -31.76 -29.43
N ILE B 400 22.46 -32.07 -28.15
CA ILE B 400 21.43 -32.80 -27.44
C ILE B 400 20.09 -32.06 -27.55
N THR B 401 20.08 -30.78 -27.18
CA THR B 401 18.83 -30.02 -27.14
C THR B 401 18.26 -29.82 -28.54
N LYS B 402 19.12 -29.64 -29.52
CA LYS B 402 18.66 -29.54 -30.89
C LYS B 402 17.87 -30.78 -31.27
N ARG B 403 18.41 -31.94 -30.90
CA ARG B 403 17.86 -33.22 -31.32
C ARG B 403 16.72 -33.75 -30.43
N TYR B 404 16.67 -33.31 -29.18
CA TYR B 404 15.70 -33.85 -28.22
C TYR B 404 14.50 -32.94 -27.96
N GLN B 405 14.58 -31.67 -28.31
CA GLN B 405 13.53 -30.72 -27.95
C GLN B 405 12.15 -31.08 -28.51
N GLU B 406 12.12 -31.58 -29.74
CA GLU B 406 10.87 -31.99 -30.38
C GLU B 406 10.13 -33.01 -29.51
N ALA B 407 10.85 -34.01 -29.03
CA ALA B 407 10.25 -35.02 -28.16
C ALA B 407 9.71 -34.41 -26.87
N VAL B 408 10.50 -33.52 -26.27
CA VAL B 408 10.09 -32.80 -25.05
C VAL B 408 8.71 -32.20 -25.30
N ARG B 409 8.59 -31.51 -26.43
CA ARG B 409 7.36 -30.82 -26.78
C ARG B 409 6.19 -31.79 -26.93
N ASP B 410 6.43 -32.91 -27.61
CA ASP B 410 5.38 -33.91 -27.81
C ASP B 410 4.93 -34.48 -26.48
N VAL B 411 5.89 -34.72 -25.59
CA VAL B 411 5.62 -35.24 -24.25
C VAL B 411 4.79 -34.25 -23.42
N VAL B 412 5.11 -32.96 -23.52
CA VAL B 412 4.34 -31.93 -22.82
C VAL B 412 2.90 -31.85 -23.37
N SER B 413 2.73 -31.81 -24.69
CA SER B 413 1.38 -31.81 -25.28
C SER B 413 0.61 -33.02 -24.81
N LEU B 414 1.24 -34.19 -24.96
CA LEU B 414 0.63 -35.44 -24.54
C LEU B 414 0.18 -35.43 -23.08
N ALA B 415 1.06 -34.96 -22.19
CA ALA B 415 0.80 -35.04 -20.75
C ALA B 415 -0.26 -34.03 -20.33
N VAL B 416 -0.08 -32.79 -20.78
CA VAL B 416 -1.03 -31.72 -20.47
C VAL B 416 -2.45 -32.04 -20.98
N GLN B 417 -2.55 -32.59 -22.19
CA GLN B 417 -3.84 -33.01 -22.74
C GLN B 417 -4.48 -34.14 -21.91
N ALA B 418 -3.64 -35.02 -21.36
CA ALA B 418 -4.12 -36.16 -20.59
C ALA B 418 -4.41 -35.84 -19.12
N GLY B 419 -3.86 -34.73 -18.63
CA GLY B 419 -4.10 -34.30 -17.25
C GLY B 419 -3.08 -34.78 -16.25
N THR B 420 -1.95 -35.30 -16.74
CA THR B 420 -0.87 -35.77 -15.88
C THR B 420 0.05 -34.59 -15.54
N PRO B 421 0.24 -34.29 -14.23
CA PRO B 421 1.06 -33.14 -13.84
C PRO B 421 2.54 -33.39 -14.10
N ILE B 422 3.18 -32.46 -14.80
CA ILE B 422 4.59 -32.55 -15.10
C ILE B 422 5.25 -31.18 -14.91
N PRO B 423 5.33 -30.73 -13.65
CA PRO B 423 5.84 -29.39 -13.33
C PRO B 423 7.28 -29.13 -13.77
N THR B 424 8.18 -30.10 -13.58
CA THR B 424 9.57 -29.91 -13.98
C THR B 424 9.78 -30.03 -15.49
N PHE B 425 9.17 -31.04 -16.12
CA PHE B 425 9.24 -31.16 -17.59
C PHE B 425 8.78 -29.87 -18.26
N THR B 426 7.62 -29.35 -17.84
CA THR B 426 7.12 -28.10 -18.42
C THR B 426 8.04 -26.93 -18.11
N SER B 427 8.62 -26.92 -16.92
CA SER B 427 9.57 -25.88 -16.55
CA SER B 427 9.59 -25.89 -16.53
C SER B 427 10.83 -25.95 -17.41
N ALA B 428 11.25 -27.17 -17.74
CA ALA B 428 12.47 -27.36 -18.53
C ALA B 428 12.34 -26.67 -19.88
N ILE B 429 11.25 -26.99 -20.59
CA ILE B 429 11.03 -26.43 -21.92
C ILE B 429 10.75 -24.93 -21.88
N SER B 430 10.16 -24.44 -20.78
CA SER B 430 9.91 -23.00 -20.61
C SER B 430 11.23 -22.23 -20.44
N TYR B 431 12.18 -22.85 -19.74
CA TYR B 431 13.50 -22.25 -19.55
C TYR B 431 14.30 -22.25 -20.84
N TYR B 432 14.20 -23.35 -21.59
CA TYR B 432 14.91 -23.45 -22.87
C TYR B 432 14.43 -22.33 -23.78
N ASP B 433 13.10 -22.18 -23.88
CA ASP B 433 12.50 -21.21 -24.81
C ASP B 433 12.62 -19.76 -24.34
N SER B 434 12.83 -19.59 -23.03
CA SER B 434 13.11 -18.26 -22.46
C SER B 434 14.58 -17.90 -22.66
N TYR B 435 15.47 -18.81 -22.29
CA TYR B 435 16.90 -18.56 -22.37
C TYR B 435 17.33 -18.24 -23.79
N ARG B 436 16.68 -18.85 -24.77
CA ARG B 436 17.04 -18.63 -26.18
C ARG B 436 16.26 -17.48 -26.85
N SER B 437 15.35 -16.84 -26.13
CA SER B 437 14.61 -15.68 -26.66
C SER B 437 15.46 -14.42 -26.57
N GLU B 438 15.84 -13.88 -27.73
CA GLU B 438 16.56 -12.62 -27.80
C GLU B 438 15.73 -11.52 -27.13
N ASN B 439 14.44 -11.48 -27.44
CA ASN B 439 13.51 -10.56 -26.82
C ASN B 439 12.39 -11.31 -26.09
N LEU B 440 12.12 -10.91 -24.85
CA LEU B 440 11.01 -11.44 -24.03
C LEU B 440 9.98 -10.34 -23.79
N PRO B 441 8.76 -10.70 -23.34
CA PRO B 441 7.75 -9.66 -23.14
C PRO B 441 7.92 -8.83 -21.85
N ALA B 442 9.13 -8.82 -21.31
CA ALA B 442 9.45 -8.00 -20.13
C ALA B 442 9.43 -6.50 -20.43
N ASN B 443 9.43 -6.14 -21.71
CA ASN B 443 9.19 -4.74 -22.08
C ASN B 443 7.83 -4.27 -21.57
N LEU B 444 6.82 -5.13 -21.67
CA LEU B 444 5.46 -4.81 -21.23
C LEU B 444 5.39 -4.68 -19.72
N ILE B 445 6.06 -5.58 -19.01
CA ILE B 445 6.13 -5.52 -17.55
C ILE B 445 6.74 -4.19 -17.12
N GLN B 446 7.85 -3.82 -17.75
CA GLN B 446 8.51 -2.55 -17.45
C GLN B 446 7.60 -1.34 -17.70
N ALA B 447 6.83 -1.38 -18.78
CA ALA B 447 5.85 -0.33 -19.08
C ALA B 447 4.83 -0.23 -17.95
N GLN B 448 4.25 -1.37 -17.60
CA GLN B 448 3.26 -1.43 -16.53
C GLN B 448 3.83 -0.82 -15.25
N ARG B 449 5.01 -1.29 -14.85
CA ARG B 449 5.66 -0.82 -13.63
C ARG B 449 5.89 0.70 -13.67
N ASP B 450 6.25 1.21 -14.82
CA ASP B 450 6.42 2.65 -14.99
C ASP B 450 5.08 3.38 -14.92
N TYR B 451 4.06 2.81 -15.57
CA TYR B 451 2.71 3.37 -15.56
C TYR B 451 2.20 3.59 -14.13
N PHE B 452 2.14 2.52 -13.34
CA PHE B 452 1.58 2.61 -12.00
C PHE B 452 2.58 3.07 -10.92
N GLY B 453 3.86 2.76 -11.09
CA GLY B 453 4.84 2.97 -10.03
C GLY B 453 5.91 3.99 -10.31
N ALA B 454 6.03 4.43 -11.57
CA ALA B 454 7.07 5.37 -11.99
C ALA B 454 8.45 4.81 -11.72
N HIS B 455 8.60 3.50 -11.92
CA HIS B 455 9.86 2.83 -11.64
C HIS B 455 10.98 3.07 -12.66
N THR B 456 10.66 3.71 -13.79
CA THR B 456 11.62 4.00 -14.85
C THR B 456 11.98 2.75 -15.64
N TYR B 457 12.63 2.96 -16.78
CA TYR B 457 13.02 1.86 -17.66
C TYR B 457 14.22 2.24 -18.52
N GLU B 458 14.84 1.23 -19.12
CA GLU B 458 15.88 1.45 -20.12
C GLU B 458 15.25 1.34 -21.50
N ARG B 459 15.89 1.95 -22.49
CA ARG B 459 15.42 1.87 -23.89
C ARG B 459 16.33 1.01 -24.74
N THR B 460 15.85 0.63 -25.91
CA THR B 460 16.55 -0.28 -26.80
C THR B 460 17.45 0.47 -27.78
N ASP B 461 17.29 1.79 -27.88
CA ASP B 461 17.96 2.58 -28.92
C ASP B 461 18.99 3.58 -28.40
N LYS B 462 19.05 3.77 -27.10
CA LYS B 462 20.01 4.69 -26.51
C LYS B 462 20.21 4.38 -25.03
N ALA B 463 21.36 4.80 -24.52
CA ALA B 463 21.67 4.68 -23.10
C ALA B 463 20.77 5.60 -22.28
N GLY B 464 20.59 5.26 -21.01
CA GLY B 464 19.90 6.14 -20.09
C GLY B 464 18.72 5.50 -19.39
N ILE B 465 18.19 6.27 -18.45
CA ILE B 465 17.05 5.92 -17.65
C ILE B 465 15.94 6.89 -18.01
N PHE B 466 14.73 6.37 -18.22
CA PHE B 466 13.64 7.15 -18.77
C PHE B 466 12.35 6.88 -18.03
N HIS B 467 11.50 7.91 -17.95
CA HIS B 467 10.16 7.79 -17.38
C HIS B 467 9.18 8.40 -18.37
N TYR B 468 8.17 7.62 -18.76
CA TYR B 468 7.14 8.08 -19.69
C TYR B 468 6.03 8.77 -18.90
N ASP B 469 5.41 9.76 -19.53
CA ASP B 469 4.22 10.41 -18.96
C ASP B 469 2.95 9.72 -19.46
N TRP B 470 2.44 8.79 -18.65
CA TRP B 470 1.30 7.96 -19.05
C TRP B 470 -0.07 8.64 -18.85
N TYR B 471 -0.08 9.88 -18.38
CA TYR B 471 -1.34 10.57 -18.06
C TYR B 471 -1.48 11.90 -18.81
N THR B 472 -1.88 12.94 -18.28
N ALA C 4 -26.86 1.00 7.87
CA ALA C 4 -25.46 1.52 7.92
C ALA C 4 -24.76 1.30 6.56
N GLN C 5 -24.30 2.40 5.96
CA GLN C 5 -23.54 2.38 4.70
C GLN C 5 -23.14 3.81 4.31
N ALA C 6 -23.93 4.80 4.71
CA ALA C 6 -23.55 6.21 4.59
C ALA C 6 -23.18 6.78 5.95
N ASN C 7 -22.17 7.64 5.95
CA ASN C 7 -21.64 8.31 7.13
C ASN C 7 -22.38 9.60 7.45
N PHE C 8 -23.04 10.15 6.45
CA PHE C 8 -23.65 11.45 6.57
C PHE C 8 -24.79 11.49 5.57
N GLY C 9 -25.85 12.21 5.93
CA GLY C 9 -27.03 12.35 5.07
C GLY C 9 -27.40 13.80 4.92
N VAL C 10 -27.75 14.22 3.71
CA VAL C 10 -28.32 15.54 3.54
C VAL C 10 -29.67 15.50 2.84
N VAL C 11 -30.61 16.28 3.38
CA VAL C 11 -31.97 16.41 2.87
C VAL C 11 -32.07 17.79 2.22
N GLY C 12 -32.55 17.84 0.98
CA GLY C 12 -32.67 19.09 0.23
C GLY C 12 -31.61 19.15 -0.84
N MET C 13 -32.01 18.83 -2.08
CA MET C 13 -31.08 18.76 -3.21
C MET C 13 -31.19 19.95 -4.17
N ALA C 14 -31.64 21.09 -3.65
CA ALA C 14 -31.42 22.37 -4.34
C ALA C 14 -29.91 22.61 -4.29
N VAL C 15 -29.44 23.68 -4.92
CA VAL C 15 -28.01 23.81 -5.16
C VAL C 15 -27.18 23.77 -3.87
N MET C 16 -27.61 24.51 -2.84
CA MET C 16 -26.82 24.60 -1.61
C MET C 16 -26.62 23.23 -0.96
N GLY C 17 -27.70 22.48 -0.84
CA GLY C 17 -27.66 21.14 -0.25
C GLY C 17 -26.92 20.14 -1.10
N LYS C 18 -27.14 20.19 -2.41
CA LYS C 18 -26.34 19.39 -3.34
C LYS C 18 -24.84 19.65 -3.17
N ASN C 19 -24.49 20.94 -3.08
CA ASN C 19 -23.09 21.36 -3.03
C ASN C 19 -22.42 20.97 -1.71
N LEU C 20 -23.17 21.05 -0.62
CA LEU C 20 -22.67 20.61 0.68
CA LEU C 20 -22.69 20.60 0.70
C LEU C 20 -22.41 19.11 0.68
N ALA C 21 -23.32 18.36 0.05
CA ALA C 21 -23.18 16.90 -0.04
C ALA C 21 -21.90 16.53 -0.78
N LEU C 22 -21.66 17.21 -1.90
CA LEU C 22 -20.43 17.05 -2.69
C LEU C 22 -19.22 17.45 -1.88
N ASN C 23 -19.35 18.54 -1.12
CA ASN C 23 -18.24 18.98 -0.30
C ASN C 23 -17.88 17.86 0.67
N VAL C 24 -18.88 17.35 1.36
CA VAL C 24 -18.71 16.29 2.35
C VAL C 24 -18.14 15.02 1.70
N GLU C 25 -18.70 14.66 0.54
CA GLU C 25 -18.24 13.47 -0.19
C GLU C 25 -16.76 13.57 -0.51
N SER C 26 -16.32 14.77 -0.91
CA SER C 26 -14.93 14.97 -1.33
C SER C 26 -13.94 14.75 -0.21
N ARG C 27 -14.40 14.84 1.04
CA ARG C 27 -13.54 14.64 2.22
C ARG C 27 -13.42 13.21 2.67
N GLY C 28 -13.97 12.27 1.90
CA GLY C 28 -13.74 10.84 2.11
C GLY C 28 -14.89 10.08 2.74
N TYR C 29 -16.10 10.59 2.60
CA TYR C 29 -17.29 10.04 3.26
C TYR C 29 -18.27 9.55 2.20
N THR C 30 -19.13 8.62 2.59
CA THR C 30 -20.24 8.20 1.75
C THR C 30 -21.46 8.97 2.25
N VAL C 31 -22.12 9.67 1.33
CA VAL C 31 -23.21 10.59 1.67
C VAL C 31 -24.55 10.15 1.09
N ALA C 32 -25.55 10.01 1.97
CA ALA C 32 -26.91 9.73 1.54
C ALA C 32 -27.56 11.03 1.12
N ILE C 33 -28.30 11.01 0.02
CA ILE C 33 -29.02 12.21 -0.44
C ILE C 33 -30.52 11.95 -0.64
N TYR C 34 -31.31 12.92 -0.22
CA TYR C 34 -32.75 12.84 -0.34
C TYR C 34 -33.31 14.21 -0.67
N ASN C 35 -34.35 14.23 -1.50
CA ASN C 35 -35.13 15.43 -1.76
C ASN C 35 -36.62 15.07 -1.87
N ARG C 36 -37.47 15.99 -1.41
CA ARG C 36 -38.91 15.76 -1.46
C ARG C 36 -39.36 15.38 -2.87
N THR C 37 -38.93 16.17 -3.86
CA THR C 37 -39.20 15.86 -5.26
C THR C 37 -38.08 14.97 -5.76
N THR C 38 -38.41 13.71 -5.97
CA THR C 38 -37.43 12.70 -6.32
C THR C 38 -36.56 13.05 -7.54
N SER C 39 -37.15 13.69 -8.55
CA SER C 39 -36.42 13.95 -9.81
C SER C 39 -35.15 14.79 -9.60
N LYS C 40 -35.14 15.71 -8.64
CA LYS C 40 -33.92 16.47 -8.35
CA LYS C 40 -33.93 16.48 -8.33
C LYS C 40 -32.82 15.56 -7.81
N THR C 41 -33.17 14.66 -6.90
CA THR C 41 -32.23 13.68 -6.39
C THR C 41 -31.67 12.84 -7.55
N GLU C 42 -32.53 12.48 -8.51
CA GLU C 42 -32.13 11.74 -9.70
CA GLU C 42 -32.11 11.74 -9.71
C GLU C 42 -31.12 12.53 -10.55
N GLU C 43 -31.41 13.82 -10.80
CA GLU C 43 -30.50 14.66 -11.55
CA GLU C 43 -30.51 14.72 -11.52
C GLU C 43 -29.12 14.68 -10.89
N VAL C 44 -29.09 14.85 -9.57
CA VAL C 44 -27.83 14.91 -8.82
C VAL C 44 -27.09 13.58 -8.96
N PHE C 45 -27.81 12.49 -8.78
CA PHE C 45 -27.26 11.14 -8.89
C PHE C 45 -26.68 10.85 -10.28
N LYS C 46 -27.43 11.13 -11.33
CA LYS C 46 -26.99 10.87 -12.71
CA LYS C 46 -26.99 10.85 -12.70
C LYS C 46 -25.78 11.70 -13.11
N GLU C 47 -25.71 12.94 -12.60
CA GLU C 47 -24.61 13.84 -12.94
CA GLU C 47 -24.61 13.87 -12.90
C GLU C 47 -23.32 13.50 -12.18
N HIS C 48 -23.44 12.84 -11.03
CA HIS C 48 -22.28 12.50 -10.22
C HIS C 48 -22.17 11.02 -9.97
N GLN C 49 -22.07 10.25 -11.03
CA GLN C 49 -21.90 8.82 -10.89
C GLN C 49 -20.55 8.37 -10.34
N ASP C 50 -19.54 9.21 -10.52
CA ASP C 50 -18.23 8.91 -9.97
C ASP C 50 -18.10 9.15 -8.44
N LYS C 51 -19.12 9.74 -7.83
CA LYS C 51 -19.05 10.11 -6.42
C LYS C 51 -19.77 9.10 -5.54
N ASN C 52 -19.31 8.96 -4.31
CA ASN C 52 -19.90 8.03 -3.37
C ASN C 52 -21.17 8.63 -2.75
N LEU C 53 -22.21 8.72 -3.56
CA LEU C 53 -23.51 9.18 -3.09
C LEU C 53 -24.48 8.01 -3.06
N VAL C 54 -25.34 8.01 -2.04
CA VAL C 54 -26.42 7.04 -1.92
C VAL C 54 -27.73 7.75 -2.26
N PHE C 55 -28.28 7.41 -3.43
CA PHE C 55 -29.55 7.97 -3.86
C PHE C 55 -30.67 7.31 -3.08
N THR C 56 -31.51 8.10 -2.42
CA THR C 56 -32.66 7.57 -1.70
C THR C 56 -33.92 8.24 -2.19
N LYS C 57 -34.99 7.46 -2.31
CA LYS C 57 -36.29 7.97 -2.76
C LYS C 57 -37.28 8.14 -1.62
N THR C 58 -37.08 7.45 -0.52
CA THR C 58 -37.99 7.54 0.62
C THR C 58 -37.23 7.86 1.89
N LEU C 59 -37.91 8.54 2.81
CA LEU C 59 -37.32 8.87 4.11
C LEU C 59 -36.83 7.62 4.85
N GLU C 60 -37.54 6.52 4.66
CA GLU C 60 -37.19 5.24 5.31
C GLU C 60 -35.86 4.72 4.78
N GLU C 61 -35.70 4.74 3.45
CA GLU C 61 -34.43 4.39 2.80
C GLU C 61 -33.33 5.32 3.25
N PHE C 62 -33.67 6.61 3.35
CA PHE C 62 -32.69 7.62 3.72
C PHE C 62 -32.17 7.37 5.14
N VAL C 63 -33.07 7.26 6.11
CA VAL C 63 -32.61 7.08 7.48
CA VAL C 63 -32.68 7.04 7.50
C VAL C 63 -32.06 5.66 7.66
N GLY C 64 -32.64 4.70 6.96
CA GLY C 64 -32.11 3.33 6.98
C GLY C 64 -30.67 3.23 6.51
N SER C 65 -30.28 4.10 5.58
CA SER C 65 -28.96 4.07 4.99
C SER C 65 -27.85 4.55 5.92
N LEU C 66 -28.21 5.29 6.96
CA LEU C 66 -27.23 5.97 7.80
C LEU C 66 -26.81 5.18 9.04
N GLU C 67 -25.50 5.21 9.32
CA GLU C 67 -24.98 4.58 10.53
C GLU C 67 -25.34 5.42 11.74
N LYS C 68 -25.60 4.76 12.87
CA LYS C 68 -25.95 5.44 14.12
C LYS C 68 -24.71 5.74 14.95
N PRO C 69 -24.74 6.85 15.73
CA PRO C 69 -25.80 7.86 15.79
C PRO C 69 -25.89 8.64 14.50
N ARG C 70 -27.09 8.79 13.97
CA ARG C 70 -27.26 9.36 12.64
C ARG C 70 -26.98 10.86 12.64
N ARG C 71 -26.25 11.30 11.62
CA ARG C 71 -25.98 12.70 11.40
C ARG C 71 -26.65 13.14 10.10
N ILE C 72 -27.76 13.83 10.25
CA ILE C 72 -28.57 14.27 9.13
C ILE C 72 -28.62 15.79 9.07
N MET C 73 -28.29 16.35 7.90
CA MET C 73 -28.29 17.79 7.69
C MET C 73 -29.38 18.20 6.73
N LEU C 74 -30.28 19.06 7.22
CA LEU C 74 -31.37 19.60 6.44
C LEU C 74 -30.91 20.88 5.74
N MET C 75 -31.12 20.93 4.43
CA MET C 75 -30.88 22.14 3.64
C MET C 75 -32.14 22.46 2.85
N VAL C 76 -33.23 22.64 3.57
CA VAL C 76 -34.54 22.87 2.98
C VAL C 76 -35.04 24.27 3.32
N GLN C 77 -36.10 24.67 2.62
CA GLN C 77 -36.64 26.02 2.76
C GLN C 77 -36.90 26.35 4.23
N ALA C 78 -36.48 27.55 4.64
CA ALA C 78 -36.60 27.98 6.02
C ALA C 78 -38.05 28.14 6.45
N GLY C 79 -38.30 27.95 7.74
CA GLY C 79 -39.63 28.10 8.29
C GLY C 79 -40.44 26.82 8.26
N ALA C 80 -41.70 26.93 7.85
CA ALA C 80 -42.65 25.80 7.96
C ALA C 80 -42.18 24.54 7.24
N ALA C 81 -41.52 24.71 6.11
CA ALA C 81 -41.01 23.57 5.35
C ALA C 81 -39.99 22.78 6.18
N THR C 82 -39.15 23.49 6.91
CA THR C 82 -38.14 22.87 7.76
C THR C 82 -38.80 22.12 8.91
N ASP C 83 -39.80 22.73 9.54
CA ASP C 83 -40.54 22.04 10.60
C ASP C 83 -41.26 20.80 10.10
N ALA C 84 -41.80 20.86 8.87
CA ALA C 84 -42.48 19.72 8.27
C ALA C 84 -41.50 18.59 7.99
N THR C 85 -40.30 18.93 7.52
CA THR C 85 -39.27 17.93 7.25
C THR C 85 -38.82 17.21 8.52
N ILE C 86 -38.61 17.98 9.59
CA ILE C 86 -38.30 17.42 10.90
C ILE C 86 -39.39 16.46 11.35
N LYS C 87 -40.63 16.91 11.27
CA LYS C 87 -41.81 16.10 11.64
C LYS C 87 -41.88 14.74 10.94
N SER C 88 -41.46 14.72 9.67
CA SER C 88 -41.52 13.50 8.86
CA SER C 88 -41.51 13.50 8.84
C SER C 88 -40.42 12.53 9.21
N LEU C 89 -39.28 13.07 9.65
CA LEU C 89 -38.14 12.26 10.04
C LEU C 89 -38.29 11.66 11.44
N LEU C 90 -38.81 12.47 12.37
CA LEU C 90 -38.91 12.13 13.79
C LEU C 90 -39.29 10.66 14.08
N PRO C 91 -40.40 10.18 13.49
CA PRO C 91 -40.85 8.79 13.73
C PRO C 91 -39.83 7.72 13.32
N LEU C 92 -38.88 8.08 12.48
CA LEU C 92 -37.92 7.13 11.94
C LEU C 92 -36.58 7.17 12.66
N LEU C 93 -36.37 8.16 13.53
CA LEU C 93 -35.09 8.32 14.21
C LEU C 93 -35.03 7.55 15.52
N ASP C 94 -33.80 7.32 15.97
CA ASP C 94 -33.54 6.69 17.26
C ASP C 94 -32.98 7.73 18.21
N ILE C 95 -33.18 7.50 19.51
CA ILE C 95 -32.63 8.35 20.55
C ILE C 95 -31.11 8.47 20.39
N GLY C 96 -30.61 9.71 20.37
CA GLY C 96 -29.19 9.96 20.22
C GLY C 96 -28.80 10.42 18.83
N ASP C 97 -29.71 10.27 17.87
CA ASP C 97 -29.49 10.79 16.52
C ASP C 97 -29.38 12.31 16.54
N ILE C 98 -28.78 12.84 15.48
CA ILE C 98 -28.37 14.24 15.41
C ILE C 98 -28.90 14.90 14.13
N LEU C 99 -29.91 15.76 14.28
CA LEU C 99 -30.41 16.55 13.17
C LEU C 99 -29.65 17.87 13.13
N ILE C 100 -29.35 18.33 11.93
CA ILE C 100 -28.64 19.58 11.74
C ILE C 100 -29.44 20.40 10.77
N ASP C 101 -29.73 21.65 11.12
CA ASP C 101 -30.42 22.56 10.20
C ASP C 101 -29.42 23.59 9.69
N GLY C 102 -29.12 23.54 8.41
CA GLY C 102 -28.17 24.46 7.79
C GLY C 102 -28.76 25.64 7.05
N GLY C 103 -30.06 25.86 7.14
CA GLY C 103 -30.69 27.00 6.48
C GLY C 103 -30.44 28.33 7.19
N ASN C 104 -30.83 29.44 6.56
CA ASN C 104 -30.77 30.74 7.23
C ASN C 104 -31.98 30.90 8.12
N THR C 105 -31.90 30.27 9.28
CA THR C 105 -33.04 30.16 10.18
C THR C 105 -33.02 31.26 11.22
N HIS C 106 -34.21 31.74 11.56
CA HIS C 106 -34.36 32.67 12.66
C HIS C 106 -34.15 31.93 13.97
N PHE C 107 -33.26 32.46 14.81
CA PHE C 107 -32.73 31.71 15.96
C PHE C 107 -33.79 31.23 16.97
N PRO C 108 -34.90 31.98 17.14
CA PRO C 108 -35.90 31.46 18.07
C PRO C 108 -36.51 30.15 17.59
N ASP C 109 -36.65 29.99 16.27
CA ASP C 109 -37.10 28.72 15.69
C ASP C 109 -36.16 27.58 16.06
N THR C 110 -34.86 27.86 16.02
CA THR C 110 -33.86 26.90 16.40
C THR C 110 -33.99 26.55 17.88
N MET C 111 -34.26 27.54 18.72
CA MET C 111 -34.38 27.30 20.17
C MET C 111 -35.58 26.43 20.50
N ARG C 112 -36.73 26.76 19.92
CA ARG C 112 -37.94 25.95 20.04
C ARG C 112 -37.66 24.51 19.61
N ARG C 113 -37.07 24.34 18.43
CA ARG C 113 -36.82 23.02 17.84
C ARG C 113 -35.84 22.20 18.65
N ASN C 114 -34.80 22.86 19.18
CA ASN C 114 -33.83 22.16 20.02
C ASN C 114 -34.52 21.61 21.26
N ALA C 115 -35.40 22.41 21.84
CA ALA C 115 -36.10 22.04 23.05
C ALA C 115 -37.08 20.90 22.82
N GLU C 116 -37.88 21.00 21.76
CA GLU C 116 -38.90 20.00 21.44
C GLU C 116 -38.27 18.65 21.14
N LEU C 117 -37.23 18.65 20.30
CA LEU C 117 -36.51 17.43 19.94
C LEU C 117 -35.72 16.83 21.11
N ALA C 118 -35.28 17.66 22.05
CA ALA C 118 -34.56 17.18 23.24
C ALA C 118 -35.47 16.28 24.08
N ASP C 119 -36.73 16.66 24.22
CA ASP C 119 -37.71 15.83 24.92
C ASP C 119 -37.89 14.47 24.26
N SER C 120 -37.70 14.39 22.95
CA SER C 120 -37.74 13.11 22.21
C SER C 120 -36.39 12.37 22.14
N GLY C 121 -35.36 12.92 22.78
CA GLY C 121 -34.04 12.30 22.82
C GLY C 121 -33.20 12.56 21.57
N ILE C 122 -33.65 13.51 20.75
CA ILE C 122 -33.00 13.81 19.47
C ILE C 122 -32.20 15.11 19.58
N ASN C 123 -30.91 15.04 19.23
CA ASN C 123 -30.03 16.18 19.26
C ASN C 123 -30.33 17.06 18.05
N PHE C 124 -30.12 18.36 18.21
CA PHE C 124 -30.44 19.31 17.15
C PHE C 124 -29.37 20.40 17.08
N ILE C 125 -28.65 20.41 15.96
CA ILE C 125 -27.61 21.37 15.73
C ILE C 125 -28.05 22.41 14.67
N GLY C 126 -28.49 23.58 15.13
CA GLY C 126 -28.79 24.69 14.22
C GLY C 126 -27.48 25.36 13.79
N THR C 127 -27.25 25.41 12.48
CA THR C 127 -25.97 25.88 11.94
C THR C 127 -26.07 26.97 10.87
N GLY C 128 -25.44 28.10 11.12
CA GLY C 128 -25.29 29.11 10.09
C GLY C 128 -24.27 28.64 9.06
N VAL C 129 -24.61 28.77 7.79
CA VAL C 129 -23.72 28.40 6.70
C VAL C 129 -23.58 29.62 5.78
N SER C 130 -22.38 30.19 5.74
CA SER C 130 -22.07 31.35 4.90
C SER C 130 -21.28 30.93 3.67
N GLY C 131 -21.19 31.83 2.69
CA GLY C 131 -20.37 31.62 1.50
C GLY C 131 -21.15 31.31 0.25
N GLY C 132 -22.47 31.21 0.37
CA GLY C 132 -23.33 30.91 -0.77
C GLY C 132 -23.12 29.54 -1.40
N GLU C 133 -23.55 29.41 -2.64
CA GLU C 133 -23.47 28.15 -3.38
C GLU C 133 -22.02 27.69 -3.55
N LYS C 134 -21.14 28.63 -3.88
CA LYS C 134 -19.73 28.31 -4.09
C LYS C 134 -19.09 27.92 -2.76
N GLY C 135 -19.50 28.59 -1.68
CA GLY C 135 -18.99 28.27 -0.35
C GLY C 135 -19.38 26.88 0.14
N ALA C 136 -20.62 26.47 -0.14
CA ALA C 136 -21.09 25.17 0.30
C ALA C 136 -20.25 24.10 -0.35
N LEU C 137 -19.98 24.28 -1.64
CA LEU C 137 -19.21 23.32 -2.42
C LEU C 137 -17.73 23.24 -2.05
N LEU C 138 -17.13 24.39 -1.73
CA LEU C 138 -15.69 24.51 -1.61
C LEU C 138 -15.20 24.81 -0.20
N GLY C 139 -16.07 25.37 0.65
CA GLY C 139 -15.65 25.76 1.99
C GLY C 139 -16.47 26.91 2.55
N PRO C 140 -17.49 26.59 3.37
CA PRO C 140 -18.28 27.62 4.02
C PRO C 140 -17.71 28.05 5.36
N SER C 141 -18.03 29.26 5.79
CA SER C 141 -17.93 29.60 7.21
C SER C 141 -19.17 29.06 7.91
N MET C 142 -18.96 28.35 9.02
CA MET C 142 -20.06 27.67 9.70
C MET C 142 -20.15 28.05 11.18
N MET C 143 -21.38 28.20 11.66
CA MET C 143 -21.64 28.68 13.00
C MET C 143 -22.72 27.82 13.62
N PRO C 144 -22.30 26.65 14.15
CA PRO C 144 -23.18 25.66 14.74
C PRO C 144 -23.36 25.81 16.25
N GLY C 145 -24.59 25.53 16.70
CA GLY C 145 -24.91 25.46 18.10
C GLY C 145 -25.95 24.38 18.35
N GLY C 146 -25.98 23.89 19.59
CA GLY C 146 -26.82 22.77 20.01
C GLY C 146 -26.07 21.98 21.09
N GLN C 147 -26.47 20.73 21.29
CA GLN C 147 -25.84 19.89 22.31
C GLN C 147 -24.36 19.68 21.96
N LYS C 148 -23.48 19.96 22.92
CA LYS C 148 -22.03 19.95 22.70
C LYS C 148 -21.48 18.55 22.40
N GLU C 149 -22.01 17.54 23.08
CA GLU C 149 -21.56 16.16 22.88
CA GLU C 149 -21.56 16.15 22.87
C GLU C 149 -21.94 15.70 21.47
N ALA C 150 -23.16 16.01 21.06
CA ALA C 150 -23.61 15.75 19.70
C ALA C 150 -22.72 16.49 18.69
N TYR C 151 -22.47 17.77 18.95
CA TYR C 151 -21.65 18.55 18.05
C TYR C 151 -20.23 17.99 17.87
N ASP C 152 -19.66 17.44 18.93
CA ASP C 152 -18.31 16.89 18.85
C ASP C 152 -18.23 15.69 17.91
N LEU C 153 -19.37 15.03 17.67
CA LEU C 153 -19.46 13.94 16.69
C LEU C 153 -19.64 14.43 15.26
N VAL C 154 -20.08 15.67 15.10
CA VAL C 154 -20.30 16.27 13.78
C VAL C 154 -19.10 17.14 13.39
N ALA C 155 -18.34 17.59 14.38
CA ALA C 155 -17.24 18.54 14.18
C ALA C 155 -16.14 18.10 13.22
N PRO C 156 -15.78 16.79 13.24
CA PRO C 156 -14.74 16.39 12.31
C PRO C 156 -15.11 16.68 10.86
N ILE C 157 -16.35 16.36 10.48
CA ILE C 157 -16.85 16.63 9.13
C ILE C 157 -16.90 18.13 8.87
N PHE C 158 -17.39 18.88 9.85
CA PHE C 158 -17.56 20.33 9.70
C PHE C 158 -16.21 20.99 9.50
N GLU C 159 -15.25 20.63 10.34
CA GLU C 159 -13.90 21.16 10.21
C GLU C 159 -13.25 20.80 8.88
N GLN C 160 -13.57 19.61 8.37
CA GLN C 160 -13.02 19.16 7.09
C GLN C 160 -13.60 19.90 5.89
N ILE C 161 -14.89 20.17 5.90
CA ILE C 161 -15.55 20.81 4.77
C ILE C 161 -15.43 22.34 4.80
N ALA C 162 -15.08 22.90 5.95
CA ALA C 162 -15.11 24.36 6.15
C ALA C 162 -14.03 25.05 5.35
N ALA C 163 -14.30 26.31 5.03
CA ALA C 163 -13.28 27.19 4.49
C ALA C 163 -12.13 27.19 5.49
N LYS C 164 -10.91 27.00 4.99
CA LYS C 164 -9.72 27.13 5.81
C LYS C 164 -9.22 28.56 5.66
N ALA C 165 -8.92 29.21 6.77
CA ALA C 165 -8.44 30.60 6.75
C ALA C 165 -7.08 30.63 6.05
N PRO C 166 -6.88 31.57 5.11
CA PRO C 166 -5.66 31.57 4.32
C PRO C 166 -4.43 31.96 5.14
N GLN C 167 -4.64 32.61 6.29
CA GLN C 167 -3.55 33.04 7.16
C GLN C 167 -2.83 31.87 7.82
N ASP C 168 -3.57 30.84 8.21
CA ASP C 168 -3.01 29.70 8.97
C ASP C 168 -3.66 28.33 8.73
N GLY C 169 -4.58 28.23 7.77
CA GLY C 169 -5.24 26.97 7.44
C GLY C 169 -6.28 26.48 8.43
N LYS C 170 -6.60 27.30 9.43
CA LYS C 170 -7.56 26.91 10.47
C LYS C 170 -8.97 26.92 9.89
N PRO C 171 -9.80 25.91 10.24
CA PRO C 171 -11.12 25.83 9.67
C PRO C 171 -12.01 26.92 10.22
N CYS C 172 -12.85 27.47 9.34
CA CYS C 172 -13.76 28.53 9.70
C CYS C 172 -15.06 27.95 10.26
N VAL C 173 -14.91 27.23 11.37
CA VAL C 173 -16.03 26.67 12.09
C VAL C 173 -15.58 26.42 13.53
N ALA C 174 -16.53 26.54 14.45
CA ALA C 174 -16.31 26.21 15.85
C ALA C 174 -17.65 26.19 16.59
N TYR C 175 -17.69 25.48 17.71
CA TYR C 175 -18.86 25.43 18.56
C TYR C 175 -19.14 26.82 19.16
N MET C 176 -20.33 27.35 18.88
CA MET C 176 -20.73 28.67 19.38
C MET C 176 -21.37 28.59 20.74
N GLY C 177 -22.21 27.58 20.94
CA GLY C 177 -22.94 27.41 22.19
C GLY C 177 -24.19 26.56 22.06
N ALA C 178 -25.02 26.58 23.10
CA ALA C 178 -26.21 25.73 23.15
C ALA C 178 -27.36 26.26 22.28
N ASN C 179 -28.32 25.38 22.03
CA ASN C 179 -29.53 25.68 21.27
C ASN C 179 -29.30 26.65 20.10
N GLY C 180 -29.86 27.86 20.16
CA GLY C 180 -29.85 28.80 19.01
C GLY C 180 -28.60 29.68 18.83
N ALA C 181 -27.56 29.43 19.62
CA ALA C 181 -26.34 30.23 19.62
C ALA C 181 -25.72 30.41 18.23
N GLY C 182 -25.72 29.34 17.44
CA GLY C 182 -25.07 29.34 16.15
C GLY C 182 -25.83 30.16 15.14
N HIS C 183 -27.13 29.93 15.04
CA HIS C 183 -27.97 30.74 14.16
C HIS C 183 -27.99 32.22 14.57
N TYR C 184 -27.81 32.50 15.87
CA TYR C 184 -27.74 33.86 16.35
C TYR C 184 -26.50 34.53 15.80
N VAL C 185 -25.37 33.85 15.90
CA VAL C 185 -24.11 34.43 15.41
C VAL C 185 -24.18 34.69 13.90
N LYS C 186 -24.80 33.76 13.18
CA LYS C 186 -25.02 33.93 11.72
C LYS C 186 -25.88 35.14 11.41
N MET C 187 -26.89 35.36 12.22
CA MET C 187 -27.75 36.54 12.09
C MET C 187 -26.88 37.78 12.13
N VAL C 188 -26.04 37.89 13.16
CA VAL C 188 -25.24 39.10 13.38
C VAL C 188 -24.23 39.28 12.25
N HIS C 189 -23.67 38.18 11.78
CA HIS C 189 -22.84 38.21 10.58
C HIS C 189 -23.57 38.90 9.44
N ASN C 190 -24.83 38.51 9.23
CA ASN C 190 -25.66 39.08 8.16
C ASN C 190 -25.96 40.56 8.40
N GLY C 191 -26.23 40.93 9.65
CA GLY C 191 -26.40 42.32 10.02
C GLY C 191 -25.18 43.16 9.66
N ILE C 192 -24.01 42.68 10.10
CA ILE C 192 -22.72 43.32 9.84
C ILE C 192 -22.46 43.50 8.35
N GLU C 193 -22.85 42.50 7.56
CA GLU C 193 -22.78 42.55 6.07
C GLU C 193 -23.52 43.76 5.50
N TYR C 194 -24.75 43.99 5.96
CA TYR C 194 -25.55 45.15 5.57
C TYR C 194 -24.84 46.46 5.87
N GLY C 195 -24.24 46.53 7.05
CA GLY C 195 -23.50 47.70 7.50
C GLY C 195 -22.29 48.02 6.64
N ASP C 196 -21.48 47.00 6.37
CA ASP C 196 -20.30 47.17 5.54
C ASP C 196 -20.67 47.64 4.13
N MET C 197 -21.74 47.05 3.58
CA MET C 197 -22.19 47.44 2.25
C MET C 197 -22.64 48.89 2.23
N GLN C 198 -23.43 49.29 3.21
CA GLN C 198 -23.89 50.67 3.29
C GLN C 198 -22.73 51.66 3.48
N LEU C 199 -21.73 51.31 4.29
CA LEU C 199 -20.58 52.18 4.51
C LEU C 199 -19.75 52.42 3.22
N ILE C 200 -19.54 51.35 2.45
CA ILE C 200 -18.88 51.43 1.16
C ILE C 200 -19.70 52.24 0.17
N ALA C 201 -21.02 52.09 0.24
CA ALA C 201 -21.93 52.79 -0.67
C ALA C 201 -21.87 54.30 -0.43
N GLU C 202 -21.77 54.68 0.84
CA GLU C 202 -21.62 56.08 1.19
C GLU C 202 -20.27 56.60 0.75
N SER C 203 -19.21 55.83 0.95
CA SER C 203 -17.87 56.19 0.45
C SER C 203 -17.96 56.44 -1.04
N TYR C 204 -18.54 55.48 -1.76
CA TYR C 204 -18.75 55.62 -3.21
C TYR C 204 -19.51 56.91 -3.53
N ASP C 205 -20.58 57.17 -2.78
CA ASP C 205 -21.46 58.31 -3.06
C ASP C 205 -20.74 59.65 -2.85
N LEU C 206 -19.93 59.73 -1.81
CA LEU C 206 -19.15 60.94 -1.54
C LEU C 206 -18.16 61.22 -2.65
N LEU C 207 -17.39 60.20 -3.03
CA LEU C 207 -16.40 60.33 -4.10
C LEU C 207 -17.02 60.76 -5.42
N LYS C 208 -18.20 60.23 -5.70
CA LYS C 208 -18.90 60.51 -6.95
C LYS C 208 -19.52 61.91 -6.93
N ARG C 209 -20.28 62.19 -5.88
CA ARG C 209 -21.01 63.43 -5.80
CA ARG C 209 -21.06 63.44 -5.89
C ARG C 209 -20.22 64.66 -5.48
N ILE C 210 -19.46 64.56 -4.40
CA ILE C 210 -18.68 65.72 -3.94
C ILE C 210 -17.40 65.94 -4.76
N LEU C 211 -16.59 64.90 -4.92
CA LEU C 211 -15.33 65.01 -5.66
C LEU C 211 -15.46 64.81 -7.19
N GLY C 212 -16.64 64.43 -7.67
CA GLY C 212 -16.93 64.37 -9.11
C GLY C 212 -16.17 63.30 -9.89
N LEU C 213 -15.85 62.19 -9.23
CA LEU C 213 -14.94 61.19 -9.76
C LEU C 213 -15.61 60.13 -10.64
N SER C 214 -14.87 59.68 -11.66
CA SER C 214 -15.34 58.63 -12.54
C SER C 214 -15.30 57.26 -11.86
N ASN C 215 -15.96 56.29 -12.47
CA ASN C 215 -15.88 54.91 -12.00
C ASN C 215 -14.45 54.35 -11.97
N ALA C 216 -13.67 54.68 -12.99
CA ALA C 216 -12.26 54.25 -13.07
C ALA C 216 -11.42 54.87 -11.95
N GLU C 217 -11.65 56.14 -11.65
CA GLU C 217 -10.94 56.82 -10.58
C GLU C 217 -11.27 56.18 -9.23
N ILE C 218 -12.55 55.87 -9.03
CA ILE C 218 -13.05 55.28 -7.79
C ILE C 218 -12.61 53.83 -7.63
N GLN C 219 -12.51 53.11 -8.74
CA GLN C 219 -11.98 51.74 -8.72
C GLN C 219 -10.54 51.74 -8.18
N ALA C 220 -9.73 52.65 -8.71
CA ALA C 220 -8.33 52.75 -8.28
C ALA C 220 -8.20 53.06 -6.77
N ILE C 221 -9.00 54.02 -6.30
CA ILE C 221 -9.05 54.35 -4.88
C ILE C 221 -9.34 53.12 -4.01
N PHE C 222 -10.40 52.39 -4.33
CA PHE C 222 -10.74 51.20 -3.53
C PHE C 222 -9.62 50.17 -3.59
N GLU C 223 -9.07 49.95 -4.77
CA GLU C 223 -7.89 49.09 -4.95
C GLU C 223 -6.75 49.50 -4.03
N GLU C 224 -6.46 50.80 -3.95
CA GLU C 224 -5.37 51.28 -3.11
CA GLU C 224 -5.37 51.31 -3.11
C GLU C 224 -5.71 51.08 -1.63
N TRP C 225 -6.94 51.42 -1.25
CA TRP C 225 -7.38 51.26 0.13
C TRP C 225 -7.33 49.81 0.60
N ASN C 226 -7.60 48.88 -0.32
CA ASN C 226 -7.65 47.44 -0.02
C ASN C 226 -6.24 46.85 0.15
N GLU C 227 -5.21 47.63 -0.16
CA GLU C 227 -3.83 47.25 0.15
C GLU C 227 -3.46 47.59 1.58
N GLY C 228 -4.26 48.42 2.23
CA GLY C 228 -4.00 48.84 3.61
C GLY C 228 -4.84 48.08 4.61
N GLU C 229 -5.12 48.74 5.74
CA GLU C 229 -5.80 48.12 6.85
C GLU C 229 -7.25 47.76 6.57
N LEU C 230 -7.84 48.39 5.56
CA LEU C 230 -9.22 48.10 5.17
C LEU C 230 -9.37 46.78 4.41
N ASP C 231 -8.24 46.23 3.94
CA ASP C 231 -8.22 44.95 3.20
C ASP C 231 -9.44 44.08 3.52
N SER C 232 -10.34 43.93 2.54
CA SER C 232 -11.57 43.18 2.69
C SER C 232 -12.12 42.70 1.36
N TYR C 233 -12.92 41.64 1.41
CA TYR C 233 -13.46 41.03 0.21
C TYR C 233 -14.46 41.97 -0.42
N LEU C 234 -15.30 42.59 0.41
CA LEU C 234 -16.31 43.50 -0.12
C LEU C 234 -15.71 44.65 -0.92
N ILE C 235 -14.56 45.15 -0.50
CA ILE C 235 -13.90 46.20 -1.26
C ILE C 235 -13.38 45.66 -2.59
N GLU C 236 -12.90 44.42 -2.56
CA GLU C 236 -12.48 43.72 -3.77
C GLU C 236 -13.65 43.56 -4.74
N ILE C 237 -14.81 43.14 -4.25
CA ILE C 237 -16.02 43.03 -5.08
CA ILE C 237 -16.02 43.04 -5.08
C ILE C 237 -16.36 44.39 -5.70
N THR C 238 -16.30 45.44 -4.89
CA THR C 238 -16.69 46.78 -5.29
C THR C 238 -15.83 47.24 -6.47
N LYS C 239 -14.51 47.13 -6.34
CA LYS C 239 -13.61 47.54 -7.42
C LYS C 239 -13.75 46.64 -8.66
N GLU C 240 -14.20 45.41 -8.46
CA GLU C 240 -14.46 44.50 -9.58
C GLU C 240 -15.69 44.93 -10.34
N VAL C 241 -16.75 45.30 -9.61
CA VAL C 241 -17.99 45.66 -10.28
CA VAL C 241 -18.02 45.72 -10.19
C VAL C 241 -17.87 46.98 -11.05
N LEU C 242 -16.99 47.87 -10.59
CA LEU C 242 -16.82 49.17 -11.25
C LEU C 242 -16.12 49.06 -12.61
N LYS C 243 -15.52 47.90 -12.89
CA LYS C 243 -14.83 47.67 -14.17
C LYS C 243 -15.80 47.33 -15.30
N ARG C 244 -16.97 46.78 -14.97
CA ARG C 244 -17.72 46.00 -15.95
C ARG C 244 -18.63 46.84 -16.84
N LYS C 245 -18.59 46.53 -18.14
CA LYS C 245 -19.44 47.19 -19.10
C LYS C 245 -20.86 46.69 -19.02
N ASP C 246 -21.80 47.60 -19.33
CA ASP C 246 -23.20 47.27 -19.53
C ASP C 246 -23.31 46.19 -20.61
N ASP C 247 -24.05 45.13 -20.31
CA ASP C 247 -24.23 44.02 -21.23
C ASP C 247 -25.41 44.20 -22.18
N GLU C 248 -26.17 45.28 -22.04
CA GLU C 248 -27.29 45.55 -22.95
C GLU C 248 -27.31 47.03 -23.36
N GLY C 249 -26.12 47.60 -23.56
CA GLY C 249 -25.99 49.01 -23.87
C GLY C 249 -24.61 49.55 -23.56
N GLU C 250 -24.50 50.88 -23.55
CA GLU C 250 -23.22 51.54 -23.37
C GLU C 250 -22.99 51.85 -21.91
N GLY C 251 -21.74 52.21 -21.62
CA GLY C 251 -21.38 52.63 -20.28
C GLY C 251 -21.18 51.46 -19.35
N TYR C 252 -21.32 51.75 -18.06
CA TYR C 252 -21.04 50.78 -17.01
C TYR C 252 -22.35 50.15 -16.50
N ILE C 253 -22.34 48.83 -16.28
CA ILE C 253 -23.52 48.13 -15.75
C ILE C 253 -23.96 48.68 -14.38
N VAL C 254 -23.01 49.13 -13.58
CA VAL C 254 -23.32 49.66 -12.26
C VAL C 254 -24.22 50.88 -12.35
N ASP C 255 -24.08 51.64 -13.43
CA ASP C 255 -24.86 52.86 -13.64
C ASP C 255 -26.21 52.60 -14.31
N LYS C 256 -26.43 51.37 -14.78
CA LYS C 256 -27.71 50.97 -15.35
C LYS C 256 -28.56 50.16 -14.35
N ILE C 257 -27.99 49.81 -13.21
CA ILE C 257 -28.73 49.07 -12.18
C ILE C 257 -29.67 50.00 -11.37
N LEU C 258 -30.94 49.64 -11.24
CA LEU C 258 -31.90 50.51 -10.57
C LEU C 258 -31.59 50.57 -9.08
N ASP C 259 -31.68 51.76 -8.50
CA ASP C 259 -31.31 51.99 -7.10
C ASP C 259 -32.47 51.74 -6.14
N LYS C 260 -33.01 50.51 -6.20
CA LYS C 260 -33.97 49.99 -5.22
C LYS C 260 -33.38 48.70 -4.64
N ALA C 261 -32.95 48.75 -3.38
CA ALA C 261 -32.24 47.63 -2.79
C ALA C 261 -33.19 46.47 -2.42
N GLY C 262 -32.72 45.26 -2.68
CA GLY C 262 -33.51 44.05 -2.52
C GLY C 262 -33.66 43.62 -1.08
N ASN C 263 -34.81 43.01 -0.81
CA ASN C 263 -35.14 42.49 0.50
C ASN C 263 -35.60 41.03 0.36
N LYS C 264 -34.70 40.10 0.65
CA LYS C 264 -35.08 38.67 0.71
C LYS C 264 -35.90 38.30 1.98
N GLY C 265 -35.84 39.14 3.02
CA GLY C 265 -36.74 39.00 4.19
C GLY C 265 -36.09 39.01 5.57
N THR C 266 -34.79 38.73 5.64
CA THR C 266 -34.11 38.41 6.92
C THR C 266 -33.11 39.45 7.43
N GLY C 267 -32.88 40.51 6.65
CA GLY C 267 -31.91 41.56 7.03
C GLY C 267 -32.28 42.33 8.30
N LYS C 268 -33.58 42.37 8.56
CA LYS C 268 -34.13 43.04 9.73
C LYS C 268 -33.81 42.35 11.06
N TRP C 269 -33.48 41.07 11.02
CA TRP C 269 -33.46 40.24 12.23
C TRP C 269 -32.50 40.73 13.30
N THR C 270 -31.28 41.07 12.90
CA THR C 270 -30.28 41.58 13.85
C THR C 270 -30.79 42.81 14.60
N SER C 271 -31.35 43.76 13.85
CA SER C 271 -31.86 44.99 14.44
C SER C 271 -33.02 44.70 15.39
N GLU C 272 -33.89 43.76 15.00
CA GLU C 272 -35.01 43.34 15.86
C GLU C 272 -34.52 42.74 17.17
N SER C 273 -33.48 41.92 17.13
CA SER C 273 -32.91 41.38 18.38
C SER C 273 -32.31 42.49 19.24
N ALA C 274 -31.66 43.47 18.62
CA ALA C 274 -31.17 44.66 19.32
C ALA C 274 -32.27 45.36 20.12
N LEU C 275 -33.39 45.62 19.45
CA LEU C 275 -34.53 46.26 20.08
C LEU C 275 -35.14 45.42 21.22
N ASP C 276 -35.11 44.12 21.06
CA ASP C 276 -35.64 43.18 22.07
CA ASP C 276 -35.62 43.20 22.04
C ASP C 276 -34.72 43.12 23.28
N LEU C 277 -33.43 43.24 23.06
CA LEU C 277 -32.42 43.03 24.09
C LEU C 277 -31.96 44.31 24.80
N GLY C 278 -32.32 45.48 24.27
CA GLY C 278 -31.89 46.74 24.84
C GLY C 278 -30.45 47.09 24.50
N VAL C 279 -30.05 46.77 23.27
CA VAL C 279 -28.71 47.01 22.75
C VAL C 279 -28.77 48.12 21.70
N PRO C 280 -27.93 49.15 21.82
CA PRO C 280 -27.85 50.17 20.78
C PRO C 280 -27.10 49.67 19.53
N LEU C 281 -27.81 49.58 18.41
CA LEU C 281 -27.26 49.05 17.14
C LEU C 281 -27.63 49.99 15.98
N PRO C 282 -27.31 51.27 16.13
CA PRO C 282 -27.77 52.24 15.15
C PRO C 282 -27.17 52.07 13.74
N LEU C 283 -25.91 51.65 13.62
CA LEU C 283 -25.28 51.65 12.31
C LEU C 283 -25.92 50.60 11.39
N ILE C 284 -25.95 49.35 11.84
CA ILE C 284 -26.57 48.27 11.07
C ILE C 284 -28.03 48.64 10.82
N THR C 285 -28.72 49.12 11.86
CA THR C 285 -30.13 49.45 11.72
C THR C 285 -30.32 50.59 10.70
N GLU C 286 -29.45 51.61 10.73
CA GLU C 286 -29.48 52.66 9.70
C GLU C 286 -29.26 52.09 8.30
N SER C 287 -28.46 51.04 8.16
CA SER C 287 -28.19 50.45 6.85
CA SER C 287 -28.20 50.46 6.84
C SER C 287 -29.43 49.72 6.31
N VAL C 288 -30.21 49.13 7.20
CA VAL C 288 -31.46 48.48 6.79
C VAL C 288 -32.45 49.52 6.28
N PHE C 289 -32.61 50.59 7.06
CA PHE C 289 -33.54 51.67 6.68
C PHE C 289 -33.10 52.38 5.40
N ALA C 290 -31.78 52.42 5.17
CA ALA C 290 -31.24 52.93 3.91
C ALA C 290 -31.70 52.07 2.72
N ARG C 291 -31.76 50.76 2.87
CA ARG C 291 -32.30 49.93 1.81
C ARG C 291 -33.78 50.23 1.61
N TYR C 292 -34.52 50.36 2.71
CA TYR C 292 -35.93 50.68 2.65
C TYR C 292 -36.19 51.98 1.89
N ILE C 293 -35.51 53.06 2.26
CA ILE C 293 -35.77 54.34 1.57
C ILE C 293 -35.40 54.28 0.08
N SER C 294 -34.43 53.44 -0.28
CA SER C 294 -34.11 53.26 -1.69
C SER C 294 -35.30 52.67 -2.45
N THR C 295 -36.10 51.83 -1.78
CA THR C 295 -37.26 51.21 -2.43
C THR C 295 -38.36 52.23 -2.71
N TYR C 296 -38.38 53.32 -1.96
CA TYR C 296 -39.29 54.44 -2.23
C TYR C 296 -38.81 55.32 -3.39
N LYS C 297 -38.28 54.68 -4.44
CA LYS C 297 -37.73 55.41 -5.59
C LYS C 297 -38.72 56.40 -6.19
N ASP C 298 -39.97 55.99 -6.39
CA ASP C 298 -40.95 56.85 -7.06
C ASP C 298 -41.14 58.16 -6.30
N GLU C 299 -41.26 58.06 -4.98
CA GLU C 299 -41.35 59.24 -4.13
C GLU C 299 -40.11 60.11 -4.23
N ARG C 300 -38.94 59.48 -4.15
CA ARG C 300 -37.68 60.21 -4.15
C ARG C 300 -37.54 61.06 -5.42
N VAL C 301 -37.89 60.47 -6.55
CA VAL C 301 -37.93 61.19 -7.83
C VAL C 301 -38.83 62.44 -7.73
N LYS C 302 -40.05 62.28 -7.20
CA LYS C 302 -40.96 63.43 -7.00
CA LYS C 302 -40.97 63.42 -7.00
C LYS C 302 -40.34 64.46 -6.07
N ALA C 303 -39.85 63.98 -4.92
CA ALA C 303 -39.22 64.84 -3.93
C ALA C 303 -38.06 65.66 -4.52
N SER C 304 -37.27 65.02 -5.38
CA SER C 304 -36.06 65.64 -5.92
C SER C 304 -36.36 66.89 -6.74
N LYS C 305 -37.60 67.03 -7.20
CA LYS C 305 -38.04 68.19 -7.99
C LYS C 305 -38.74 69.28 -7.17
N VAL C 306 -39.00 69.02 -5.89
CA VAL C 306 -39.70 70.00 -5.05
CA VAL C 306 -39.74 69.95 -5.02
C VAL C 306 -38.90 70.47 -3.86
N LEU C 307 -38.10 69.57 -3.28
CA LEU C 307 -37.31 69.90 -2.09
C LEU C 307 -35.95 70.47 -2.45
N SER C 308 -35.55 71.53 -1.75
CA SER C 308 -34.29 72.20 -2.05
C SER C 308 -33.11 71.65 -1.26
N GLY C 309 -31.92 72.00 -1.69
CA GLY C 309 -30.70 71.67 -0.98
C GLY C 309 -29.52 72.45 -1.54
N PRO C 310 -28.34 72.30 -0.91
CA PRO C 310 -27.18 73.04 -1.39
C PRO C 310 -26.74 72.54 -2.75
N ALA C 311 -26.02 73.39 -3.46
CA ALA C 311 -25.40 73.03 -4.73
C ALA C 311 -24.00 73.62 -4.70
N LEU C 312 -23.17 73.07 -3.81
CA LEU C 312 -21.80 73.53 -3.65
C LEU C 312 -20.91 72.94 -4.74
N ASP C 313 -19.79 73.62 -4.99
CA ASP C 313 -18.72 73.07 -5.80
C ASP C 313 -17.50 72.87 -4.91
N PHE C 314 -17.09 71.62 -4.74
CA PHE C 314 -15.92 71.33 -3.92
C PHE C 314 -14.68 72.07 -4.47
N SER C 315 -13.91 72.67 -3.56
CA SER C 315 -12.69 73.39 -3.94
C SER C 315 -11.52 73.18 -2.95
N GLY C 316 -11.41 71.98 -2.41
CA GLY C 316 -10.26 71.59 -1.58
C GLY C 316 -9.32 70.61 -2.26
N ASP C 317 -8.40 70.06 -1.47
CA ASP C 317 -7.42 69.08 -1.93
C ASP C 317 -8.12 67.73 -2.06
N LYS C 318 -8.11 67.16 -3.26
CA LYS C 318 -8.78 65.90 -3.52
C LYS C 318 -8.13 64.70 -2.82
N LYS C 319 -6.82 64.56 -2.93
CA LYS C 319 -6.06 63.53 -2.24
CA LYS C 319 -6.17 63.51 -2.19
C LYS C 319 -6.20 63.49 -0.68
N GLU C 320 -6.26 64.66 -0.09
CA GLU C 320 -6.50 64.79 1.36
C GLU C 320 -7.89 64.33 1.78
N VAL C 321 -8.90 64.79 1.06
CA VAL C 321 -10.29 64.44 1.36
C VAL C 321 -10.52 62.94 1.13
N ILE C 322 -9.92 62.38 0.08
CA ILE C 322 -9.99 60.94 -0.19
C ILE C 322 -9.46 60.15 1.00
N GLU C 323 -8.33 60.58 1.54
CA GLU C 323 -7.73 59.93 2.71
C GLU C 323 -8.57 60.07 3.97
N LYS C 324 -9.15 61.25 4.20
CA LYS C 324 -10.07 61.49 5.32
C LYS C 324 -11.28 60.56 5.27
N ILE C 325 -11.81 60.35 4.06
CA ILE C 325 -12.91 59.43 3.85
C ILE C 325 -12.49 57.99 4.14
N ARG C 326 -11.27 57.63 3.74
CA ARG C 326 -10.73 56.31 4.02
C ARG C 326 -10.74 56.07 5.53
N LYS C 327 -10.18 57.02 6.29
CA LYS C 327 -10.16 56.95 7.75
C LYS C 327 -11.58 56.84 8.28
N ALA C 328 -12.48 57.65 7.74
CA ALA C 328 -13.87 57.62 8.18
C ALA C 328 -14.52 56.25 7.91
N LEU C 329 -14.15 55.63 6.80
CA LEU C 329 -14.72 54.33 6.45
C LEU C 329 -14.28 53.28 7.48
N TYR C 330 -12.99 53.29 7.81
CA TYR C 330 -12.43 52.35 8.79
C TYR C 330 -12.94 52.64 10.20
N PHE C 331 -13.02 53.92 10.52
CA PHE C 331 -13.59 54.36 11.79
C PHE C 331 -15.03 53.87 11.94
N SER C 332 -15.85 54.12 10.92
CA SER C 332 -17.27 53.80 11.01
C SER C 332 -17.50 52.29 11.03
N LYS C 333 -16.68 51.56 10.28
CA LYS C 333 -16.72 50.10 10.26
C LYS C 333 -16.42 49.56 11.65
N ILE C 334 -15.42 50.14 12.30
CA ILE C 334 -15.10 49.76 13.67
C ILE C 334 -16.31 49.97 14.61
N MET C 335 -17.04 51.06 14.43
CA MET C 335 -18.19 51.36 15.27
C MET C 335 -19.24 50.29 15.05
N SER C 336 -19.47 49.92 13.79
CA SER C 336 -20.46 48.88 13.48
C SER C 336 -20.09 47.57 14.14
N TYR C 337 -18.82 47.19 14.07
CA TYR C 337 -18.37 45.92 14.67
C TYR C 337 -18.39 46.01 16.21
N ALA C 338 -18.12 47.18 16.76
CA ALA C 338 -18.18 47.37 18.20
C ALA C 338 -19.61 47.12 18.66
N GLN C 339 -20.56 47.70 17.93
CA GLN C 339 -21.96 47.55 18.27
C GLN C 339 -22.41 46.10 18.10
N GLY C 340 -21.93 45.46 17.03
CA GLY C 340 -22.30 44.08 16.73
C GLY C 340 -21.86 43.13 17.82
N PHE C 341 -20.60 43.26 18.21
CA PHE C 341 -20.03 42.42 19.25
C PHE C 341 -20.57 42.72 20.64
N ALA C 342 -20.99 43.97 20.87
CA ALA C 342 -21.71 44.31 22.10
C ALA C 342 -23.09 43.63 22.15
N GLN C 343 -23.76 43.50 21.00
CA GLN C 343 -25.02 42.75 20.92
C GLN C 343 -24.81 41.28 21.24
N LEU C 344 -23.80 40.67 20.63
CA LEU C 344 -23.49 39.27 20.89
C LEU C 344 -23.26 39.03 22.37
N ARG C 345 -22.65 40.00 23.05
CA ARG C 345 -22.37 39.88 24.49
CA ARG C 345 -22.38 39.87 24.49
C ARG C 345 -23.68 39.88 25.27
N LYS C 346 -24.56 40.81 24.94
CA LYS C 346 -25.82 40.92 25.63
C LYS C 346 -26.62 39.64 25.39
N ALA C 347 -26.61 39.17 24.15
CA ALA C 347 -27.33 37.95 23.79
C ALA C 347 -26.75 36.74 24.50
N SER C 348 -25.43 36.69 24.63
CA SER C 348 -24.77 35.62 25.36
C SER C 348 -25.18 35.58 26.83
N GLU C 349 -25.34 36.74 27.48
CA GLU C 349 -25.76 36.80 28.89
C GLU C 349 -27.22 36.40 29.03
N GLU C 350 -28.01 36.81 28.04
CA GLU C 350 -29.44 36.65 28.10
C GLU C 350 -29.78 35.18 27.99
N PHE C 351 -29.15 34.50 27.02
CA PHE C 351 -29.48 33.11 26.75
C PHE C 351 -28.47 32.12 27.35
N ASP C 352 -27.52 32.64 28.12
CA ASP C 352 -26.50 31.83 28.81
C ASP C 352 -25.69 30.95 27.84
N TRP C 353 -25.17 31.58 26.79
CA TRP C 353 -24.48 30.87 25.71
C TRP C 353 -22.97 30.83 25.87
N ASP C 354 -22.39 31.81 26.55
CA ASP C 354 -20.93 31.92 26.65
C ASP C 354 -20.27 31.95 25.27
N LEU C 355 -20.73 32.86 24.43
CA LEU C 355 -20.22 32.98 23.08
C LEU C 355 -18.72 33.25 23.03
N PRO C 356 -17.99 32.51 22.17
CA PRO C 356 -16.55 32.68 22.00
C PRO C 356 -16.22 33.78 20.98
N TYR C 357 -16.14 35.01 21.47
CA TYR C 357 -16.10 36.20 20.60
C TYR C 357 -14.85 36.22 19.71
N GLY C 358 -13.69 36.00 20.31
CA GLY C 358 -12.43 35.97 19.57
C GLY C 358 -12.48 34.96 18.44
N THR C 359 -12.99 33.77 18.74
CA THR C 359 -13.12 32.69 17.79
C THR C 359 -14.12 33.02 16.67
N ILE C 360 -15.18 33.74 17.03
CA ILE C 360 -16.17 34.17 16.06
C ILE C 360 -15.48 34.99 14.95
N ALA C 361 -14.60 35.91 15.34
CA ALA C 361 -13.87 36.74 14.37
C ALA C 361 -12.88 35.92 13.56
N GLN C 362 -12.34 34.87 14.18
CA GLN C 362 -11.42 33.96 13.52
CA GLN C 362 -11.42 33.93 13.54
C GLN C 362 -12.11 33.15 12.44
N ILE C 363 -13.33 32.67 12.70
CA ILE C 363 -14.04 31.87 11.70
C ILE C 363 -14.76 32.68 10.61
N TRP C 364 -14.72 34.01 10.69
CA TRP C 364 -15.22 34.87 9.60
C TRP C 364 -14.10 35.29 8.64
N ARG C 365 -12.90 34.75 8.83
CA ARG C 365 -11.73 35.08 8.02
C ARG C 365 -11.76 34.48 6.62
N ALA C 366 -12.64 33.51 6.40
CA ALA C 366 -12.82 32.93 5.08
C ALA C 366 -14.24 32.41 4.96
N GLY C 367 -14.67 32.10 3.74
CA GLY C 367 -15.96 31.46 3.49
C GLY C 367 -17.18 32.29 3.84
N CYS C 368 -17.02 33.60 3.81
CA CYS C 368 -18.13 34.52 4.03
C CYS C 368 -17.75 35.86 3.41
N ILE C 369 -18.74 36.70 3.09
CA ILE C 369 -18.41 37.93 2.34
CA ILE C 369 -18.47 37.95 2.36
C ILE C 369 -17.83 39.06 3.19
N ILE C 370 -18.03 39.02 4.52
CA ILE C 370 -17.42 40.06 5.37
C ILE C 370 -15.96 39.75 5.71
N ARG C 371 -15.38 38.71 5.10
CA ARG C 371 -13.98 38.42 5.39
C ARG C 371 -13.10 39.64 5.11
N ALA C 372 -12.23 39.92 6.06
CA ALA C 372 -11.35 41.08 6.01
C ALA C 372 -10.17 40.88 6.97
N GLU C 373 -9.03 41.45 6.61
CA GLU C 373 -7.81 41.43 7.42
CA GLU C 373 -7.86 41.39 7.43
C GLU C 373 -7.94 41.90 8.87
N PHE C 374 -8.82 42.84 9.13
CA PHE C 374 -8.91 43.44 10.48
C PHE C 374 -9.63 42.59 11.55
N LEU C 375 -10.30 41.53 11.13
CA LEU C 375 -10.89 40.56 12.07
C LEU C 375 -9.86 40.13 13.15
N GLN C 376 -8.59 39.99 12.77
CA GLN C 376 -7.56 39.55 13.70
C GLN C 376 -7.39 40.52 14.86
N ASN C 377 -7.65 41.80 14.59
CA ASN C 377 -7.58 42.83 15.62
C ASN C 377 -8.66 42.64 16.68
N ILE C 378 -9.79 42.07 16.25
CA ILE C 378 -10.91 41.76 17.14
C ILE C 378 -10.53 40.57 18.01
N THR C 379 -10.07 39.50 17.35
CA THR C 379 -9.56 38.32 18.04
C THR C 379 -8.47 38.69 19.05
N ASP C 380 -7.54 39.57 18.66
CA ASP C 380 -6.49 40.01 19.58
C ASP C 380 -7.09 40.62 20.84
N ALA C 381 -8.11 41.46 20.67
CA ALA C 381 -8.73 42.15 21.79
C ALA C 381 -9.33 41.17 22.79
N PHE C 382 -10.07 40.18 22.31
CA PHE C 382 -10.66 39.18 23.20
C PHE C 382 -9.64 38.19 23.75
N ASP C 383 -8.55 37.95 23.02
CA ASP C 383 -7.44 37.14 23.54
C ASP C 383 -6.86 37.79 24.79
N LYS C 384 -6.76 39.11 24.75
CA LYS C 384 -6.26 39.90 25.87
C LYS C 384 -7.25 39.94 27.04
N ASP C 385 -8.55 39.89 26.73
CA ASP C 385 -9.60 39.95 27.75
C ASP C 385 -10.93 39.44 27.18
N SER C 386 -11.27 38.20 27.49
CA SER C 386 -12.49 37.58 26.96
C SER C 386 -13.76 38.24 27.49
N GLU C 387 -13.63 38.92 28.64
CA GLU C 387 -14.72 39.70 29.23
C GLU C 387 -14.76 41.16 28.78
N LEU C 388 -14.05 41.48 27.70
CA LEU C 388 -14.04 42.83 27.16
C LEU C 388 -15.47 43.26 26.83
N GLU C 389 -15.86 44.43 27.33
CA GLU C 389 -17.25 44.90 27.24
C GLU C 389 -17.60 45.46 25.86
N ASN C 390 -16.64 46.14 25.23
CA ASN C 390 -16.84 46.77 23.94
C ASN C 390 -15.46 46.93 23.32
N LEU C 391 -15.38 46.75 22.01
CA LEU C 391 -14.08 46.80 21.31
C LEU C 391 -13.39 48.16 21.42
N LEU C 392 -14.17 49.21 21.64
CA LEU C 392 -13.62 50.57 21.71
CA LEU C 392 -13.62 50.57 21.71
C LEU C 392 -12.72 50.77 22.94
N LEU C 393 -12.86 49.89 23.94
CA LEU C 393 -12.02 49.94 25.13
C LEU C 393 -10.70 49.18 24.96
N ASP C 394 -10.50 48.52 23.81
CA ASP C 394 -9.20 47.86 23.54
C ASP C 394 -8.22 48.84 22.88
N ASP C 395 -6.95 48.76 23.32
CA ASP C 395 -5.89 49.68 22.89
C ASP C 395 -5.79 49.92 21.39
N TYR C 396 -5.88 48.85 20.60
CA TYR C 396 -5.78 48.98 19.15
C TYR C 396 -6.81 49.98 18.66
N PHE C 397 -8.06 49.78 19.09
CA PHE C 397 -9.20 50.59 18.65
C PHE C 397 -9.24 51.96 19.32
N VAL C 398 -8.77 52.05 20.56
CA VAL C 398 -8.59 53.32 21.24
C VAL C 398 -7.64 54.19 20.41
N ASP C 399 -6.59 53.59 19.87
CA ASP C 399 -5.64 54.30 19.04
C ASP C 399 -6.22 54.75 17.69
N ILE C 400 -6.94 53.86 17.00
CA ILE C 400 -7.54 54.21 15.72
C ILE C 400 -8.50 55.38 15.89
N THR C 401 -9.37 55.30 16.88
CA THR C 401 -10.36 56.34 17.10
C THR C 401 -9.73 57.68 17.51
N LYS C 402 -8.60 57.63 18.20
CA LYS C 402 -7.94 58.87 18.60
CA LYS C 402 -7.89 58.84 18.61
C LYS C 402 -7.37 59.57 17.38
N ARG C 403 -6.80 58.81 16.44
CA ARG C 403 -6.12 59.39 15.29
C ARG C 403 -7.02 59.67 14.09
N TYR C 404 -8.14 58.97 13.97
CA TYR C 404 -9.00 59.08 12.77
C TYR C 404 -10.28 59.95 12.98
N GLN C 405 -10.57 60.33 14.22
CA GLN C 405 -11.84 60.99 14.51
C GLN C 405 -11.94 62.40 13.97
N GLU C 406 -10.82 63.11 13.86
CA GLU C 406 -10.82 64.46 13.29
CA GLU C 406 -10.86 64.46 13.32
C GLU C 406 -11.27 64.40 11.85
N ALA C 407 -10.78 63.37 11.15
CA ALA C 407 -11.11 63.15 9.74
C ALA C 407 -12.58 62.81 9.59
N VAL C 408 -13.08 62.00 10.52
CA VAL C 408 -14.49 61.60 10.52
C VAL C 408 -15.33 62.85 10.66
N ARG C 409 -14.94 63.74 11.58
CA ARG C 409 -15.65 65.00 11.81
C ARG C 409 -15.59 65.91 10.61
N ASP C 410 -14.46 65.94 9.93
CA ASP C 410 -14.32 66.78 8.74
C ASP C 410 -15.19 66.27 7.59
N VAL C 411 -15.24 64.95 7.36
CA VAL C 411 -16.06 64.44 6.25
C VAL C 411 -17.56 64.60 6.53
N VAL C 412 -17.97 64.41 7.77
CA VAL C 412 -19.36 64.64 8.17
C VAL C 412 -19.75 66.10 7.89
N SER C 413 -18.93 67.05 8.33
CA SER C 413 -19.15 68.49 8.00
C SER C 413 -19.26 68.72 6.50
N LEU C 414 -18.29 68.19 5.76
CA LEU C 414 -18.25 68.33 4.30
C LEU C 414 -19.51 67.78 3.63
N ALA C 415 -19.84 66.53 3.96
CA ALA C 415 -21.01 65.86 3.40
C ALA C 415 -22.29 66.65 3.69
N VAL C 416 -22.50 66.96 4.96
CA VAL C 416 -23.74 67.60 5.40
C VAL C 416 -23.91 68.97 4.75
N GLN C 417 -22.82 69.75 4.70
CA GLN C 417 -22.86 71.07 4.08
C GLN C 417 -23.06 70.97 2.56
N ALA C 418 -22.61 69.87 1.98
CA ALA C 418 -22.80 69.62 0.56
C ALA C 418 -24.18 69.03 0.23
N GLY C 419 -24.84 68.42 1.21
CA GLY C 419 -26.15 67.79 1.01
C GLY C 419 -26.09 66.34 0.55
N THR C 420 -24.95 65.70 0.71
CA THR C 420 -24.81 64.26 0.40
C THR C 420 -25.26 63.43 1.62
N PRO C 421 -26.20 62.50 1.42
CA PRO C 421 -26.69 61.73 2.57
C PRO C 421 -25.65 60.72 3.05
N ILE C 422 -25.39 60.73 4.36
CA ILE C 422 -24.42 59.81 4.97
C ILE C 422 -24.96 59.34 6.32
N PRO C 423 -26.05 58.56 6.30
CA PRO C 423 -26.67 58.10 7.53
C PRO C 423 -25.76 57.30 8.47
N THR C 424 -24.97 56.37 7.93
CA THR C 424 -24.14 55.52 8.78
C THR C 424 -22.82 56.19 9.26
N PHE C 425 -22.23 57.07 8.46
CA PHE C 425 -21.06 57.83 8.92
C PHE C 425 -21.49 58.74 10.08
N THR C 426 -22.59 59.47 9.89
CA THR C 426 -23.11 60.33 10.97
C THR C 426 -23.50 59.50 12.20
N SER C 427 -24.04 58.31 11.96
CA SER C 427 -24.40 57.42 13.05
CA SER C 427 -24.40 57.42 13.06
C SER C 427 -23.14 56.97 13.79
N ALA C 428 -22.07 56.73 13.04
CA ALA C 428 -20.81 56.30 13.61
C ALA C 428 -20.26 57.35 14.59
N ILE C 429 -20.15 58.59 14.13
CA ILE C 429 -19.64 59.65 14.99
C ILE C 429 -20.59 59.96 16.16
N SER C 430 -21.91 59.85 15.93
CA SER C 430 -22.91 60.00 16.99
C SER C 430 -22.74 58.95 18.10
N TYR C 431 -22.48 57.71 17.70
CA TYR C 431 -22.29 56.60 18.66
C TYR C 431 -21.03 56.82 19.45
N TYR C 432 -19.93 57.08 18.75
CA TYR C 432 -18.66 57.36 19.39
C TYR C 432 -18.83 58.43 20.46
N ASP C 433 -19.43 59.56 20.10
CA ASP C 433 -19.61 60.68 21.03
C ASP C 433 -20.61 60.39 22.15
N SER C 434 -21.54 59.47 21.93
CA SER C 434 -22.45 59.04 22.99
C SER C 434 -21.78 58.05 23.94
N TYR C 435 -21.10 57.05 23.37
CA TYR C 435 -20.44 56.03 24.19
C TYR C 435 -19.41 56.64 25.13
N ARG C 436 -18.69 57.67 24.69
CA ARG C 436 -17.66 58.28 25.53
C ARG C 436 -18.19 59.40 26.44
N SER C 437 -19.48 59.73 26.36
CA SER C 437 -20.06 60.71 27.27
C SER C 437 -20.35 60.06 28.60
N GLU C 438 -19.66 60.49 29.63
CA GLU C 438 -19.98 60.08 30.98
C GLU C 438 -21.43 60.44 31.35
N ASN C 439 -21.84 61.64 30.96
CA ASN C 439 -23.19 62.11 31.20
C ASN C 439 -23.90 62.40 29.89
N LEU C 440 -25.09 61.82 29.72
CA LEU C 440 -25.95 62.03 28.57
C LEU C 440 -27.25 62.68 29.05
N PRO C 441 -28.02 63.31 28.14
CA PRO C 441 -29.23 64.02 28.55
C PRO C 441 -30.44 63.14 28.88
N ALA C 442 -30.20 61.86 29.16
CA ALA C 442 -31.25 60.96 29.63
C ALA C 442 -31.79 61.33 31.01
N ASN C 443 -31.06 62.20 31.73
CA ASN C 443 -31.58 62.78 32.97
C ASN C 443 -32.83 63.60 32.69
N LEU C 444 -32.84 64.37 31.61
CA LEU C 444 -34.00 65.19 31.28
C LEU C 444 -35.20 64.33 30.88
N ILE C 445 -34.91 63.26 30.13
CA ILE C 445 -35.91 62.29 29.71
C ILE C 445 -36.55 61.60 30.92
N GLN C 446 -35.72 61.16 31.86
CA GLN C 446 -36.23 60.51 33.07
C GLN C 446 -37.11 61.45 33.90
N ALA C 447 -36.71 62.72 33.95
CA ALA C 447 -37.51 63.76 34.61
C ALA C 447 -38.86 63.93 33.93
N GLN C 448 -38.85 64.08 32.62
CA GLN C 448 -40.08 64.20 31.85
C GLN C 448 -41.00 62.99 32.15
N ARG C 449 -40.44 61.80 32.04
CA ARG C 449 -41.19 60.58 32.33
C ARG C 449 -41.74 60.57 33.76
N ASP C 450 -40.98 61.11 34.71
CA ASP C 450 -41.47 61.17 36.09
C ASP C 450 -42.59 62.19 36.22
N TYR C 451 -42.43 63.34 35.56
CA TYR C 451 -43.42 64.41 35.57
C TYR C 451 -44.77 63.94 35.04
N PHE C 452 -44.78 63.45 33.81
CA PHE C 452 -46.05 63.10 33.16
C PHE C 452 -46.64 61.74 33.56
N GLY C 453 -45.79 60.80 33.94
CA GLY C 453 -46.25 59.44 34.22
C GLY C 453 -45.78 58.77 35.51
N ALA C 454 -45.11 59.53 36.38
CA ALA C 454 -44.63 59.02 37.67
C ALA C 454 -43.78 57.75 37.56
N HIS C 455 -42.95 57.66 36.52
CA HIS C 455 -42.20 56.43 36.26
C HIS C 455 -41.02 56.16 37.22
N THR C 456 -40.69 57.13 38.07
CA THR C 456 -39.57 57.02 39.01
C THR C 456 -38.22 57.05 38.29
N TYR C 457 -37.18 57.32 39.07
CA TYR C 457 -35.83 57.44 38.56
C TYR C 457 -34.81 57.04 39.65
N GLU C 458 -33.56 56.91 39.24
CA GLU C 458 -32.46 56.72 40.17
C GLU C 458 -31.74 58.04 40.33
N ARG C 459 -30.99 58.19 41.40
CA ARG C 459 -30.27 59.44 41.66
C ARG C 459 -28.77 59.28 41.49
N THR C 460 -28.08 60.38 41.27
CA THR C 460 -26.63 60.38 41.02
C THR C 460 -25.81 60.14 42.27
N ASP C 461 -26.39 60.45 43.43
CA ASP C 461 -25.63 60.60 44.67
C ASP C 461 -25.88 59.52 45.72
N LYS C 462 -26.90 58.70 45.51
CA LYS C 462 -27.24 57.66 46.46
C LYS C 462 -28.05 56.57 45.79
N ALA C 463 -28.14 55.41 46.43
CA ALA C 463 -28.87 54.27 45.87
C ALA C 463 -30.38 54.44 46.09
N GLY C 464 -31.16 53.63 45.39
CA GLY C 464 -32.62 53.57 45.59
C GLY C 464 -33.43 54.04 44.40
N ILE C 465 -34.73 53.82 44.46
CA ILE C 465 -35.66 54.31 43.43
C ILE C 465 -36.44 55.47 44.03
N PHE C 466 -36.59 56.55 43.26
CA PHE C 466 -37.13 57.81 43.77
C PHE C 466 -38.21 58.39 42.86
N HIS C 467 -39.16 59.12 43.45
CA HIS C 467 -40.19 59.88 42.71
C HIS C 467 -40.33 61.30 43.27
N TYR C 468 -40.45 62.29 42.38
CA TYR C 468 -40.56 63.71 42.73
C TYR C 468 -42.01 64.20 42.64
N ASP C 469 -42.38 65.13 43.52
CA ASP C 469 -43.71 65.72 43.56
C ASP C 469 -43.71 67.04 42.79
N TRP C 470 -44.09 66.98 41.51
CA TRP C 470 -44.03 68.14 40.61
C TRP C 470 -45.26 69.06 40.66
N TYR C 471 -46.30 68.68 41.40
CA TYR C 471 -47.57 69.42 41.43
C TYR C 471 -47.90 69.91 42.84
N THR C 472 -49.03 69.84 43.32
#